data_7LRY
#
_entry.id   7LRY
#
_cell.length_a   90.256
_cell.length_b   129.193
_cell.length_c   131.320
_cell.angle_alpha   90.000
_cell.angle_beta   100.860
_cell.angle_gamma   90.000
#
_symmetry.space_group_name_H-M   'P 1 21 1'
#
loop_
_entity.id
_entity.type
_entity.pdbx_description
1 polymer 'Reverse transcriptase p66'
2 polymer 'Reverse transcriptase p51'
3 polymer 'DNA/RNA (38-MER)'
4 branched beta-D-fructofuranose-(2-1)-alpha-D-glucopyranose
5 non-polymer 'SULFATE ION'
6 non-polymer GLYCEROL
7 non-polymer 'TETRAETHYLENE GLYCOL'
8 non-polymer 'AMMONIUM ION'
9 non-polymer 'CALCIUM ION'
10 non-polymer '[[(2R,5S)-5-(4-azanyl-5-fluoranyl-2-oxidanylidene-pyrimidin-1-yl)-1,3-oxathiolan-2-yl]methoxy-oxidanyl-phosphoryl] phosphono hydrogen phosphate'
11 water water
#
loop_
_entity_poly.entity_id
_entity_poly.type
_entity_poly.pdbx_seq_one_letter_code
_entity_poly.pdbx_strand_id
1 'polypeptide(L)'
;PISPIETVPVKLKPGMDGPKVKQWPLTEEKIKALVEICTEMEKEGKISKIGPENPYNTPVFAIKKKDSTKWRKLVDFREL
NKRTQDFWEVQLGIPHPAGLKKKKSVTVLDVGDAYFSVPLDEDFRKYTAFTIPSINNETPGIRYQYNVLPQGWKGSPAIF
QSSMTKILEPFKKQNPDIVIYQYMDDLYVGSDLEIGQHRTKIEELRQHLLRWGLTTPDKKHQKEPPFLWMGYELHPDKWT
VQPIVLPEKDSWTVNDIQKLVGKLNWASQIYPGIKVRQLSKLLRGTKALTEVIPLTEEAELELAENREILKEPVHGVYYD
PSKDLIAEIQKQGQGQWTYQIYQEPFKNLKTGKYARMRGAHTNDVKQLTEAVQKITTESIVIWGKTPKFKLPIQKETWET
WWTEYWQATWIPEWEFVNTPPLVKLWYQLEKEPIVGAETFYVDGAANRETKLGKAGYVTNKGRQKVVPLTNTTNQKTELQ
AIYLALQDSGLEVNIVTNSQYALGIIQAQPDKSESELVNQIIEQLIKKEKVYLAWVPAHKGIGGNEQVDKLVSAG
;
A,C
2 'polypeptide(L)'
;GPISPIETVPVKLKPGMDGPKVKQWPLTEEKIKALVEICTEMEKEGKISKIGPENPYNTPVFAIKKKDSTKWRKLVDFRE
LNKRTQDFWEVQLGIPHPAGLKKKKSVTVLDVGDAYFSVPLDEDFRKYTAFTIPSINNETPGIRYQYNVLPQGWKGSPAI
FQSSMTKILEPFKKQNPDIVIYQYMDDLYVGSDLEIGQHRTKIEELRQHLLRWGLTTPDKKHQKEPPFLWMGYELHPDKW
TVQPIVLPEKDSWTVNDIQKLVGKLNWASQIYPGIKVRQLSKLLRGTKALTEVIPLTEEAELELAENREILKEPVHGVYY
DPSKDLIAEIQKQGQGQWTYQIYQEPFKNLKTGKYARMRGAHTNDVKQLTEAVQKITTESIVIWGKTPKFKLPIQKETWE
TWWTEYWQATWIPEWEFVNTPPLVKLWYQ
;
B,D
3 'polydeoxyribonucleotide'
;(DT)(DA)(DA)(DT)(DG)(DC)(OMC)(DC)(OMC)(DC)(DC)(DC)(DT)(DT)(DC)(DG)(DG)(DT)(DG)
(DC)(DT)(DT)(DT)(DG)(DC)(DA)(DC)(DC)(DG)(DA)(DA)(DG)(DG)(DG)(DG)(DG)(DG)(DG)
;
F,E
#
loop_
_chem_comp.id
_chem_comp.type
_chem_comp.name
_chem_comp.formula
1RY non-polymer '[[(2R,5S)-5-(4-azanyl-5-fluoranyl-2-oxidanylidene-pyrimidin-1-yl)-1,3-oxathiolan-2-yl]methoxy-oxidanyl-phosphoryl] phosphono hydrogen phosphate' 'C8 H13 F N3 O12 P3 S'
CA non-polymer 'CALCIUM ION' 'Ca 2'
DA DNA linking 2'-DEOXYADENOSINE-5'-MONOPHOSPHATE 'C10 H14 N5 O6 P'
DC DNA linking 2'-DEOXYCYTIDINE-5'-MONOPHOSPHATE 'C9 H14 N3 O7 P'
DG DNA linking 2'-DEOXYGUANOSINE-5'-MONOPHOSPHATE 'C10 H14 N5 O7 P'
DT DNA linking THYMIDINE-5'-MONOPHOSPHATE 'C10 H15 N2 O8 P'
FRU D-saccharide, beta linking beta-D-fructofuranose 'C6 H12 O6'
GLC D-saccharide, alpha linking alpha-D-glucopyranose 'C6 H12 O6'
GOL non-polymer GLYCEROL 'C3 H8 O3'
NH4 non-polymer 'AMMONIUM ION' 'H4 N 1'
OMC RNA linking O2'-METHYLYCYTIDINE-5'-MONOPHOSPHATE 'C10 H16 N3 O8 P'
PG4 non-polymer 'TETRAETHYLENE GLYCOL' 'C8 H18 O5'
SO4 non-polymer 'SULFATE ION' 'O4 S -2'
#
# COMPACT_ATOMS: atom_id res chain seq x y z
N PRO A 1 13.06 -43.88 44.64
CA PRO A 1 13.56 -43.03 43.56
C PRO A 1 12.46 -42.15 42.97
N ILE A 2 12.66 -40.84 43.01
CA ILE A 2 11.64 -39.91 42.54
C ILE A 2 11.83 -39.64 41.06
N SER A 3 10.77 -39.17 40.43
CA SER A 3 10.85 -38.73 39.04
C SER A 3 11.42 -37.33 39.01
N PRO A 4 12.52 -37.08 38.28
CA PRO A 4 13.08 -35.73 38.28
C PRO A 4 12.13 -34.76 37.61
N ILE A 5 11.87 -33.65 38.28
CA ILE A 5 10.99 -32.62 37.76
C ILE A 5 11.81 -31.77 36.80
N GLU A 6 11.47 -31.81 35.52
CA GLU A 6 12.24 -31.13 34.50
C GLU A 6 12.42 -29.67 34.86
N THR A 7 13.66 -29.18 34.75
CA THR A 7 13.97 -27.80 35.07
C THR A 7 13.30 -26.86 34.07
N VAL A 8 12.92 -25.68 34.56
CA VAL A 8 12.37 -24.63 33.70
C VAL A 8 13.52 -23.73 33.28
N PRO A 9 13.73 -23.50 31.98
CA PRO A 9 14.83 -22.62 31.57
C PRO A 9 14.59 -21.20 32.04
N VAL A 10 15.63 -20.61 32.63
CA VAL A 10 15.56 -19.26 33.17
C VAL A 10 16.81 -18.50 32.73
N LYS A 11 16.64 -17.22 32.40
CA LYS A 11 17.72 -16.39 31.92
C LYS A 11 17.67 -15.03 32.63
N LEU A 12 18.80 -14.35 32.63
CA LEU A 12 18.85 -12.97 33.09
C LEU A 12 18.56 -12.03 31.92
N LYS A 13 18.18 -10.81 32.25
CA LYS A 13 17.93 -9.85 31.19
C LYS A 13 19.21 -9.55 30.43
N PRO A 14 19.12 -9.32 29.13
CA PRO A 14 20.34 -9.17 28.31
C PRO A 14 21.28 -8.12 28.88
N GLY A 15 22.57 -8.40 28.78
CA GLY A 15 23.60 -7.49 29.22
C GLY A 15 23.66 -7.23 30.71
N MET A 16 22.94 -7.99 31.52
CA MET A 16 22.91 -7.82 32.96
C MET A 16 23.63 -8.98 33.63
N ASP A 17 24.28 -8.69 34.75
CA ASP A 17 25.06 -9.68 35.47
C ASP A 17 24.41 -9.97 36.82
N GLY A 18 24.88 -11.03 37.46
CA GLY A 18 24.33 -11.47 38.73
C GLY A 18 24.40 -10.40 39.80
N PRO A 19 23.72 -10.64 40.92
CA PRO A 19 23.69 -9.66 42.00
C PRO A 19 24.93 -9.75 42.88
N LYS A 20 25.27 -8.60 43.47
CA LYS A 20 26.38 -8.48 44.42
C LYS A 20 25.91 -7.48 45.47
N VAL A 21 25.28 -7.98 46.53
CA VAL A 21 24.70 -7.14 47.56
C VAL A 21 25.29 -7.39 48.94
N LYS A 22 26.05 -8.46 49.14
CA LYS A 22 26.62 -8.72 50.45
C LYS A 22 25.51 -8.92 51.48
N GLN A 23 25.80 -8.67 52.75
CA GLN A 23 24.86 -8.97 53.82
C GLN A 23 24.83 -7.82 54.81
N TRP A 24 23.65 -7.59 55.39
CA TRP A 24 23.50 -6.58 56.43
C TRP A 24 23.63 -7.25 57.79
N PRO A 25 24.01 -6.49 58.83
CA PRO A 25 24.22 -7.11 60.14
C PRO A 25 22.96 -7.84 60.61
N LEU A 26 23.17 -8.99 61.26
CA LEU A 26 22.08 -9.81 61.77
C LEU A 26 22.28 -10.05 63.26
N THR A 27 21.17 -10.05 64.00
CA THR A 27 21.22 -10.34 65.42
C THR A 27 21.65 -11.79 65.66
N GLU A 28 22.37 -12.01 66.77
CA GLU A 28 22.88 -13.35 67.06
C GLU A 28 21.76 -14.36 67.15
N GLU A 29 20.60 -13.97 67.69
CA GLU A 29 19.47 -14.89 67.78
C GLU A 29 19.06 -15.40 66.40
N LYS A 30 19.20 -14.55 65.37
CA LYS A 30 18.84 -14.95 64.02
C LYS A 30 19.97 -15.68 63.32
N ILE A 31 21.21 -15.21 63.50
CA ILE A 31 22.36 -15.87 62.90
C ILE A 31 22.45 -17.31 63.38
N LYS A 32 22.05 -17.57 64.62
CA LYS A 32 22.11 -18.92 65.16
C LYS A 32 21.06 -19.84 64.54
N ALA A 33 19.79 -19.42 64.60
CA ALA A 33 18.71 -20.22 64.05
C ALA A 33 18.86 -20.47 62.55
N LEU A 34 19.61 -19.63 61.84
CA LEU A 34 19.77 -19.81 60.39
C LEU A 34 20.64 -21.01 60.06
N VAL A 35 21.84 -21.08 60.65
CA VAL A 35 22.80 -22.11 60.26
C VAL A 35 22.21 -23.50 60.42
N GLU A 36 21.34 -23.69 61.41
CA GLU A 36 20.70 -24.99 61.59
C GLU A 36 19.85 -25.35 60.37
N ILE A 37 19.17 -24.37 59.80
CA ILE A 37 18.30 -24.64 58.66
C ILE A 37 19.13 -24.90 57.40
N CYS A 38 20.20 -24.14 57.22
CA CYS A 38 21.05 -24.33 56.05
C CYS A 38 21.60 -25.75 55.99
N THR A 39 22.07 -26.27 57.13
CA THR A 39 22.63 -27.61 57.15
C THR A 39 21.59 -28.66 56.76
N GLU A 40 20.34 -28.47 57.18
CA GLU A 40 19.28 -29.41 56.81
C GLU A 40 19.11 -29.45 55.30
N MET A 41 19.14 -28.28 54.65
CA MET A 41 19.02 -28.26 53.20
C MET A 41 20.23 -28.93 52.54
N GLU A 42 21.41 -28.80 53.15
CA GLU A 42 22.59 -29.49 52.65
C GLU A 42 22.38 -30.99 52.67
N LYS A 43 21.90 -31.53 53.79
CA LYS A 43 21.62 -32.96 53.90
C LYS A 43 20.67 -33.43 52.82
N GLU A 44 19.47 -32.85 52.78
CA GLU A 44 18.46 -33.24 51.79
C GLU A 44 18.91 -33.00 50.36
N GLY A 45 20.00 -32.25 50.16
CA GLY A 45 20.46 -31.94 48.83
C GLY A 45 19.86 -30.69 48.23
N LYS A 46 19.18 -29.87 49.03
CA LYS A 46 18.52 -28.68 48.52
C LYS A 46 19.50 -27.54 48.24
N ILE A 47 20.70 -27.59 48.80
CA ILE A 47 21.68 -26.53 48.65
C ILE A 47 23.07 -27.15 48.56
N SER A 48 23.90 -26.61 47.67
CA SER A 48 25.29 -27.02 47.56
C SER A 48 26.18 -25.96 48.22
N LYS A 49 27.33 -26.41 48.70
CA LYS A 49 28.20 -25.56 49.50
C LYS A 49 29.26 -24.84 48.68
N ILE A 50 29.86 -25.52 47.69
CA ILE A 50 31.00 -24.95 46.98
C ILE A 50 30.59 -23.59 46.42
N GLY A 51 31.30 -22.55 46.86
CA GLY A 51 31.01 -21.20 46.43
C GLY A 51 32.20 -20.29 46.22
N PRO A 52 33.43 -20.82 46.14
CA PRO A 52 34.57 -19.90 46.05
C PRO A 52 34.66 -19.23 44.70
N GLU A 53 34.35 -19.94 43.63
CA GLU A 53 34.34 -19.43 42.26
C GLU A 53 33.10 -18.59 41.95
N ASN A 54 32.31 -18.24 42.97
CA ASN A 54 31.07 -17.50 42.77
C ASN A 54 31.20 -16.08 43.29
N PRO A 55 31.21 -15.08 42.40
CA PRO A 55 31.37 -13.69 42.85
C PRO A 55 30.10 -13.06 43.37
N TYR A 56 28.95 -13.71 43.23
CA TYR A 56 27.67 -13.12 43.56
C TYR A 56 27.28 -13.40 45.00
N ASN A 57 26.29 -12.66 45.48
CA ASN A 57 25.76 -12.85 46.82
C ASN A 57 24.50 -12.01 46.94
N THR A 58 23.57 -12.49 47.77
CA THR A 58 22.31 -11.82 48.02
C THR A 58 22.05 -11.85 49.52
N PRO A 59 21.62 -10.73 50.11
CA PRO A 59 21.39 -10.71 51.55
C PRO A 59 20.35 -11.76 51.94
N VAL A 60 20.44 -12.18 53.20
CA VAL A 60 19.53 -13.20 53.73
C VAL A 60 19.01 -12.72 55.08
N PHE A 61 17.80 -13.14 55.41
CA PHE A 61 17.22 -12.85 56.71
C PHE A 61 16.24 -13.96 57.05
N ALA A 62 15.42 -13.75 58.07
CA ALA A 62 14.47 -14.78 58.47
C ALA A 62 13.38 -14.17 59.33
N ILE A 63 12.20 -14.80 59.27
CA ILE A 63 11.05 -14.40 60.07
C ILE A 63 10.28 -15.67 60.39
N LYS A 64 9.40 -15.58 61.38
CA LYS A 64 8.70 -16.76 61.86
C LYS A 64 7.49 -17.09 60.98
N LYS A 65 7.02 -18.32 61.10
CA LYS A 65 5.82 -18.75 60.41
C LYS A 65 4.59 -18.22 61.14
N LYS A 66 3.47 -18.22 60.44
CA LYS A 66 2.27 -17.64 61.03
C LYS A 66 1.84 -18.43 62.26
N ASP A 67 2.16 -17.91 63.44
CA ASP A 67 1.82 -18.54 64.71
C ASP A 67 2.38 -19.96 64.77
N SER A 68 3.67 -20.08 64.43
CA SER A 68 4.38 -21.35 64.45
C SER A 68 5.73 -21.15 65.13
N THR A 69 6.26 -22.25 65.66
CA THR A 69 7.55 -22.26 66.33
C THR A 69 8.71 -22.47 65.36
N LYS A 70 8.49 -22.23 64.07
CA LYS A 70 9.47 -22.48 63.03
C LYS A 70 9.83 -21.17 62.34
N TRP A 71 11.12 -20.91 62.19
CA TRP A 71 11.53 -19.70 61.49
C TRP A 71 11.43 -19.95 59.99
N ARG A 72 11.37 -18.87 59.21
CA ARG A 72 11.24 -18.97 57.77
C ARG A 72 12.40 -18.27 57.12
N LYS A 73 13.13 -18.98 56.26
CA LYS A 73 14.28 -18.42 55.58
C LYS A 73 13.85 -17.62 54.36
N LEU A 74 14.31 -16.38 54.27
CA LEU A 74 13.97 -15.48 53.19
C LEU A 74 15.24 -14.83 52.64
N VAL A 75 15.29 -14.68 51.33
CA VAL A 75 16.42 -14.08 50.64
C VAL A 75 15.94 -12.85 49.88
N ASP A 76 16.66 -11.74 50.04
CA ASP A 76 16.26 -10.47 49.43
C ASP A 76 16.79 -10.43 48.01
N PHE A 77 16.09 -11.15 47.13
CA PHE A 77 16.48 -11.24 45.72
C PHE A 77 15.99 -10.06 44.91
N ARG A 78 15.63 -8.95 45.57
CA ARG A 78 15.13 -7.79 44.84
C ARG A 78 16.10 -7.37 43.74
N GLU A 79 17.41 -7.45 44.02
CA GLU A 79 18.38 -7.09 42.99
C GLU A 79 18.39 -8.14 41.88
N LEU A 80 18.39 -9.43 42.24
CA LEU A 80 18.34 -10.48 41.23
C LEU A 80 17.04 -10.41 40.44
N ASN A 81 15.94 -10.05 41.09
CA ASN A 81 14.65 -9.96 40.40
C ASN A 81 14.71 -8.93 39.28
N LYS A 82 15.40 -7.81 39.52
CA LYS A 82 15.51 -6.79 38.48
C LYS A 82 16.28 -7.33 37.27
N ARG A 83 17.34 -8.07 37.51
CA ARG A 83 18.19 -8.59 36.45
C ARG A 83 17.68 -9.91 35.87
N THR A 84 16.62 -10.48 36.44
CA THR A 84 16.04 -11.71 35.93
C THR A 84 15.02 -11.40 34.85
N GLN A 85 14.87 -12.33 33.91
CA GLN A 85 13.88 -12.19 32.86
C GLN A 85 12.49 -12.01 33.47
N ASP A 86 11.57 -11.52 32.64
CA ASP A 86 10.18 -11.40 33.04
C ASP A 86 9.46 -12.73 32.78
N PHE A 87 8.55 -13.07 33.69
CA PHE A 87 7.74 -14.26 33.57
C PHE A 87 6.29 -13.86 33.32
N TRP A 88 5.51 -14.81 32.83
CA TRP A 88 4.06 -14.62 32.72
C TRP A 88 3.40 -15.44 33.82
N GLU A 89 2.82 -14.75 34.80
CA GLU A 89 2.21 -15.45 35.93
C GLU A 89 1.04 -16.29 35.44
N VAL A 90 0.93 -17.51 35.97
CA VAL A 90 -0.18 -18.39 35.65
C VAL A 90 -1.31 -18.30 36.66
N GLN A 91 -1.07 -17.68 37.81
CA GLN A 91 -2.12 -17.46 38.81
C GLN A 91 -2.96 -16.26 38.36
N LEU A 92 -4.18 -16.53 37.88
CA LEU A 92 -5.03 -15.49 37.32
C LEU A 92 -6.05 -14.94 38.31
N GLY A 93 -6.33 -15.66 39.39
CA GLY A 93 -7.30 -15.20 40.35
C GLY A 93 -7.30 -16.07 41.59
N ILE A 94 -8.25 -15.79 42.46
CA ILE A 94 -8.40 -16.52 43.73
C ILE A 94 -9.70 -17.30 43.67
N PRO A 95 -9.67 -18.62 43.91
CA PRO A 95 -10.93 -19.36 43.98
C PRO A 95 -11.81 -18.84 45.10
N HIS A 96 -13.11 -19.08 44.96
CA HIS A 96 -14.05 -18.64 45.98
C HIS A 96 -14.99 -19.79 46.33
N PRO A 97 -15.26 -19.98 47.62
CA PRO A 97 -16.07 -21.13 48.02
C PRO A 97 -17.47 -21.11 47.43
N ALA A 98 -18.00 -19.93 47.12
CA ALA A 98 -19.32 -19.84 46.50
C ALA A 98 -19.31 -20.41 45.08
N GLY A 99 -18.14 -20.63 44.49
CA GLY A 99 -18.05 -21.29 43.21
C GLY A 99 -17.95 -22.79 43.27
N LEU A 100 -17.85 -23.36 44.48
CA LEU A 100 -17.73 -24.80 44.64
C LEU A 100 -19.09 -25.48 44.60
N LYS A 101 -19.15 -26.65 43.97
CA LYS A 101 -20.29 -27.54 44.05
C LYS A 101 -20.15 -28.44 45.27
N LYS A 102 -21.30 -28.84 45.83
CA LYS A 102 -21.26 -29.73 46.99
C LYS A 102 -20.69 -31.09 46.61
N LYS A 103 -19.91 -31.67 47.52
CA LYS A 103 -19.31 -32.98 47.32
C LYS A 103 -19.59 -33.85 48.53
N LYS A 104 -19.64 -35.16 48.30
CA LYS A 104 -19.90 -36.08 49.40
C LYS A 104 -18.66 -36.29 50.27
N SER A 105 -17.49 -36.35 49.66
CA SER A 105 -16.23 -36.54 50.36
C SER A 105 -15.24 -35.48 49.91
N VAL A 106 -14.52 -34.90 50.87
CA VAL A 106 -13.62 -33.79 50.61
C VAL A 106 -12.33 -34.00 51.40
N THR A 107 -11.22 -33.52 50.85
CA THR A 107 -9.93 -33.56 51.50
C THR A 107 -9.16 -32.29 51.18
N VAL A 108 -8.29 -31.89 52.10
CA VAL A 108 -7.43 -30.73 51.91
C VAL A 108 -6.02 -31.12 52.32
N LEU A 109 -5.07 -30.91 51.42
CA LEU A 109 -3.68 -31.29 51.64
C LEU A 109 -2.79 -30.07 51.52
N ASP A 110 -1.54 -30.23 51.95
CA ASP A 110 -0.51 -29.22 51.72
C ASP A 110 0.79 -29.96 51.42
N VAL A 111 1.48 -29.51 50.38
CA VAL A 111 2.76 -30.10 50.00
C VAL A 111 3.83 -29.56 50.93
N GLY A 112 4.55 -30.45 51.60
CA GLY A 112 5.62 -30.05 52.50
C GLY A 112 6.86 -29.62 51.73
N ASP A 113 7.41 -28.46 52.09
CA ASP A 113 8.57 -27.89 51.43
C ASP A 113 8.37 -27.84 49.92
N ALA A 114 7.40 -27.04 49.51
CA ALA A 114 7.06 -26.90 48.11
C ALA A 114 8.24 -26.40 47.29
N TYR A 115 8.67 -25.16 47.55
CA TYR A 115 9.71 -24.56 46.72
C TYR A 115 10.99 -25.37 46.73
N PHE A 116 11.29 -26.05 47.84
CA PHE A 116 12.53 -26.79 47.97
C PHE A 116 12.46 -28.19 47.39
N SER A 117 11.34 -28.55 46.77
CA SER A 117 11.19 -29.85 46.11
C SER A 117 11.14 -29.71 44.60
N VAL A 118 11.50 -28.56 44.06
CA VAL A 118 11.47 -28.28 42.63
C VAL A 118 12.89 -27.88 42.22
N PRO A 119 13.51 -28.56 41.27
CA PRO A 119 14.91 -28.27 40.96
C PRO A 119 15.04 -26.97 40.17
N LEU A 120 15.84 -26.06 40.68
CA LEU A 120 16.10 -24.80 40.00
C LEU A 120 16.93 -25.03 38.74
N ASP A 121 16.94 -24.03 37.87
CA ASP A 121 17.73 -24.12 36.65
C ASP A 121 19.21 -24.27 36.98
N GLU A 122 19.86 -25.25 36.34
CA GLU A 122 21.26 -25.51 36.60
C GLU A 122 22.09 -24.24 36.48
N ASP A 123 21.99 -23.57 35.33
CA ASP A 123 22.83 -22.43 35.03
C ASP A 123 22.52 -21.22 35.91
N PHE A 124 21.34 -21.18 36.52
CA PHE A 124 20.90 -20.03 37.28
C PHE A 124 21.26 -20.13 38.76
N ARG A 125 21.59 -21.33 39.24
CA ARG A 125 21.84 -21.50 40.67
C ARG A 125 22.98 -20.62 41.16
N LYS A 126 23.92 -20.28 40.28
CA LYS A 126 25.08 -19.48 40.71
C LYS A 126 24.68 -18.11 41.20
N TYR A 127 23.63 -17.52 40.63
CA TYR A 127 23.22 -16.17 41.01
C TYR A 127 22.43 -16.14 42.31
N THR A 128 21.95 -17.29 42.77
CA THR A 128 21.20 -17.36 44.03
C THR A 128 22.14 -17.45 45.23
N ALA A 129 23.41 -17.17 45.03
CA ALA A 129 24.39 -17.29 46.12
C ALA A 129 24.01 -16.38 47.27
N PHE A 130 24.37 -16.81 48.47
CA PHE A 130 24.08 -16.07 49.69
C PHE A 130 25.09 -16.49 50.74
N THR A 131 25.43 -15.56 51.62
CA THR A 131 26.40 -15.81 52.67
C THR A 131 25.73 -15.62 54.03
N ILE A 132 26.10 -16.46 54.98
CA ILE A 132 25.58 -16.41 56.34
C ILE A 132 26.75 -16.26 57.29
N PRO A 133 26.70 -15.35 58.26
CA PRO A 133 27.83 -15.18 59.18
C PRO A 133 28.01 -16.43 60.01
N SER A 134 29.25 -16.92 60.06
CA SER A 134 29.54 -18.08 60.88
C SER A 134 29.28 -17.69 62.33
N ILE A 135 30.12 -16.81 62.84
CA ILE A 135 29.99 -16.33 64.21
C ILE A 135 30.24 -14.82 64.19
N ASN A 136 29.17 -14.04 64.18
CA ASN A 136 29.22 -12.57 64.22
C ASN A 136 30.33 -12.01 63.35
N ASN A 137 30.58 -12.64 62.19
CA ASN A 137 31.65 -12.23 61.28
C ASN A 137 33.05 -12.52 61.82
N GLU A 138 33.16 -13.36 62.86
CA GLU A 138 34.48 -13.66 63.40
C GLU A 138 35.29 -14.43 62.36
N THR A 139 34.72 -15.51 61.84
CA THR A 139 35.28 -16.32 60.77
C THR A 139 34.54 -16.01 59.48
N PRO A 140 35.02 -16.52 58.35
CA PRO A 140 34.44 -16.11 57.06
C PRO A 140 33.00 -16.59 56.90
N GLY A 141 32.79 -17.90 56.90
CA GLY A 141 31.46 -18.47 56.98
C GLY A 141 31.14 -19.38 55.83
N ILE A 142 29.92 -19.92 55.88
CA ILE A 142 29.44 -20.89 54.90
C ILE A 142 28.65 -20.17 53.80
N ARG A 143 29.10 -20.30 52.56
CA ARG A 143 28.39 -19.78 51.41
C ARG A 143 27.62 -20.92 50.75
N TYR A 144 26.52 -20.58 50.08
CA TYR A 144 25.67 -21.60 49.47
C TYR A 144 25.06 -21.07 48.19
N GLN A 145 24.66 -22.02 47.34
CA GLN A 145 23.84 -21.74 46.16
C GLN A 145 22.63 -22.67 46.19
N TYR A 146 21.50 -22.17 45.71
CA TYR A 146 20.27 -22.92 45.73
C TYR A 146 20.25 -23.97 44.62
N ASN A 147 19.78 -25.16 44.95
CA ASN A 147 19.52 -26.22 43.98
C ASN A 147 18.05 -26.33 43.63
N VAL A 148 17.19 -25.55 44.29
CA VAL A 148 15.75 -25.61 44.12
C VAL A 148 15.21 -24.19 44.17
N LEU A 149 13.89 -24.06 44.00
CA LEU A 149 13.24 -22.76 44.00
C LEU A 149 13.43 -22.09 45.36
N PRO A 150 13.96 -20.87 45.41
CA PRO A 150 14.13 -20.20 46.71
C PRO A 150 13.01 -19.20 46.99
N GLN A 151 12.88 -18.80 48.25
CA GLN A 151 11.90 -17.81 48.64
C GLN A 151 12.52 -16.41 48.52
N GLY A 152 11.80 -15.50 47.89
CA GLY A 152 12.27 -14.15 47.62
C GLY A 152 12.54 -13.89 46.16
N TRP A 153 12.70 -14.94 45.35
CA TRP A 153 12.91 -14.81 43.92
C TRP A 153 11.57 -14.68 43.20
N LYS A 154 11.45 -13.67 42.36
CA LYS A 154 10.16 -13.41 41.69
C LYS A 154 9.74 -14.57 40.81
N GLY A 155 10.68 -15.41 40.37
CA GLY A 155 10.33 -16.54 39.54
C GLY A 155 9.88 -17.78 40.28
N SER A 156 10.04 -17.81 41.61
CA SER A 156 9.69 -19.01 42.36
C SER A 156 8.20 -19.32 42.29
N PRO A 157 7.29 -18.38 42.55
CA PRO A 157 5.85 -18.74 42.54
C PRO A 157 5.37 -19.30 41.21
N ALA A 158 5.67 -18.62 40.10
CA ALA A 158 5.18 -19.08 38.81
C ALA A 158 5.77 -20.43 38.43
N ILE A 159 7.06 -20.63 38.70
CA ILE A 159 7.71 -21.87 38.32
C ILE A 159 7.13 -23.05 39.12
N PHE A 160 7.10 -22.92 40.44
CA PHE A 160 6.51 -23.99 41.25
C PHE A 160 5.06 -24.23 40.85
N GLN A 161 4.32 -23.15 40.60
CA GLN A 161 2.90 -23.29 40.30
C GLN A 161 2.69 -24.00 38.98
N SER A 162 3.53 -23.70 37.97
CA SER A 162 3.42 -24.37 36.69
C SER A 162 3.84 -25.83 36.79
N SER A 163 4.91 -26.10 37.57
CA SER A 163 5.33 -27.48 37.77
C SER A 163 4.25 -28.29 38.48
N MET A 164 3.60 -27.67 39.48
CA MET A 164 2.53 -28.35 40.18
C MET A 164 1.42 -28.79 39.25
N THR A 165 1.16 -28.01 38.19
CA THR A 165 0.09 -28.37 37.25
C THR A 165 0.54 -29.49 36.30
N LYS A 166 1.79 -29.46 35.86
CA LYS A 166 2.29 -30.53 35.00
C LYS A 166 2.31 -31.87 35.72
N ILE A 167 2.49 -31.87 37.04
CA ILE A 167 2.48 -33.11 37.79
C ILE A 167 1.06 -33.63 37.95
N LEU A 168 0.10 -32.72 38.20
CA LEU A 168 -1.29 -33.14 38.41
C LEU A 168 -1.99 -33.51 37.11
N GLU A 169 -1.52 -33.03 35.97
CA GLU A 169 -2.24 -33.21 34.71
C GLU A 169 -2.57 -34.68 34.43
N PRO A 170 -1.63 -35.62 34.55
CA PRO A 170 -1.99 -37.02 34.26
C PRO A 170 -2.96 -37.62 35.26
N PHE A 171 -2.90 -37.21 36.54
CA PHE A 171 -3.82 -37.75 37.53
C PHE A 171 -5.25 -37.32 37.26
N LYS A 172 -5.44 -36.03 36.92
CA LYS A 172 -6.78 -35.53 36.65
C LYS A 172 -7.38 -36.18 35.41
N LYS A 173 -6.59 -36.30 34.34
CA LYS A 173 -7.10 -36.85 33.10
C LYS A 173 -7.46 -38.33 33.26
N GLN A 174 -6.71 -39.07 34.07
CA GLN A 174 -7.03 -40.46 34.34
C GLN A 174 -8.03 -40.62 35.47
N ASN A 175 -8.50 -39.52 36.06
CA ASN A 175 -9.50 -39.55 37.14
C ASN A 175 -10.45 -38.38 36.96
N PRO A 176 -11.30 -38.42 35.95
CA PRO A 176 -12.22 -37.28 35.71
C PRO A 176 -13.31 -37.15 36.75
N ASP A 177 -13.59 -38.20 37.52
CA ASP A 177 -14.60 -38.14 38.57
C ASP A 177 -14.18 -37.28 39.76
N ILE A 178 -13.01 -36.65 39.72
CA ILE A 178 -12.46 -35.95 40.87
C ILE A 178 -12.24 -34.49 40.52
N VAL A 179 -12.34 -33.64 41.52
CA VAL A 179 -12.08 -32.21 41.39
C VAL A 179 -10.90 -31.85 42.27
N ILE A 180 -9.94 -31.12 41.71
CA ILE A 180 -8.75 -30.69 42.43
C ILE A 180 -8.58 -29.19 42.22
N TYR A 181 -8.69 -28.44 43.31
CA TYR A 181 -8.43 -27.00 43.32
C TYR A 181 -6.99 -26.78 43.80
N GLN A 182 -6.11 -26.38 42.89
CA GLN A 182 -4.72 -26.15 43.23
C GLN A 182 -4.42 -24.65 43.33
N TYR A 183 -4.03 -24.21 44.51
CA TYR A 183 -3.60 -22.85 44.77
C TYR A 183 -2.25 -22.94 45.47
N MET A 184 -1.16 -22.76 44.72
CA MET A 184 0.21 -22.94 45.23
C MET A 184 0.37 -24.39 45.65
N ASP A 185 0.76 -24.68 46.89
CA ASP A 185 0.86 -26.06 47.37
C ASP A 185 -0.43 -26.52 48.06
N ASP A 186 -1.29 -25.59 48.42
CA ASP A 186 -2.59 -25.94 49.00
C ASP A 186 -3.38 -26.76 47.99
N LEU A 187 -4.08 -27.78 48.49
CA LEU A 187 -4.76 -28.73 47.61
C LEU A 187 -6.14 -29.08 48.17
N TYR A 188 -7.17 -28.83 47.38
CA TYR A 188 -8.54 -29.21 47.68
C TYR A 188 -8.93 -30.33 46.73
N VAL A 189 -9.49 -31.42 47.27
CA VAL A 189 -9.86 -32.57 46.46
C VAL A 189 -11.21 -33.07 46.96
N GLY A 190 -12.21 -33.08 46.08
CA GLY A 190 -13.53 -33.52 46.45
C GLY A 190 -14.13 -34.41 45.39
N SER A 191 -14.98 -35.32 45.85
CA SER A 191 -15.68 -36.25 44.97
C SER A 191 -16.97 -36.67 45.65
N ASP A 192 -17.88 -37.22 44.86
CA ASP A 192 -19.09 -37.82 45.39
C ASP A 192 -18.95 -39.33 45.60
N LEU A 193 -17.72 -39.83 45.60
CA LEU A 193 -17.46 -41.25 45.80
C LEU A 193 -17.74 -41.65 47.24
N GLU A 194 -17.93 -42.96 47.44
CA GLU A 194 -18.00 -43.50 48.78
C GLU A 194 -16.72 -43.17 49.53
N ILE A 195 -16.85 -42.88 50.83
CA ILE A 195 -15.70 -42.39 51.60
C ILE A 195 -14.52 -43.33 51.47
N GLY A 196 -14.79 -44.64 51.39
CA GLY A 196 -13.69 -45.59 51.26
C GLY A 196 -12.95 -45.44 49.96
N GLN A 197 -13.68 -45.36 48.84
CA GLN A 197 -13.03 -45.10 47.55
C GLN A 197 -12.33 -43.75 47.56
N HIS A 198 -12.94 -42.74 48.21
CA HIS A 198 -12.33 -41.42 48.29
C HIS A 198 -10.96 -41.49 48.96
N ARG A 199 -10.88 -42.16 50.11
CA ARG A 199 -9.59 -42.29 50.78
C ARG A 199 -8.59 -43.03 49.90
N THR A 200 -9.08 -43.97 49.09
CA THR A 200 -8.19 -44.69 48.16
C THR A 200 -7.60 -43.73 47.13
N LYS A 201 -8.46 -43.04 46.39
CA LYS A 201 -7.96 -42.07 45.41
C LYS A 201 -7.06 -41.04 46.06
N ILE A 202 -7.38 -40.64 47.29
CA ILE A 202 -6.55 -39.65 47.98
C ILE A 202 -5.14 -40.19 48.17
N GLU A 203 -5.02 -41.44 48.63
CA GLU A 203 -3.70 -42.01 48.82
C GLU A 203 -2.99 -42.23 47.49
N GLU A 204 -3.73 -42.62 46.44
CA GLU A 204 -3.14 -42.68 45.12
C GLU A 204 -2.55 -41.32 44.75
N LEU A 205 -3.25 -40.24 45.09
CA LEU A 205 -2.74 -38.91 44.82
C LEU A 205 -1.50 -38.61 45.66
N ARG A 206 -1.56 -38.90 46.95
CA ARG A 206 -0.39 -38.72 47.81
C ARG A 206 0.81 -39.48 47.25
N GLN A 207 0.58 -40.71 46.80
CA GLN A 207 1.67 -41.47 46.19
C GLN A 207 2.15 -40.79 44.91
N HIS A 208 1.22 -40.34 44.06
CA HIS A 208 1.62 -39.67 42.83
C HIS A 208 2.54 -38.49 43.12
N LEU A 209 2.16 -37.67 44.10
CA LEU A 209 2.98 -36.52 44.44
C LEU A 209 4.34 -36.97 44.98
N LEU A 210 4.34 -37.94 45.89
CA LEU A 210 5.60 -38.46 46.42
C LEU A 210 6.45 -39.06 45.31
N ARG A 211 5.84 -39.49 44.21
CA ARG A 211 6.59 -40.03 43.07
C ARG A 211 7.35 -38.94 42.32
N TRP A 212 7.02 -37.67 42.53
CA TRP A 212 7.75 -36.56 41.94
C TRP A 212 8.49 -35.74 43.00
N GLY A 213 8.69 -36.30 44.18
CA GLY A 213 9.40 -35.65 45.25
C GLY A 213 8.58 -34.72 46.12
N LEU A 214 7.25 -34.79 46.03
CA LEU A 214 6.36 -33.89 46.75
C LEU A 214 5.73 -34.64 47.91
N THR A 215 6.04 -34.22 49.13
CA THR A 215 5.48 -34.85 50.32
C THR A 215 4.18 -34.17 50.73
N THR A 216 3.30 -34.94 51.35
CA THR A 216 2.03 -34.45 51.89
C THR A 216 1.95 -34.89 53.35
N PRO A 217 2.56 -34.13 54.26
CA PRO A 217 2.58 -34.55 55.67
C PRO A 217 1.18 -34.65 56.24
N ASP A 218 1.02 -35.53 57.24
CA ASP A 218 -0.27 -35.72 57.87
C ASP A 218 -0.64 -34.56 58.80
N LYS A 219 0.33 -33.75 59.24
CA LYS A 219 -0.01 -32.60 60.06
C LYS A 219 -0.87 -31.60 59.30
N LYS A 220 -0.67 -31.47 57.99
CA LYS A 220 -1.47 -30.61 57.14
C LYS A 220 -2.53 -31.37 56.33
N HIS A 221 -2.76 -32.65 56.64
CA HIS A 221 -3.75 -33.44 55.92
C HIS A 221 -5.07 -33.30 56.67
N GLN A 222 -6.00 -32.54 56.08
CA GLN A 222 -7.32 -32.32 56.67
C GLN A 222 -8.26 -33.42 56.19
N LYS A 223 -8.81 -34.17 57.13
CA LYS A 223 -9.73 -35.25 56.81
C LYS A 223 -11.16 -35.01 57.27
N GLU A 224 -11.36 -34.14 58.27
CA GLU A 224 -12.64 -33.89 58.90
C GLU A 224 -13.03 -32.42 58.78
N PRO A 225 -14.29 -32.11 58.47
CA PRO A 225 -14.73 -30.72 58.50
C PRO A 225 -14.79 -30.20 59.92
N PRO A 226 -14.82 -28.87 60.11
CA PRO A 226 -14.76 -27.91 59.02
C PRO A 226 -13.36 -27.78 58.43
N PHE A 227 -13.23 -27.90 57.11
CA PHE A 227 -11.94 -27.77 56.46
C PHE A 227 -11.56 -26.30 56.36
N LEU A 228 -10.35 -25.99 56.77
CA LEU A 228 -9.80 -24.64 56.64
C LEU A 228 -9.16 -24.53 55.27
N TRP A 229 -9.60 -23.55 54.48
CA TRP A 229 -9.19 -23.45 53.08
C TRP A 229 -9.39 -22.04 52.59
N MET A 230 -8.31 -21.41 52.10
CA MET A 230 -8.37 -20.08 51.50
C MET A 230 -8.95 -19.04 52.46
N GLY A 231 -8.78 -19.25 53.76
CA GLY A 231 -9.29 -18.31 54.74
C GLY A 231 -10.74 -18.52 55.12
N TYR A 232 -11.36 -19.61 54.70
CA TYR A 232 -12.76 -19.90 55.00
C TYR A 232 -12.83 -21.18 55.84
N GLU A 233 -14.07 -21.57 56.14
CA GLU A 233 -14.37 -22.84 56.79
C GLU A 233 -15.44 -23.54 55.95
N LEU A 234 -15.11 -24.72 55.44
CA LEU A 234 -15.98 -25.45 54.53
C LEU A 234 -16.71 -26.55 55.29
N HIS A 235 -18.01 -26.40 55.46
CA HIS A 235 -18.89 -27.42 56.00
C HIS A 235 -19.58 -28.16 54.87
N PRO A 236 -20.25 -29.28 55.17
CA PRO A 236 -20.87 -30.06 54.08
C PRO A 236 -21.86 -29.26 53.23
N ASP A 237 -22.80 -28.55 53.87
CA ASP A 237 -23.85 -27.84 53.15
C ASP A 237 -23.67 -26.34 53.11
N LYS A 238 -22.78 -25.78 53.94
CA LYS A 238 -22.60 -24.34 54.00
C LYS A 238 -21.11 -24.05 54.17
N TRP A 239 -20.75 -22.81 53.84
CA TRP A 239 -19.39 -22.34 54.02
C TRP A 239 -19.41 -21.03 54.79
N THR A 240 -18.24 -20.65 55.30
CA THR A 240 -18.14 -19.38 56.01
C THR A 240 -16.69 -18.92 56.03
N VAL A 241 -16.53 -17.63 56.28
CA VAL A 241 -15.20 -17.06 56.44
C VAL A 241 -14.68 -17.36 57.84
N GLN A 242 -13.36 -17.36 57.98
CA GLN A 242 -12.79 -17.50 59.30
C GLN A 242 -13.02 -16.22 60.10
N PRO A 243 -13.12 -16.32 61.42
CA PRO A 243 -13.58 -15.18 62.22
C PRO A 243 -12.78 -13.90 61.93
N ILE A 244 -13.49 -12.77 61.98
CA ILE A 244 -12.90 -11.46 61.67
C ILE A 244 -12.67 -10.73 62.98
N VAL A 245 -11.46 -10.19 63.15
CA VAL A 245 -11.08 -9.47 64.36
C VAL A 245 -11.15 -7.98 64.05
N LEU A 246 -12.12 -7.30 64.64
CA LEU A 246 -12.26 -5.86 64.44
C LEU A 246 -11.54 -5.11 65.55
N PRO A 247 -10.58 -4.25 65.23
CA PRO A 247 -9.93 -3.46 66.28
C PRO A 247 -10.93 -2.54 66.95
N GLU A 248 -11.01 -2.60 68.27
CA GLU A 248 -11.92 -1.78 69.05
C GLU A 248 -11.20 -0.64 69.77
N LYS A 249 -10.00 -0.29 69.30
CA LYS A 249 -9.21 0.76 69.94
C LYS A 249 -9.98 2.07 70.01
N ASP A 250 -9.83 2.77 71.14
CA ASP A 250 -10.50 4.04 71.35
C ASP A 250 -9.74 5.22 70.77
N SER A 251 -8.47 5.06 70.43
CA SER A 251 -7.67 6.10 69.80
C SER A 251 -7.23 5.61 68.43
N TRP A 252 -7.78 6.21 67.38
CA TRP A 252 -7.60 5.74 66.01
C TRP A 252 -6.51 6.54 65.30
N THR A 253 -5.53 5.83 64.75
CA THR A 253 -4.54 6.44 63.86
C THR A 253 -4.99 6.29 62.41
N VAL A 254 -4.21 6.85 61.48
CA VAL A 254 -4.51 6.66 60.07
C VAL A 254 -4.41 5.19 59.70
N ASN A 255 -3.33 4.54 60.15
CA ASN A 255 -3.15 3.12 59.83
C ASN A 255 -4.24 2.26 60.46
N ASP A 256 -4.72 2.66 61.64
CA ASP A 256 -5.81 1.92 62.27
C ASP A 256 -7.04 1.90 61.38
N ILE A 257 -7.41 3.07 60.85
CA ILE A 257 -8.59 3.15 60.00
C ILE A 257 -8.38 2.34 58.74
N GLN A 258 -7.15 2.36 58.21
CA GLN A 258 -6.83 1.56 57.03
C GLN A 258 -7.05 0.07 57.31
N LYS A 259 -6.53 -0.43 58.44
CA LYS A 259 -6.76 -1.82 58.78
C LYS A 259 -8.24 -2.11 58.97
N LEU A 260 -8.97 -1.18 59.58
CA LEU A 260 -10.40 -1.39 59.84
C LEU A 260 -11.17 -1.48 58.53
N VAL A 261 -11.00 -0.51 57.64
CA VAL A 261 -11.69 -0.53 56.36
C VAL A 261 -11.31 -1.76 55.56
N GLY A 262 -10.07 -2.23 55.69
CA GLY A 262 -9.65 -3.42 54.98
C GLY A 262 -10.42 -4.66 55.40
N LYS A 263 -10.53 -4.88 56.72
CA LYS A 263 -11.27 -6.04 57.19
C LYS A 263 -12.75 -5.94 56.86
N LEU A 264 -13.31 -4.73 56.88
CA LEU A 264 -14.71 -4.58 56.51
C LEU A 264 -14.95 -5.00 55.07
N ASN A 265 -14.05 -4.62 54.16
CA ASN A 265 -14.15 -5.07 52.77
C ASN A 265 -14.12 -6.59 52.71
N TRP A 266 -13.14 -7.21 53.37
CA TRP A 266 -13.04 -8.66 53.36
C TRP A 266 -14.30 -9.30 53.93
N ALA A 267 -14.91 -8.66 54.92
CA ALA A 267 -16.13 -9.20 55.52
C ALA A 267 -17.34 -8.99 54.62
N SER A 268 -17.28 -8.04 53.69
CA SER A 268 -18.42 -7.73 52.83
C SER A 268 -18.73 -8.86 51.85
N GLN A 269 -17.84 -9.84 51.68
CA GLN A 269 -18.09 -10.90 50.72
C GLN A 269 -19.17 -11.86 51.18
N ILE A 270 -19.53 -11.86 52.46
CA ILE A 270 -20.58 -12.76 52.95
C ILE A 270 -21.50 -12.06 53.93
N TYR A 271 -20.98 -11.06 54.66
CA TYR A 271 -21.81 -10.28 55.57
C TYR A 271 -22.47 -9.16 54.80
N PRO A 272 -23.79 -9.18 54.62
CA PRO A 272 -24.43 -8.17 53.78
C PRO A 272 -24.67 -6.86 54.53
N GLY A 273 -24.58 -5.76 53.78
CA GLY A 273 -24.89 -4.44 54.30
C GLY A 273 -23.71 -3.63 54.80
N ILE A 274 -22.48 -4.10 54.61
CA ILE A 274 -21.32 -3.37 55.10
C ILE A 274 -21.18 -2.05 54.36
N LYS A 275 -20.89 -0.99 55.11
CA LYS A 275 -20.62 0.33 54.54
C LYS A 275 -19.30 0.84 55.08
N VAL A 276 -18.56 1.55 54.23
CA VAL A 276 -17.24 2.07 54.60
C VAL A 276 -17.07 3.49 54.08
N ARG A 277 -18.16 4.10 53.61
CA ARG A 277 -18.07 5.45 53.05
C ARG A 277 -17.57 6.45 54.07
N GLN A 278 -18.25 6.55 55.22
CA GLN A 278 -17.87 7.55 56.21
C GLN A 278 -16.57 7.20 56.90
N LEU A 279 -16.28 5.91 57.08
CA LEU A 279 -15.01 5.52 57.68
C LEU A 279 -13.85 5.84 56.73
N SER A 280 -13.99 5.47 55.47
CA SER A 280 -12.95 5.79 54.50
C SER A 280 -12.82 7.29 54.30
N LYS A 281 -13.93 8.03 54.39
CA LYS A 281 -13.87 9.48 54.24
C LYS A 281 -12.96 10.10 55.28
N LEU A 282 -12.81 9.45 56.44
CA LEU A 282 -11.86 9.92 57.43
C LEU A 282 -10.42 9.78 56.94
N LEU A 283 -10.17 8.84 56.03
CA LEU A 283 -8.81 8.58 55.57
C LEU A 283 -8.35 9.55 54.48
N ARG A 284 -9.28 10.21 53.79
CA ARG A 284 -8.91 11.13 52.72
C ARG A 284 -8.17 12.33 53.30
N GLY A 285 -6.95 12.56 52.83
CA GLY A 285 -6.11 13.63 53.35
C GLY A 285 -4.68 13.17 53.49
N THR A 286 -3.75 14.12 53.39
CA THR A 286 -2.33 13.81 53.43
C THR A 286 -1.82 13.68 54.86
N LYS A 287 -2.51 12.90 55.68
CA LYS A 287 -2.08 12.71 57.06
C LYS A 287 -1.08 11.57 57.13
N ALA A 288 -0.16 11.67 58.08
CA ALA A 288 0.80 10.60 58.31
C ALA A 288 0.09 9.36 58.84
N LEU A 289 0.69 8.20 58.61
CA LEU A 289 0.06 6.95 59.01
C LEU A 289 -0.16 6.88 60.52
N THR A 290 0.58 7.68 61.30
CA THR A 290 0.50 7.65 62.75
C THR A 290 -0.44 8.70 63.34
N GLU A 291 -0.84 9.70 62.56
CA GLU A 291 -1.72 10.75 63.07
C GLU A 291 -3.03 10.16 63.58
N VAL A 292 -3.46 10.64 64.74
CA VAL A 292 -4.72 10.19 65.35
C VAL A 292 -5.88 10.97 64.72
N ILE A 293 -6.95 10.26 64.40
CA ILE A 293 -8.13 10.85 63.77
C ILE A 293 -9.32 10.62 64.70
N PRO A 294 -10.08 11.67 65.05
CA PRO A 294 -11.32 11.46 65.81
C PRO A 294 -12.47 11.08 64.89
N LEU A 295 -13.16 9.99 65.25
CA LEU A 295 -14.26 9.50 64.42
C LEU A 295 -15.39 10.51 64.38
N THR A 296 -15.87 10.80 63.17
CA THR A 296 -16.99 11.70 63.01
C THR A 296 -18.28 11.06 63.53
N GLU A 297 -19.29 11.90 63.75
CA GLU A 297 -20.59 11.41 64.17
C GLU A 297 -21.15 10.40 63.18
N GLU A 298 -20.97 10.64 61.88
CA GLU A 298 -21.41 9.69 60.87
C GLU A 298 -20.53 8.44 60.88
N ALA A 299 -19.21 8.63 60.92
CA ALA A 299 -18.30 7.48 60.93
C ALA A 299 -18.53 6.59 62.14
N GLU A 300 -18.87 7.18 63.29
CA GLU A 300 -19.12 6.38 64.48
C GLU A 300 -20.38 5.54 64.31
N LEU A 301 -21.42 6.09 63.68
CA LEU A 301 -22.64 5.32 63.42
C LEU A 301 -22.41 4.25 62.37
N GLU A 302 -21.69 4.59 61.31
CA GLU A 302 -21.38 3.59 60.28
C GLU A 302 -20.64 2.40 60.89
N LEU A 303 -19.67 2.66 61.77
CA LEU A 303 -18.99 1.57 62.46
C LEU A 303 -19.96 0.78 63.31
N ALA A 304 -20.88 1.48 63.98
CA ALA A 304 -21.86 0.80 64.83
C ALA A 304 -22.78 -0.09 64.00
N GLU A 305 -23.24 0.41 62.84
CA GLU A 305 -24.09 -0.42 61.99
C GLU A 305 -23.36 -1.66 61.51
N ASN A 306 -22.09 -1.53 61.16
CA ASN A 306 -21.30 -2.68 60.73
C ASN A 306 -21.12 -3.67 61.87
N ARG A 307 -20.84 -3.17 63.08
CA ARG A 307 -20.68 -4.05 64.23
C ARG A 307 -21.93 -4.92 64.41
N GLU A 308 -23.11 -4.32 64.23
CA GLU A 308 -24.35 -5.07 64.38
C GLU A 308 -24.47 -6.17 63.33
N ILE A 309 -23.92 -5.96 62.14
CA ILE A 309 -23.98 -6.97 61.10
C ILE A 309 -23.04 -8.13 61.44
N LEU A 310 -21.86 -7.82 61.98
CA LEU A 310 -20.86 -8.83 62.28
C LEU A 310 -21.16 -9.58 63.57
N LYS A 311 -22.00 -9.04 64.44
CA LYS A 311 -22.35 -9.74 65.66
C LYS A 311 -22.89 -11.13 65.38
N GLU A 312 -23.73 -11.27 64.36
CA GLU A 312 -24.35 -12.55 64.02
C GLU A 312 -23.48 -13.32 63.03
N PRO A 313 -23.37 -14.64 63.18
CA PRO A 313 -22.56 -15.43 62.25
C PRO A 313 -23.33 -15.72 60.97
N VAL A 314 -22.72 -15.42 59.84
CA VAL A 314 -23.35 -15.59 58.54
C VAL A 314 -22.62 -16.69 57.78
N HIS A 315 -23.38 -17.45 56.99
CA HIS A 315 -22.81 -18.51 56.17
C HIS A 315 -23.39 -18.43 54.77
N GLY A 316 -22.55 -18.72 53.78
CA GLY A 316 -22.98 -18.85 52.41
C GLY A 316 -23.22 -20.30 52.06
N VAL A 317 -23.87 -20.51 50.91
CA VAL A 317 -24.13 -21.85 50.42
C VAL A 317 -23.28 -22.11 49.18
N TYR A 318 -23.37 -23.31 48.63
CA TYR A 318 -22.59 -23.71 47.48
C TYR A 318 -23.43 -23.60 46.20
N TYR A 319 -22.79 -23.87 45.08
CA TYR A 319 -23.37 -23.60 43.76
C TYR A 319 -24.02 -24.85 43.18
N ASP A 320 -25.26 -24.69 42.69
CA ASP A 320 -25.99 -25.74 42.00
C ASP A 320 -26.15 -25.36 40.53
N PRO A 321 -25.38 -25.96 39.62
CA PRO A 321 -25.42 -25.50 38.22
C PRO A 321 -26.77 -25.63 37.57
N SER A 322 -27.63 -26.52 38.07
CA SER A 322 -28.96 -26.72 37.48
C SER A 322 -29.89 -25.54 37.70
N LYS A 323 -29.54 -24.60 38.57
CA LYS A 323 -30.38 -23.47 38.92
C LYS A 323 -29.78 -22.16 38.41
N ASP A 324 -30.65 -21.20 38.14
CA ASP A 324 -30.20 -19.88 37.71
C ASP A 324 -29.52 -19.14 38.86
N LEU A 325 -28.68 -18.17 38.49
CA LEU A 325 -28.06 -17.27 39.46
C LEU A 325 -28.88 -15.99 39.56
N ILE A 326 -29.18 -15.57 40.78
CA ILE A 326 -29.91 -14.33 41.04
C ILE A 326 -28.96 -13.34 41.69
N ALA A 327 -29.00 -12.09 41.24
CA ALA A 327 -28.25 -11.01 41.84
C ALA A 327 -29.23 -9.89 42.18
N GLU A 328 -29.29 -9.51 43.45
CA GLU A 328 -30.21 -8.47 43.92
C GLU A 328 -29.41 -7.32 44.51
N ILE A 329 -29.76 -6.10 44.11
CA ILE A 329 -29.03 -4.89 44.49
C ILE A 329 -29.96 -3.97 45.26
N GLN A 330 -29.40 -3.32 46.29
CA GLN A 330 -30.12 -2.31 47.06
C GLN A 330 -29.25 -1.07 47.20
N LYS A 331 -29.89 0.09 47.14
CA LYS A 331 -29.19 1.35 47.34
C LYS A 331 -29.03 1.63 48.83
N GLN A 332 -27.83 2.03 49.23
CA GLN A 332 -27.54 2.28 50.63
C GLN A 332 -27.36 3.76 50.96
N GLY A 333 -27.34 4.62 49.98
CA GLY A 333 -27.18 6.05 50.21
C GLY A 333 -25.75 6.51 50.06
N GLN A 334 -25.59 7.75 49.61
CA GLN A 334 -24.28 8.37 49.41
C GLN A 334 -23.39 7.51 48.51
N GLY A 335 -23.95 7.12 47.36
CA GLY A 335 -23.19 6.36 46.39
C GLY A 335 -22.72 5.01 46.87
N GLN A 336 -23.45 4.38 47.78
CA GLN A 336 -23.12 3.05 48.29
C GLN A 336 -24.14 2.04 47.82
N TRP A 337 -23.68 0.85 47.45
CA TRP A 337 -24.55 -0.21 46.94
C TRP A 337 -24.08 -1.56 47.44
N THR A 338 -24.99 -2.33 48.05
CA THR A 338 -24.73 -3.72 48.39
C THR A 338 -25.57 -4.63 47.51
N TYR A 339 -25.13 -5.87 47.40
CA TYR A 339 -25.86 -6.85 46.60
C TYR A 339 -25.74 -8.22 47.25
N GLN A 340 -26.60 -9.13 46.80
CA GLN A 340 -26.54 -10.53 47.19
C GLN A 340 -26.69 -11.37 45.94
N ILE A 341 -25.97 -12.49 45.89
CA ILE A 341 -26.09 -13.46 44.82
C ILE A 341 -26.59 -14.76 45.43
N TYR A 342 -27.61 -15.34 44.82
CA TYR A 342 -28.24 -16.54 45.35
C TYR A 342 -28.93 -17.29 44.23
N GLN A 343 -29.28 -18.54 44.50
CA GLN A 343 -30.08 -19.35 43.61
C GLN A 343 -31.46 -19.66 44.18
N GLU A 344 -31.55 -19.85 45.49
CA GLU A 344 -32.81 -19.94 46.24
C GLU A 344 -32.91 -18.81 47.25
N PRO A 345 -34.10 -18.29 47.49
CA PRO A 345 -34.24 -17.09 48.32
C PRO A 345 -33.69 -17.30 49.73
N PHE A 346 -32.94 -16.29 50.20
CA PHE A 346 -32.41 -16.23 51.56
C PHE A 346 -31.25 -17.17 51.80
N LYS A 347 -30.77 -17.84 50.75
CA LYS A 347 -29.60 -18.72 50.85
C LYS A 347 -28.55 -18.14 49.91
N ASN A 348 -27.83 -17.12 50.38
CA ASN A 348 -26.87 -16.42 49.55
C ASN A 348 -25.69 -17.31 49.21
N LEU A 349 -25.28 -17.25 47.95
CA LEU A 349 -23.96 -17.76 47.57
C LEU A 349 -22.86 -16.87 48.12
N LYS A 350 -22.98 -15.56 47.87
CA LYS A 350 -22.05 -14.58 48.42
C LYS A 350 -22.72 -13.21 48.36
N THR A 351 -22.09 -12.25 49.03
CA THR A 351 -22.50 -10.85 48.99
C THR A 351 -21.31 -9.99 48.58
N GLY A 352 -21.56 -8.70 48.42
CA GLY A 352 -20.52 -7.77 48.02
C GLY A 352 -21.04 -6.35 48.08
N LYS A 353 -20.16 -5.41 47.75
CA LYS A 353 -20.55 -4.01 47.78
C LYS A 353 -19.82 -3.25 46.68
N TYR A 354 -20.47 -2.17 46.23
CA TYR A 354 -19.88 -1.24 45.28
C TYR A 354 -20.12 0.17 45.79
N ALA A 355 -19.04 0.93 45.94
CA ALA A 355 -19.15 2.31 46.40
C ALA A 355 -18.25 3.23 45.60
N ARG A 356 -17.68 2.77 44.48
CA ARG A 356 -16.77 3.57 43.69
C ARG A 356 -17.46 4.83 43.20
N MET A 357 -16.83 5.97 43.42
CA MET A 357 -17.30 7.25 42.91
C MET A 357 -16.36 7.64 41.77
N ARG A 358 -16.76 7.35 40.54
CA ARG A 358 -15.94 7.67 39.39
C ARG A 358 -16.59 8.80 38.63
N GLY A 359 -15.84 9.86 38.36
CA GLY A 359 -16.38 11.04 37.72
C GLY A 359 -16.75 12.11 38.72
N ALA A 360 -16.56 13.38 38.34
CA ALA A 360 -16.91 14.49 39.21
C ALA A 360 -18.41 14.61 39.41
N HIS A 361 -19.18 14.33 38.35
CA HIS A 361 -20.62 14.47 38.39
C HIS A 361 -21.25 13.19 37.86
N THR A 362 -22.19 12.64 38.60
CA THR A 362 -22.83 11.38 38.20
C THR A 362 -24.22 11.34 38.80
N ASN A 363 -24.90 10.20 38.59
CA ASN A 363 -26.23 9.99 39.15
C ASN A 363 -26.37 8.53 39.52
N ASP A 364 -27.49 8.22 40.21
CA ASP A 364 -27.71 6.87 40.72
C ASP A 364 -27.81 5.83 39.60
N VAL A 365 -28.33 6.23 38.44
CA VAL A 365 -28.51 5.25 37.36
C VAL A 365 -27.17 4.80 36.82
N LYS A 366 -26.28 5.73 36.50
CA LYS A 366 -24.93 5.38 36.12
C LYS A 366 -24.29 4.45 37.15
N GLN A 367 -24.47 4.76 38.43
CA GLN A 367 -23.81 3.97 39.47
C GLN A 367 -24.41 2.57 39.55
N LEU A 368 -25.74 2.48 39.48
CA LEU A 368 -26.39 1.18 39.41
C LEU A 368 -25.90 0.38 38.21
N THR A 369 -25.71 1.04 37.07
CA THR A 369 -25.13 0.36 35.91
C THR A 369 -23.73 -0.15 36.21
N GLU A 370 -22.90 0.68 36.84
CA GLU A 370 -21.56 0.25 37.21
C GLU A 370 -21.60 -0.94 38.17
N ALA A 371 -22.49 -0.88 39.17
CA ALA A 371 -22.63 -2.01 40.09
C ALA A 371 -23.02 -3.29 39.33
N VAL A 372 -23.89 -3.16 38.33
CA VAL A 372 -24.28 -4.34 37.55
C VAL A 372 -23.08 -4.88 36.80
N GLN A 373 -22.24 -3.99 36.26
CA GLN A 373 -21.07 -4.47 35.53
C GLN A 373 -20.09 -5.17 36.46
N LYS A 374 -19.90 -4.66 37.66
CA LYS A 374 -19.04 -5.36 38.63
C LYS A 374 -19.58 -6.75 38.91
N ILE A 375 -20.86 -6.85 39.27
CA ILE A 375 -21.43 -8.14 39.62
C ILE A 375 -21.37 -9.11 38.45
N THR A 376 -21.56 -8.61 37.23
CA THR A 376 -21.51 -9.47 36.06
C THR A 376 -20.14 -10.12 35.91
N THR A 377 -19.08 -9.31 35.90
CA THR A 377 -17.73 -9.85 35.74
C THR A 377 -17.39 -10.78 36.90
N GLU A 378 -17.69 -10.35 38.13
CA GLU A 378 -17.48 -11.22 39.28
C GLU A 378 -18.21 -12.55 39.10
N SER A 379 -19.43 -12.50 38.56
CA SER A 379 -20.20 -13.74 38.38
C SER A 379 -19.57 -14.63 37.32
N ILE A 380 -19.01 -14.04 36.27
CA ILE A 380 -18.39 -14.83 35.23
C ILE A 380 -17.13 -15.51 35.76
N VAL A 381 -16.38 -14.82 36.61
CA VAL A 381 -15.17 -15.39 37.19
C VAL A 381 -15.51 -16.60 38.05
N ILE A 382 -16.54 -16.49 38.88
CA ILE A 382 -16.80 -17.52 39.87
C ILE A 382 -17.66 -18.65 39.33
N TRP A 383 -18.55 -18.37 38.37
CA TRP A 383 -19.41 -19.40 37.81
C TRP A 383 -19.42 -19.46 36.28
N GLY A 384 -18.86 -18.47 35.60
CA GLY A 384 -18.85 -18.48 34.15
C GLY A 384 -20.17 -18.16 33.50
N LYS A 385 -21.07 -17.48 34.19
CA LYS A 385 -22.32 -17.06 33.57
C LYS A 385 -22.84 -15.80 34.26
N THR A 386 -23.77 -15.12 33.58
CA THR A 386 -24.35 -13.90 34.11
C THR A 386 -25.61 -14.22 34.91
N PRO A 387 -25.75 -13.66 36.11
CA PRO A 387 -26.99 -13.88 36.87
C PRO A 387 -28.12 -13.00 36.37
N LYS A 388 -29.34 -13.47 36.59
CA LYS A 388 -30.50 -12.61 36.41
C LYS A 388 -30.55 -11.58 37.51
N PHE A 389 -30.89 -10.35 37.15
CA PHE A 389 -30.79 -9.23 38.06
C PHE A 389 -32.15 -8.81 38.59
N LYS A 390 -32.19 -8.49 39.89
CA LYS A 390 -33.33 -7.86 40.54
C LYS A 390 -32.88 -6.48 41.00
N LEU A 391 -33.40 -5.43 40.35
CA LEU A 391 -32.90 -4.09 40.54
C LEU A 391 -33.98 -3.15 41.08
N PRO A 392 -33.63 -2.23 41.97
CA PRO A 392 -34.61 -1.28 42.53
C PRO A 392 -34.83 -0.06 41.63
N ILE A 393 -35.08 -0.31 40.35
CA ILE A 393 -35.33 0.75 39.38
C ILE A 393 -36.44 0.31 38.45
N GLN A 394 -37.38 1.22 38.19
CA GLN A 394 -38.51 0.89 37.33
C GLN A 394 -38.07 0.76 35.88
N LYS A 395 -38.70 -0.19 35.19
CA LYS A 395 -38.48 -0.34 33.74
C LYS A 395 -38.62 1.00 33.03
N GLU A 396 -39.62 1.81 33.42
CA GLU A 396 -39.84 3.10 32.78
C GLU A 396 -38.67 4.05 33.01
N THR A 397 -38.18 4.13 34.25
CA THR A 397 -37.02 4.97 34.53
C THR A 397 -35.84 4.55 33.67
N TRP A 398 -35.52 3.25 33.67
CA TRP A 398 -34.38 2.77 32.90
C TRP A 398 -34.57 3.05 31.42
N GLU A 399 -35.76 2.76 30.89
CA GLU A 399 -36.03 3.05 29.48
C GLU A 399 -35.82 4.53 29.18
N THR A 400 -36.30 5.41 30.05
CA THR A 400 -36.11 6.83 29.82
C THR A 400 -34.63 7.20 29.81
N TRP A 401 -33.86 6.64 30.74
CA TRP A 401 -32.44 6.93 30.79
C TRP A 401 -31.72 6.43 29.53
N TRP A 402 -31.72 5.11 29.29
CA TRP A 402 -30.78 4.60 28.29
C TRP A 402 -31.18 5.03 26.88
N THR A 403 -32.47 5.22 26.61
CA THR A 403 -32.85 5.64 25.26
C THR A 403 -32.46 7.09 24.98
N GLU A 404 -32.39 7.93 26.01
CA GLU A 404 -32.09 9.36 25.82
C GLU A 404 -30.60 9.67 25.97
N TYR A 405 -29.86 8.89 26.74
CA TYR A 405 -28.45 9.15 26.94
C TYR A 405 -27.70 9.05 25.62
N TRP A 406 -26.64 9.86 25.47
CA TRP A 406 -25.91 9.87 24.21
C TRP A 406 -24.83 8.82 24.14
N GLN A 407 -24.53 8.16 25.26
CA GLN A 407 -23.61 7.05 25.26
C GLN A 407 -24.39 5.75 25.24
N ALA A 408 -23.85 4.75 24.55
CA ALA A 408 -24.46 3.42 24.57
C ALA A 408 -24.39 2.83 25.97
N THR A 409 -25.52 2.36 26.48
CA THR A 409 -25.53 1.70 27.78
C THR A 409 -26.58 0.59 27.77
N TRP A 410 -26.46 -0.35 28.70
CA TRP A 410 -27.33 -1.52 28.67
C TRP A 410 -27.20 -2.29 29.98
N ILE A 411 -28.24 -3.06 30.29
CA ILE A 411 -28.26 -3.95 31.45
C ILE A 411 -28.80 -5.30 31.02
N PRO A 412 -28.16 -6.41 31.39
CA PRO A 412 -28.65 -7.73 30.98
C PRO A 412 -30.02 -8.01 31.57
N GLU A 413 -30.62 -9.15 31.21
CA GLU A 413 -31.98 -9.46 31.59
C GLU A 413 -32.20 -9.22 33.08
N TRP A 414 -33.24 -8.44 33.41
CA TRP A 414 -33.44 -8.00 34.77
C TRP A 414 -34.91 -7.72 35.01
N GLU A 415 -35.30 -7.70 36.27
CA GLU A 415 -36.65 -7.37 36.67
C GLU A 415 -36.63 -6.39 37.83
N PHE A 416 -37.71 -5.62 37.96
CA PHE A 416 -37.84 -4.64 39.02
C PHE A 416 -38.24 -5.30 40.33
N VAL A 417 -37.61 -4.85 41.42
CA VAL A 417 -37.99 -5.24 42.77
C VAL A 417 -38.30 -3.98 43.55
N ASN A 418 -39.50 -3.90 44.09
CA ASN A 418 -39.96 -2.69 44.79
C ASN A 418 -39.40 -2.71 46.21
N THR A 419 -38.14 -2.31 46.32
CA THR A 419 -37.42 -2.27 47.59
C THR A 419 -36.78 -0.89 47.74
N PRO A 420 -37.50 0.07 48.31
CA PRO A 420 -36.97 1.43 48.45
C PRO A 420 -35.69 1.44 49.26
N PRO A 421 -34.82 2.45 49.07
CA PRO A 421 -35.08 3.55 48.15
C PRO A 421 -34.87 3.19 46.68
N LEU A 422 -35.83 3.58 45.84
CA LEU A 422 -35.75 3.29 44.42
C LEU A 422 -34.82 4.29 43.72
N VAL A 423 -34.21 3.82 42.64
CA VAL A 423 -33.41 4.70 41.78
C VAL A 423 -34.33 5.41 40.81
N LYS A 424 -34.12 6.71 40.62
CA LYS A 424 -34.93 7.45 39.67
C LYS A 424 -34.10 8.58 39.08
N LEU A 425 -34.60 9.15 37.98
CA LEU A 425 -34.04 10.37 37.43
C LEU A 425 -34.69 11.55 38.12
N TRP A 426 -33.86 12.48 38.58
CA TRP A 426 -34.39 13.53 39.45
C TRP A 426 -34.89 14.74 38.68
N TYR A 427 -34.54 14.88 37.41
CA TYR A 427 -35.11 15.93 36.58
C TYR A 427 -34.95 15.49 35.13
N GLN A 428 -35.76 16.10 34.26
CA GLN A 428 -35.73 15.81 32.83
C GLN A 428 -35.67 17.13 32.08
N LEU A 429 -34.72 17.26 31.16
CA LEU A 429 -34.64 18.45 30.33
C LEU A 429 -35.59 18.34 29.15
N GLU A 430 -36.27 19.44 28.84
CA GLU A 430 -37.13 19.47 27.66
C GLU A 430 -36.33 19.25 26.39
N LYS A 431 -36.99 18.72 25.37
CA LYS A 431 -36.39 18.64 24.04
C LYS A 431 -36.77 19.81 23.15
N GLU A 432 -37.83 20.55 23.47
CA GLU A 432 -38.20 21.72 22.70
C GLU A 432 -38.29 22.95 23.62
N PRO A 433 -38.05 24.14 23.08
CA PRO A 433 -38.27 25.35 23.87
C PRO A 433 -39.70 25.41 24.38
N ILE A 434 -39.87 26.01 25.54
CA ILE A 434 -41.16 26.09 26.22
C ILE A 434 -41.83 27.39 25.81
N VAL A 435 -43.04 27.29 25.25
CA VAL A 435 -43.79 28.47 24.88
C VAL A 435 -44.20 29.24 26.12
N GLY A 436 -44.09 30.56 26.06
CA GLY A 436 -44.51 31.40 27.16
C GLY A 436 -43.60 31.40 28.37
N ALA A 437 -42.51 30.63 28.35
CA ALA A 437 -41.55 30.66 29.45
C ALA A 437 -40.46 31.68 29.15
N GLU A 438 -40.05 32.40 30.19
CA GLU A 438 -39.03 33.42 30.02
C GLU A 438 -37.73 32.81 29.50
N THR A 439 -37.09 33.52 28.57
CA THR A 439 -35.84 33.07 27.98
C THR A 439 -34.69 33.84 28.61
N PHE A 440 -33.82 33.13 29.33
CA PHE A 440 -32.64 33.73 29.95
C PHE A 440 -31.44 33.46 29.06
N TYR A 441 -30.83 34.52 28.54
CA TYR A 441 -29.54 34.44 27.87
C TYR A 441 -28.46 34.64 28.93
N VAL A 442 -27.77 33.57 29.29
CA VAL A 442 -26.79 33.60 30.36
C VAL A 442 -25.39 33.64 29.77
N ASP A 443 -24.44 34.15 30.56
CA ASP A 443 -23.05 34.15 30.15
C ASP A 443 -22.16 34.51 31.33
N GLY A 444 -20.90 34.09 31.23
CA GLY A 444 -19.94 34.38 32.27
C GLY A 444 -18.55 34.49 31.67
N ALA A 445 -17.69 35.19 32.40
CA ALA A 445 -16.32 35.40 31.95
C ALA A 445 -15.47 35.74 33.15
N ALA A 446 -14.21 35.31 33.12
CA ALA A 446 -13.28 35.57 34.20
C ALA A 446 -11.94 36.00 33.60
N ASN A 447 -11.23 36.84 34.35
CA ASN A 447 -9.92 37.31 33.93
C ASN A 447 -8.87 36.27 34.31
N ARG A 448 -8.12 35.80 33.32
CA ARG A 448 -7.16 34.73 33.56
C ARG A 448 -6.09 35.15 34.57
N GLU A 449 -5.82 36.45 34.68
CA GLU A 449 -4.74 36.95 35.54
C GLU A 449 -5.24 37.22 36.96
N THR A 450 -6.23 38.11 37.11
CA THR A 450 -6.74 38.47 38.42
C THR A 450 -7.71 37.45 39.00
N LYS A 451 -8.17 36.48 38.20
CA LYS A 451 -9.13 35.47 38.62
C LYS A 451 -10.47 36.08 39.06
N LEU A 452 -10.70 37.36 38.77
CA LEU A 452 -11.99 37.98 38.98
C LEU A 452 -12.86 37.77 37.74
N GLY A 453 -14.16 37.63 37.97
CA GLY A 453 -15.07 37.38 36.87
C GLY A 453 -16.46 37.92 37.12
N LYS A 454 -17.33 37.72 36.13
CA LYS A 454 -18.71 38.14 36.19
C LYS A 454 -19.60 37.06 35.60
N ALA A 455 -20.81 36.94 36.16
CA ALA A 455 -21.84 36.05 35.66
C ALA A 455 -23.15 36.82 35.63
N GLY A 456 -24.01 36.49 34.66
CA GLY A 456 -25.27 37.20 34.57
C GLY A 456 -26.10 36.75 33.39
N TYR A 457 -27.18 37.48 33.16
CA TYR A 457 -28.13 37.12 32.12
C TYR A 457 -28.87 38.37 31.69
N VAL A 458 -29.57 38.24 30.56
CA VAL A 458 -30.59 39.18 30.10
C VAL A 458 -31.71 38.33 29.51
N THR A 459 -32.95 38.73 29.77
CA THR A 459 -34.10 37.97 29.30
C THR A 459 -34.88 38.76 28.26
N ASN A 460 -35.79 38.07 27.58
CA ASN A 460 -36.63 38.70 26.57
C ASN A 460 -37.65 39.67 27.16
N LYS A 461 -37.86 39.63 28.47
CA LYS A 461 -38.76 40.56 29.14
C LYS A 461 -38.02 41.75 29.77
N GLY A 462 -36.74 41.92 29.47
CA GLY A 462 -35.98 43.02 30.00
C GLY A 462 -35.30 42.75 31.33
N ARG A 463 -35.47 41.57 31.89
CA ARG A 463 -34.83 41.24 33.17
C ARG A 463 -33.35 41.03 32.94
N GLN A 464 -32.52 41.61 33.80
CA GLN A 464 -31.08 41.55 33.65
CA GLN A 464 -31.07 41.52 33.64
C GLN A 464 -30.43 41.39 35.01
N LYS A 465 -29.25 40.79 35.04
CA LYS A 465 -28.46 40.71 36.26
C LYS A 465 -26.98 40.52 35.90
N VAL A 466 -26.11 41.20 36.64
CA VAL A 466 -24.67 40.94 36.61
C VAL A 466 -24.17 40.89 38.04
N VAL A 467 -23.43 39.83 38.36
CA VAL A 467 -22.91 39.60 39.70
C VAL A 467 -21.40 39.53 39.60
N PRO A 468 -20.65 40.23 40.45
CA PRO A 468 -19.19 40.11 40.42
C PRO A 468 -18.72 38.89 41.22
N LEU A 469 -17.65 38.26 40.71
CA LEU A 469 -17.13 37.03 41.28
C LEU A 469 -15.62 37.14 41.45
N THR A 470 -15.12 36.60 42.56
CA THR A 470 -13.70 36.62 42.86
C THR A 470 -13.15 35.20 42.96
N ASN A 471 -11.87 35.06 42.65
CA ASN A 471 -11.17 33.77 42.72
C ASN A 471 -11.97 32.70 41.97
N THR A 472 -12.15 32.94 40.68
CA THR A 472 -13.03 32.11 39.87
C THR A 472 -12.34 31.80 38.54
N THR A 473 -13.06 31.10 37.68
CA THR A 473 -12.57 30.69 36.38
C THR A 473 -13.70 30.85 35.37
N ASN A 474 -13.32 30.86 34.08
CA ASN A 474 -14.32 30.90 33.02
C ASN A 474 -15.39 29.85 33.25
N GLN A 475 -14.99 28.59 33.44
CA GLN A 475 -15.95 27.52 33.59
C GLN A 475 -16.89 27.77 34.77
N LYS A 476 -16.33 28.20 35.90
CA LYS A 476 -17.16 28.45 37.06
C LYS A 476 -18.17 29.57 36.81
N THR A 477 -17.74 30.65 36.14
CA THR A 477 -18.70 31.73 35.87
C THR A 477 -19.80 31.25 34.95
N GLU A 478 -19.51 30.34 34.03
CA GLU A 478 -20.55 29.82 33.15
C GLU A 478 -21.58 29.02 33.92
N LEU A 479 -21.12 28.17 34.85
CA LEU A 479 -22.07 27.49 35.71
C LEU A 479 -22.84 28.50 36.55
N GLN A 480 -22.14 29.51 37.08
CA GLN A 480 -22.80 30.52 37.90
C GLN A 480 -23.88 31.25 37.12
N ALA A 481 -23.60 31.59 35.86
CA ALA A 481 -24.61 32.26 35.05
C ALA A 481 -25.88 31.40 34.95
N ILE A 482 -25.70 30.10 34.67
CA ILE A 482 -26.85 29.19 34.61
C ILE A 482 -27.55 29.15 35.96
N TYR A 483 -26.78 29.06 37.04
CA TYR A 483 -27.39 29.00 38.37
C TYR A 483 -28.25 30.22 38.64
N LEU A 484 -27.75 31.42 38.29
CA LEU A 484 -28.53 32.64 38.51
C LEU A 484 -29.85 32.59 37.76
N ALA A 485 -29.83 32.14 36.50
CA ALA A 485 -31.04 32.07 35.70
C ALA A 485 -32.05 31.12 36.33
N LEU A 486 -31.57 30.02 36.92
CA LEU A 486 -32.48 29.09 37.59
C LEU A 486 -33.11 29.72 38.82
N GLN A 487 -32.31 30.44 39.62
CA GLN A 487 -32.84 31.06 40.83
C GLN A 487 -33.87 32.13 40.51
N ASP A 488 -33.67 32.86 39.42
CA ASP A 488 -34.45 34.05 39.14
C ASP A 488 -35.61 33.81 38.20
N SER A 489 -35.82 32.58 37.75
CA SER A 489 -36.89 32.28 36.83
C SER A 489 -38.02 31.56 37.56
N GLY A 490 -39.21 31.57 36.95
CA GLY A 490 -40.33 30.80 37.45
C GLY A 490 -40.14 29.30 37.27
N LEU A 491 -41.23 28.53 37.41
CA LEU A 491 -41.14 27.07 37.35
C LEU A 491 -40.80 26.55 35.95
N GLU A 492 -41.02 27.34 34.92
CA GLU A 492 -40.66 26.99 33.55
C GLU A 492 -39.68 28.04 33.03
N VAL A 493 -38.64 27.60 32.32
CA VAL A 493 -37.63 28.55 31.87
C VAL A 493 -36.90 27.98 30.66
N ASN A 494 -36.62 28.86 29.71
CA ASN A 494 -35.69 28.60 28.62
C ASN A 494 -34.37 29.26 28.96
N ILE A 495 -33.27 28.53 28.81
CA ILE A 495 -31.94 29.04 29.12
C ILE A 495 -31.05 28.83 27.91
N VAL A 496 -30.42 29.91 27.45
CA VAL A 496 -29.52 29.90 26.31
C VAL A 496 -28.13 30.28 26.80
N THR A 497 -27.19 29.35 26.70
CA THR A 497 -25.80 29.53 27.08
C THR A 497 -24.91 29.23 25.90
N ASN A 498 -23.65 29.65 25.99
CA ASN A 498 -22.63 29.25 25.02
C ASN A 498 -21.59 28.34 25.66
N SER A 499 -21.83 27.85 26.87
CA SER A 499 -20.88 27.02 27.59
C SER A 499 -21.14 25.56 27.26
N GLN A 500 -20.34 25.01 26.34
CA GLN A 500 -20.35 23.57 26.12
C GLN A 500 -20.02 22.83 27.40
N TYR A 501 -19.09 23.38 28.20
CA TYR A 501 -18.71 22.79 29.46
C TYR A 501 -19.93 22.53 30.36
N ALA A 502 -20.69 23.58 30.66
CA ALA A 502 -21.83 23.43 31.57
C ALA A 502 -22.90 22.53 30.97
N LEU A 503 -23.09 22.60 29.66
CA LEU A 503 -24.16 21.83 29.04
C LEU A 503 -23.86 20.34 29.08
N GLY A 504 -22.62 19.96 28.78
CA GLY A 504 -22.25 18.55 28.86
C GLY A 504 -22.53 17.95 30.23
N ILE A 505 -22.22 18.70 31.29
CA ILE A 505 -22.46 18.19 32.64
C ILE A 505 -23.95 18.03 32.88
N ILE A 506 -24.73 19.07 32.60
CA ILE A 506 -26.13 19.11 33.01
C ILE A 506 -26.95 18.16 32.15
N GLN A 507 -26.64 18.05 30.87
CA GLN A 507 -27.45 17.22 29.99
C GLN A 507 -27.41 15.74 30.39
N ALA A 508 -26.43 15.31 31.17
CA ALA A 508 -26.34 13.94 31.65
C ALA A 508 -27.10 13.73 32.94
N GLN A 509 -27.97 14.67 33.32
CA GLN A 509 -28.84 14.57 34.49
C GLN A 509 -28.11 14.06 35.74
N PRO A 510 -26.97 14.63 36.12
CA PRO A 510 -26.36 14.24 37.39
C PRO A 510 -27.28 14.53 38.57
N ASP A 511 -27.17 13.71 39.61
CA ASP A 511 -27.86 13.93 40.87
C ASP A 511 -26.90 14.11 42.04
N LYS A 512 -25.60 14.10 41.77
CA LYS A 512 -24.59 14.24 42.81
C LYS A 512 -23.34 14.80 42.15
N SER A 513 -22.59 15.59 42.90
CA SER A 513 -21.39 16.18 42.34
C SER A 513 -20.40 16.49 43.45
N GLU A 514 -19.12 16.46 43.10
CA GLU A 514 -18.09 16.97 43.98
C GLU A 514 -18.05 18.49 44.01
N SER A 515 -18.75 19.15 43.09
CA SER A 515 -18.79 20.60 43.04
C SER A 515 -20.00 21.11 43.83
N GLU A 516 -19.74 21.92 44.86
CA GLU A 516 -20.81 22.56 45.61
C GLU A 516 -21.76 23.28 44.66
N LEU A 517 -21.20 24.02 43.71
CA LEU A 517 -22.02 24.80 42.78
C LEU A 517 -22.92 23.88 41.96
N VAL A 518 -22.36 22.83 41.36
CA VAL A 518 -23.17 21.92 40.56
C VAL A 518 -24.29 21.33 41.40
N ASN A 519 -23.99 20.95 42.65
CA ASN A 519 -25.02 20.47 43.55
C ASN A 519 -26.13 21.49 43.72
N GLN A 520 -25.77 22.78 43.83
CA GLN A 520 -26.78 23.82 43.94
C GLN A 520 -27.60 23.93 42.66
N ILE A 521 -26.94 23.79 41.51
CA ILE A 521 -27.68 23.79 40.25
C ILE A 521 -28.64 22.62 40.19
N ILE A 522 -28.22 21.45 40.66
CA ILE A 522 -29.09 20.28 40.66
C ILE A 522 -30.29 20.53 41.55
N GLU A 523 -30.06 21.10 42.75
CA GLU A 523 -31.16 21.39 43.65
C GLU A 523 -32.19 22.29 42.98
N GLN A 524 -31.74 23.25 42.18
CA GLN A 524 -32.69 24.10 41.45
C GLN A 524 -33.40 23.30 40.37
N LEU A 525 -32.65 22.55 39.56
CA LEU A 525 -33.27 21.79 38.47
C LEU A 525 -34.37 20.86 38.99
N ILE A 526 -34.19 20.29 40.17
CA ILE A 526 -35.23 19.44 40.72
C ILE A 526 -36.48 20.24 41.07
N LYS A 527 -36.33 21.51 41.42
CA LYS A 527 -37.49 22.32 41.77
C LYS A 527 -38.28 22.77 40.55
N LYS A 528 -37.64 22.84 39.38
CA LYS A 528 -38.33 23.29 38.20
C LYS A 528 -39.34 22.27 37.72
N GLU A 529 -40.26 22.72 36.87
CA GLU A 529 -41.21 21.84 36.20
C GLU A 529 -40.89 21.63 34.74
N LYS A 530 -40.30 22.62 34.07
CA LYS A 530 -39.81 22.45 32.72
C LYS A 530 -38.57 23.31 32.55
N VAL A 531 -37.52 22.73 31.96
CA VAL A 531 -36.25 23.40 31.76
C VAL A 531 -35.73 23.02 30.38
N TYR A 532 -35.56 24.00 29.51
CA TYR A 532 -34.97 23.79 28.19
C TYR A 532 -33.63 24.51 28.13
N LEU A 533 -32.55 23.75 27.97
CA LEU A 533 -31.21 24.27 27.77
C LEU A 533 -30.85 24.22 26.29
N ALA A 534 -30.30 25.31 25.77
CA ALA A 534 -29.84 25.35 24.39
C ALA A 534 -28.47 26.02 24.34
N TRP A 535 -27.65 25.56 23.41
CA TRP A 535 -26.30 26.10 23.21
C TRP A 535 -26.29 26.93 21.93
N VAL A 536 -25.56 28.03 21.95
CA VAL A 536 -25.32 28.82 20.75
C VAL A 536 -23.84 29.16 20.70
N PRO A 537 -23.25 29.36 19.51
CA PRO A 537 -21.86 29.80 19.45
C PRO A 537 -21.70 31.24 19.90
N ALA A 538 -20.53 31.55 20.44
CA ALA A 538 -20.23 32.88 20.91
C ALA A 538 -19.71 33.76 19.79
N HIS A 539 -19.69 35.07 20.05
CA HIS A 539 -19.08 36.06 19.14
C HIS A 539 -19.64 35.92 17.73
N LYS A 540 -20.89 35.48 17.63
CA LYS A 540 -21.59 35.43 16.35
C LYS A 540 -22.67 36.50 16.24
N GLY A 541 -22.75 37.40 17.22
CA GLY A 541 -23.78 38.42 17.21
C GLY A 541 -25.17 37.84 17.33
N ILE A 542 -25.37 36.97 18.31
CA ILE A 542 -26.63 36.23 18.47
C ILE A 542 -27.45 36.87 19.57
N GLY A 543 -28.74 37.11 19.27
CA GLY A 543 -29.73 37.56 20.22
C GLY A 543 -29.20 38.16 21.51
N GLY A 544 -29.64 37.62 22.65
CA GLY A 544 -29.13 38.08 23.91
C GLY A 544 -27.72 37.61 24.20
N ASN A 545 -27.21 36.65 23.43
CA ASN A 545 -25.86 36.16 23.66
C ASN A 545 -24.83 37.25 23.39
N GLU A 546 -24.99 38.01 22.32
CA GLU A 546 -24.10 39.15 22.11
C GLU A 546 -24.31 40.20 23.20
N GLN A 547 -25.55 40.36 23.66
CA GLN A 547 -25.82 41.35 24.70
C GLN A 547 -25.27 40.89 26.05
N VAL A 548 -25.48 39.62 26.40
CA VAL A 548 -25.02 39.14 27.70
C VAL A 548 -23.50 38.97 27.70
N ASP A 549 -22.91 38.72 26.54
CA ASP A 549 -21.46 38.55 26.47
C ASP A 549 -20.73 39.88 26.70
N LYS A 550 -21.32 41.00 26.28
CA LYS A 550 -20.73 42.30 26.57
C LYS A 550 -20.85 42.66 28.04
N LEU A 551 -21.97 42.34 28.66
CA LEU A 551 -22.17 42.71 30.06
C LEU A 551 -21.11 42.09 30.97
N VAL A 552 -20.91 40.78 30.86
CA VAL A 552 -20.01 40.08 31.77
C VAL A 552 -18.57 40.09 31.29
N SER A 553 -18.28 40.69 30.13
CA SER A 553 -16.91 40.74 29.62
C SER A 553 -16.38 42.16 29.67
N PRO B 5 7.96 -31.10 5.09
CA PRO B 5 9.18 -30.55 4.51
C PRO B 5 8.98 -29.16 3.89
N ILE B 6 8.37 -28.25 4.65
CA ILE B 6 8.13 -26.88 4.21
C ILE B 6 9.03 -25.95 5.02
N GLU B 7 9.83 -25.15 4.32
CA GLU B 7 10.71 -24.21 4.99
C GLU B 7 9.90 -23.05 5.56
N THR B 8 10.27 -22.60 6.76
CA THR B 8 9.54 -21.52 7.43
C THR B 8 10.10 -20.16 7.02
N VAL B 9 9.18 -19.23 6.79
CA VAL B 9 9.53 -17.84 6.49
C VAL B 9 9.95 -17.15 7.77
N PRO B 10 11.20 -16.69 7.89
CA PRO B 10 11.61 -16.02 9.13
C PRO B 10 10.89 -14.70 9.31
N VAL B 11 10.43 -14.45 10.54
CA VAL B 11 9.66 -13.26 10.87
C VAL B 11 10.31 -12.55 12.05
N LYS B 12 10.35 -11.22 11.98
CA LYS B 12 10.90 -10.39 13.03
C LYS B 12 9.84 -9.41 13.53
N LEU B 13 10.05 -8.92 14.75
CA LEU B 13 9.25 -7.83 15.27
C LEU B 13 9.86 -6.49 14.84
N LYS B 14 9.06 -5.44 14.97
CA LYS B 14 9.57 -4.11 14.68
C LYS B 14 10.69 -3.78 15.65
N PRO B 15 11.84 -3.31 15.16
CA PRO B 15 13.00 -3.10 16.04
C PRO B 15 12.65 -2.19 17.22
N GLY B 16 13.18 -2.54 18.39
CA GLY B 16 12.89 -1.78 19.59
C GLY B 16 11.53 -2.05 20.19
N MET B 17 10.94 -3.19 19.89
CA MET B 17 9.61 -3.55 20.38
C MET B 17 9.65 -4.95 20.95
N ASP B 18 9.13 -5.10 22.17
CA ASP B 18 9.00 -6.40 22.80
C ASP B 18 7.77 -7.09 22.22
N GLY B 19 7.42 -8.26 22.76
CA GLY B 19 6.26 -8.99 22.32
C GLY B 19 5.04 -8.60 23.12
N PRO B 20 3.87 -9.08 22.70
CA PRO B 20 2.64 -8.72 23.41
C PRO B 20 2.59 -9.36 24.79
N LYS B 21 2.10 -8.58 25.77
CA LYS B 21 1.95 -9.03 27.15
C LYS B 21 0.59 -8.56 27.67
N VAL B 22 -0.47 -9.10 27.09
CA VAL B 22 -1.84 -8.68 27.35
C VAL B 22 -2.51 -9.75 28.21
N LYS B 23 -3.17 -9.32 29.28
CA LYS B 23 -3.77 -10.27 30.21
C LYS B 23 -5.00 -10.94 29.60
N GLN B 24 -5.26 -12.16 30.05
CA GLN B 24 -6.44 -12.89 29.61
C GLN B 24 -7.66 -12.45 30.42
N TRP B 25 -8.74 -12.15 29.72
CA TRP B 25 -9.93 -11.72 30.44
C TRP B 25 -10.83 -12.91 30.75
N PRO B 26 -11.76 -12.75 31.69
CA PRO B 26 -12.59 -13.89 32.11
C PRO B 26 -13.49 -14.35 30.98
N LEU B 27 -13.72 -15.67 30.94
CA LEU B 27 -14.50 -16.30 29.89
C LEU B 27 -15.70 -17.02 30.48
N THR B 28 -16.85 -16.91 29.80
CA THR B 28 -18.03 -17.63 30.24
C THR B 28 -17.82 -19.14 30.11
N GLU B 29 -18.63 -19.89 30.85
CA GLU B 29 -18.48 -21.35 30.85
C GLU B 29 -18.56 -21.91 29.44
N GLU B 30 -19.50 -21.43 28.63
CA GLU B 30 -19.63 -21.93 27.27
C GLU B 30 -18.40 -21.64 26.42
N LYS B 31 -17.74 -20.50 26.65
CA LYS B 31 -16.58 -20.17 25.83
C LYS B 31 -15.36 -20.98 26.27
N ILE B 32 -15.20 -21.23 27.56
CA ILE B 32 -14.05 -22.01 28.03
C ILE B 32 -14.16 -23.45 27.54
N LYS B 33 -15.33 -24.07 27.72
CA LYS B 33 -15.54 -25.43 27.25
C LYS B 33 -15.23 -25.54 25.77
N ALA B 34 -15.66 -24.57 24.97
CA ALA B 34 -15.35 -24.60 23.55
C ALA B 34 -13.85 -24.53 23.32
N LEU B 35 -13.17 -23.62 24.02
CA LEU B 35 -11.73 -23.47 23.84
C LEU B 35 -10.98 -24.73 24.26
N VAL B 36 -11.36 -25.32 25.39
CA VAL B 36 -10.67 -26.52 25.87
C VAL B 36 -10.82 -27.66 24.86
N GLU B 37 -12.00 -27.76 24.23
CA GLU B 37 -12.18 -28.76 23.18
C GLU B 37 -11.37 -28.39 21.94
N ILE B 38 -11.39 -27.12 21.55
CA ILE B 38 -10.68 -26.75 20.33
C ILE B 38 -9.18 -26.93 20.51
N CYS B 39 -8.65 -26.57 21.69
CA CYS B 39 -7.22 -26.68 21.90
C CYS B 39 -6.79 -28.13 22.08
N THR B 40 -7.63 -28.96 22.71
CA THR B 40 -7.31 -30.38 22.81
C THR B 40 -7.13 -30.98 21.43
N GLU B 41 -7.96 -30.58 20.46
CA GLU B 41 -7.83 -31.09 19.10
C GLU B 41 -6.65 -30.46 18.36
N MET B 42 -6.37 -29.19 18.62
CA MET B 42 -5.21 -28.55 18.00
C MET B 42 -3.91 -29.09 18.57
N GLU B 43 -3.90 -29.50 19.84
CA GLU B 43 -2.70 -30.06 20.42
C GLU B 43 -2.41 -31.46 19.88
N LYS B 44 -3.44 -32.29 19.72
CA LYS B 44 -3.25 -33.60 19.10
C LYS B 44 -2.65 -33.47 17.70
N GLU B 45 -3.15 -32.51 16.92
CA GLU B 45 -2.69 -32.31 15.55
C GLU B 45 -1.41 -31.47 15.47
N GLY B 46 -0.79 -31.16 16.60
CA GLY B 46 0.47 -30.42 16.62
C GLY B 46 0.38 -28.96 16.29
N LYS B 47 -0.81 -28.43 16.02
CA LYS B 47 -0.93 -27.02 15.68
C LYS B 47 -0.57 -26.11 16.85
N ILE B 48 -0.63 -26.61 18.08
CA ILE B 48 -0.22 -25.85 19.26
C ILE B 48 0.44 -26.80 20.25
N SER B 49 1.31 -26.24 21.09
CA SER B 49 2.02 -27.02 22.11
C SER B 49 2.06 -26.24 23.41
N LYS B 50 2.04 -26.96 24.52
CA LYS B 50 2.01 -26.34 25.83
C LYS B 50 3.34 -25.65 26.13
N ILE B 51 3.27 -24.60 26.95
CA ILE B 51 4.44 -23.84 27.37
C ILE B 51 4.28 -23.48 28.84
N GLY B 52 5.34 -22.89 29.40
CA GLY B 52 5.37 -22.55 30.80
C GLY B 52 5.49 -21.05 31.05
N PRO B 53 5.72 -20.67 32.30
CA PRO B 53 5.83 -19.24 32.62
C PRO B 53 7.13 -18.59 32.15
N GLU B 54 8.12 -19.38 31.72
CA GLU B 54 9.36 -18.78 31.24
C GLU B 54 9.15 -17.96 29.98
N ASN B 55 8.03 -18.17 29.28
CA ASN B 55 7.63 -17.35 28.15
C ASN B 55 6.90 -16.11 28.68
N PRO B 56 7.47 -14.91 28.51
CA PRO B 56 6.89 -13.71 29.12
C PRO B 56 5.75 -13.07 28.34
N TYR B 57 5.37 -13.62 27.19
CA TYR B 57 4.38 -12.99 26.32
C TYR B 57 3.01 -13.63 26.51
N ASN B 58 1.98 -12.89 26.09
CA ASN B 58 0.63 -13.41 26.18
C ASN B 58 -0.33 -12.53 25.39
N THR B 59 -1.32 -13.18 24.78
CA THR B 59 -2.37 -12.57 23.98
C THR B 59 -3.71 -13.13 24.40
N PRO B 60 -4.75 -12.29 24.52
CA PRO B 60 -6.05 -12.79 24.93
C PRO B 60 -6.64 -13.72 23.89
N VAL B 61 -7.44 -14.68 24.36
CA VAL B 61 -8.14 -15.61 23.47
C VAL B 61 -9.57 -15.75 23.97
N PHE B 62 -10.48 -15.95 23.02
CA PHE B 62 -11.87 -16.28 23.33
C PHE B 62 -12.49 -16.94 22.09
N ALA B 63 -13.81 -17.05 22.08
CA ALA B 63 -14.49 -17.79 21.02
C ALA B 63 -15.76 -17.06 20.62
N ILE B 64 -16.13 -17.19 19.35
CA ILE B 64 -17.29 -16.50 18.80
C ILE B 64 -18.12 -17.48 17.97
N LYS B 65 -19.32 -17.03 17.62
CA LYS B 65 -20.18 -17.72 16.67
C LYS B 65 -20.53 -16.74 15.57
N LYS B 66 -20.18 -17.07 14.33
CA LYS B 66 -20.49 -16.18 13.23
C LYS B 66 -22.01 -16.14 13.00
N LYS B 67 -22.46 -15.20 12.18
CA LYS B 67 -23.89 -15.03 11.96
C LYS B 67 -24.52 -16.33 11.49
N ASP B 68 -25.66 -16.67 12.08
CA ASP B 68 -26.43 -17.85 11.68
C ASP B 68 -25.60 -19.13 11.75
N SER B 69 -24.58 -19.15 12.60
CA SER B 69 -23.72 -20.31 12.80
C SER B 69 -23.88 -20.81 14.23
N THR B 70 -24.04 -22.11 14.38
CA THR B 70 -24.24 -22.72 15.69
C THR B 70 -22.96 -23.29 16.31
N LYS B 71 -21.84 -23.29 15.59
CA LYS B 71 -20.62 -23.87 16.12
C LYS B 71 -19.63 -22.79 16.53
N TRP B 72 -18.89 -23.07 17.59
CA TRP B 72 -17.92 -22.12 18.08
C TRP B 72 -16.75 -22.00 17.13
N ARG B 73 -15.99 -20.92 17.31
CA ARG B 73 -14.85 -20.61 16.47
C ARG B 73 -13.85 -19.86 17.33
N LYS B 74 -12.62 -20.36 17.42
CA LYS B 74 -11.63 -19.73 18.26
C LYS B 74 -11.22 -18.38 17.67
N LEU B 75 -11.03 -17.39 18.55
CA LEU B 75 -10.61 -16.06 18.13
C LEU B 75 -9.55 -15.57 19.09
N VAL B 76 -8.37 -15.27 18.54
CA VAL B 76 -7.27 -14.71 19.31
C VAL B 76 -7.21 -13.22 19.02
N ASP B 77 -7.14 -12.40 20.07
CA ASP B 77 -7.03 -10.95 19.92
C ASP B 77 -5.57 -10.60 19.68
N PHE B 78 -5.13 -10.80 18.44
CA PHE B 78 -3.76 -10.51 18.02
C PHE B 78 -3.52 -9.04 17.71
N ARG B 79 -4.40 -8.12 18.15
CA ARG B 79 -4.21 -6.72 17.83
C ARG B 79 -2.84 -6.21 18.30
N GLU B 80 -2.43 -6.62 19.51
CA GLU B 80 -1.15 -6.16 20.02
C GLU B 80 0.01 -6.81 19.25
N LEU B 81 -0.10 -8.10 18.94
CA LEU B 81 0.96 -8.75 18.16
C LEU B 81 1.02 -8.19 16.75
N ASN B 82 -0.15 -7.91 16.15
CA ASN B 82 -0.15 -7.41 14.78
C ASN B 82 0.50 -6.03 14.67
N LYS B 83 0.34 -5.19 15.70
CA LYS B 83 0.98 -3.89 15.67
C LYS B 83 2.48 -3.99 15.85
N ARG B 84 2.95 -5.01 16.56
CA ARG B 84 4.37 -5.19 16.81
C ARG B 84 5.06 -6.04 15.76
N THR B 85 4.30 -6.76 14.92
CA THR B 85 4.89 -7.60 13.90
C THR B 85 5.36 -6.77 12.72
N GLN B 86 6.51 -7.14 12.17
CA GLN B 86 7.08 -6.41 11.04
C GLN B 86 6.05 -6.27 9.93
N ASP B 87 5.95 -5.06 9.38
CA ASP B 87 5.06 -4.84 8.25
C ASP B 87 5.60 -5.55 7.03
N PHE B 88 4.83 -6.48 6.48
CA PHE B 88 5.29 -7.29 5.36
C PHE B 88 5.25 -6.58 4.02
N TRP B 89 4.64 -5.39 3.95
CA TRP B 89 4.77 -4.58 2.74
C TRP B 89 6.23 -4.23 2.49
N GLU B 90 6.97 -3.91 3.56
CA GLU B 90 8.40 -3.70 3.42
C GLU B 90 9.10 -4.96 2.93
N VAL B 91 8.56 -6.14 3.29
CA VAL B 91 9.05 -7.41 2.76
C VAL B 91 8.45 -7.72 1.40
N GLN B 92 7.61 -6.85 0.85
CA GLN B 92 6.95 -7.00 -0.44
C GLN B 92 5.89 -8.08 -0.42
N LEU B 93 5.54 -8.60 0.75
CA LEU B 93 4.47 -9.59 0.89
C LEU B 93 3.11 -8.95 1.10
N GLY B 94 3.02 -7.63 0.96
CA GLY B 94 1.74 -6.97 1.09
C GLY B 94 0.80 -7.37 -0.03
N ILE B 95 -0.48 -7.45 0.30
CA ILE B 95 -1.53 -7.85 -0.65
C ILE B 95 -2.10 -6.56 -1.25
N PRO B 96 -2.01 -6.35 -2.56
CA PRO B 96 -2.61 -5.15 -3.14
C PRO B 96 -4.13 -5.21 -3.06
N HIS B 97 -4.75 -4.04 -3.05
CA HIS B 97 -6.19 -3.96 -2.87
C HIS B 97 -6.86 -3.53 -4.17
N PRO B 98 -7.86 -4.27 -4.64
CA PRO B 98 -8.48 -3.96 -5.94
C PRO B 98 -9.60 -2.94 -5.84
N ALA B 99 -9.48 -1.84 -6.59
CA ALA B 99 -10.47 -0.76 -6.52
C ALA B 99 -11.83 -1.17 -7.06
N GLY B 100 -11.91 -2.26 -7.82
CA GLY B 100 -13.16 -2.68 -8.42
C GLY B 100 -14.03 -3.57 -7.56
N LEU B 101 -13.54 -3.97 -6.38
CA LEU B 101 -14.32 -4.85 -5.52
C LEU B 101 -15.59 -4.16 -5.02
N LYS B 102 -15.49 -2.88 -4.66
CA LYS B 102 -16.66 -2.15 -4.17
C LYS B 102 -17.70 -1.93 -5.26
N LYS B 103 -17.31 -2.04 -6.53
CA LYS B 103 -18.22 -1.78 -7.64
C LYS B 103 -19.03 -3.01 -8.04
N LYS B 104 -18.67 -4.19 -7.55
CA LYS B 104 -19.41 -5.39 -7.93
C LYS B 104 -20.79 -5.41 -7.30
N LYS B 105 -21.72 -6.09 -7.96
CA LYS B 105 -23.09 -6.17 -7.44
C LYS B 105 -23.20 -7.11 -6.25
N SER B 106 -22.28 -8.06 -6.11
CA SER B 106 -22.31 -9.00 -5.00
C SER B 106 -20.89 -9.32 -4.57
N VAL B 107 -20.73 -9.59 -3.28
CA VAL B 107 -19.43 -9.94 -2.72
C VAL B 107 -19.65 -10.94 -1.59
N THR B 108 -19.08 -12.13 -1.73
CA THR B 108 -19.17 -13.16 -0.70
C THR B 108 -17.87 -13.22 0.09
N VAL B 109 -18.00 -13.47 1.39
CA VAL B 109 -16.87 -13.49 2.32
C VAL B 109 -16.72 -14.92 2.83
N LEU B 110 -15.64 -15.58 2.45
CA LEU B 110 -15.35 -16.95 2.86
C LEU B 110 -14.28 -16.97 3.92
N ASP B 111 -14.49 -17.79 4.96
CA ASP B 111 -13.49 -17.97 6.01
C ASP B 111 -12.51 -19.05 5.55
N VAL B 112 -11.32 -18.61 5.14
CA VAL B 112 -10.28 -19.52 4.66
C VAL B 112 -9.15 -19.65 5.65
N GLY B 113 -9.33 -19.16 6.88
CA GLY B 113 -8.25 -19.21 7.86
C GLY B 113 -7.79 -20.62 8.15
N ASP B 114 -8.65 -21.61 7.95
CA ASP B 114 -8.29 -22.99 8.26
C ASP B 114 -7.04 -23.43 7.51
N ALA B 115 -6.88 -22.96 6.27
CA ALA B 115 -5.73 -23.36 5.47
C ALA B 115 -4.40 -22.89 6.05
N TYR B 116 -4.42 -21.84 6.87
CA TYR B 116 -3.18 -21.34 7.45
C TYR B 116 -2.53 -22.36 8.37
N PHE B 117 -3.30 -23.30 8.91
CA PHE B 117 -2.76 -24.30 9.82
C PHE B 117 -1.87 -25.32 9.12
N SER B 118 -1.85 -25.33 7.79
CA SER B 118 -0.99 -26.26 7.06
C SER B 118 0.45 -25.79 6.96
N VAL B 119 0.71 -24.51 7.19
CA VAL B 119 2.03 -23.92 7.01
C VAL B 119 2.70 -23.80 8.38
N PRO B 120 3.93 -24.30 8.54
CA PRO B 120 4.62 -24.13 9.81
C PRO B 120 5.03 -22.69 10.04
N LEU B 121 5.25 -22.37 11.32
CA LEU B 121 5.63 -21.03 11.74
C LEU B 121 7.09 -21.02 12.17
N ASP B 122 7.78 -19.91 11.89
CA ASP B 122 9.18 -19.78 12.27
C ASP B 122 9.37 -20.09 13.75
N GLU B 123 10.30 -21.01 14.04
CA GLU B 123 10.52 -21.42 15.42
C GLU B 123 10.72 -20.23 16.33
N ASP B 124 11.66 -19.35 15.98
CA ASP B 124 12.00 -18.21 16.83
C ASP B 124 10.84 -17.25 17.03
N PHE B 125 9.78 -17.34 16.24
CA PHE B 125 8.65 -16.45 16.35
C PHE B 125 7.48 -17.06 17.11
N ARG B 126 7.52 -18.36 17.37
CA ARG B 126 6.39 -19.02 18.01
C ARG B 126 6.13 -18.50 19.42
N LYS B 127 7.18 -18.12 20.14
CA LYS B 127 7.01 -17.65 21.51
C LYS B 127 6.12 -16.43 21.59
N TYR B 128 6.00 -15.66 20.51
CA TYR B 128 5.18 -14.45 20.53
C TYR B 128 3.70 -14.74 20.42
N THR B 129 3.31 -15.97 20.11
CA THR B 129 1.90 -16.33 19.95
C THR B 129 1.30 -16.93 21.22
N ALA B 130 1.96 -16.77 22.37
CA ALA B 130 1.50 -17.41 23.59
C ALA B 130 0.14 -16.88 24.03
N PHE B 131 -0.73 -17.79 24.44
CA PHE B 131 -2.02 -17.44 25.03
C PHE B 131 -2.27 -18.35 26.21
N THR B 132 -3.25 -17.99 27.03
CA THR B 132 -3.56 -18.71 28.26
C THR B 132 -5.05 -18.99 28.31
N ILE B 133 -5.42 -20.23 28.61
CA ILE B 133 -6.81 -20.63 28.76
C ILE B 133 -7.14 -20.63 30.25
N PRO B 134 -8.07 -19.81 30.70
CA PRO B 134 -8.40 -19.74 32.13
C PRO B 134 -9.35 -20.87 32.52
N SER B 135 -9.69 -20.91 33.80
CA SER B 135 -10.63 -21.88 34.34
C SER B 135 -11.68 -21.18 35.19
N ILE B 136 -12.85 -21.80 35.28
CA ILE B 136 -13.93 -21.26 36.09
C ILE B 136 -13.56 -21.30 37.57
N ASN B 137 -13.89 -20.23 38.29
CA ASN B 137 -13.62 -20.11 39.73
C ASN B 137 -12.14 -20.30 40.04
N ASN B 138 -11.27 -20.21 39.03
CA ASN B 138 -9.83 -20.35 39.23
C ASN B 138 -9.49 -21.67 39.92
N GLU B 139 -10.12 -22.75 39.44
CA GLU B 139 -9.79 -24.07 39.94
C GLU B 139 -8.39 -24.50 39.55
N THR B 140 -8.02 -24.24 38.30
CA THR B 140 -6.71 -24.58 37.78
C THR B 140 -6.00 -23.32 37.30
N PRO B 141 -4.73 -23.12 37.66
CA PRO B 141 -4.00 -21.97 37.11
C PRO B 141 -4.08 -21.93 35.59
N GLY B 142 -3.65 -20.84 34.97
CA GLY B 142 -3.77 -20.73 33.53
C GLY B 142 -2.95 -21.79 32.82
N ILE B 143 -3.50 -22.32 31.73
CA ILE B 143 -2.85 -23.32 30.91
C ILE B 143 -2.39 -22.64 29.64
N ARG B 144 -1.08 -22.53 29.46
CA ARG B 144 -0.49 -21.71 28.40
C ARG B 144 -0.10 -22.56 27.19
N TYR B 145 -0.33 -22.00 26.00
CA TYR B 145 0.02 -22.63 24.73
C TYR B 145 0.75 -21.62 23.86
N GLN B 146 1.27 -22.13 22.74
CA GLN B 146 1.83 -21.29 21.69
C GLN B 146 1.63 -22.00 20.37
N TYR B 147 1.68 -21.23 19.28
CA TYR B 147 1.40 -21.76 17.95
C TYR B 147 2.67 -22.31 17.30
N ASN B 148 2.51 -23.42 16.59
CA ASN B 148 3.56 -23.98 15.76
C ASN B 148 3.33 -23.73 14.27
N VAL B 149 2.14 -23.28 13.89
CA VAL B 149 1.79 -23.05 12.50
C VAL B 149 1.27 -21.62 12.37
N LEU B 150 0.86 -21.25 11.17
CA LEU B 150 0.31 -19.92 10.95
C LEU B 150 -1.00 -19.78 11.71
N PRO B 151 -1.08 -18.95 12.74
CA PRO B 151 -2.34 -18.83 13.50
C PRO B 151 -3.32 -17.90 12.81
N GLN B 152 -4.61 -18.25 12.94
CA GLN B 152 -5.66 -17.38 12.43
C GLN B 152 -5.63 -16.04 13.15
N GLY B 153 -5.95 -14.98 12.40
CA GLY B 153 -6.05 -13.65 12.97
C GLY B 153 -4.75 -12.89 13.08
N TRP B 154 -3.62 -13.49 12.72
CA TRP B 154 -2.34 -12.81 12.72
C TRP B 154 -2.06 -12.28 11.32
N LYS B 155 -1.64 -11.02 11.23
CA LYS B 155 -1.49 -10.39 9.93
C LYS B 155 -0.43 -11.07 9.07
N GLY B 156 0.53 -11.77 9.70
CA GLY B 156 1.53 -12.49 8.95
C GLY B 156 1.03 -13.74 8.26
N SER B 157 -0.05 -14.33 8.77
CA SER B 157 -0.55 -15.58 8.18
C SER B 157 -0.94 -15.42 6.72
N PRO B 158 -1.84 -14.50 6.35
CA PRO B 158 -2.16 -14.33 4.93
C PRO B 158 -0.98 -13.89 4.09
N ALA B 159 -0.07 -13.09 4.65
CA ALA B 159 1.09 -12.63 3.89
C ALA B 159 1.98 -13.80 3.50
N ILE B 160 2.34 -14.62 4.47
CA ILE B 160 3.20 -15.78 4.19
C ILE B 160 2.47 -16.77 3.30
N PHE B 161 1.17 -16.97 3.53
CA PHE B 161 0.39 -17.94 2.78
C PHE B 161 0.03 -17.45 1.37
N GLN B 162 0.27 -16.18 1.05
CA GLN B 162 -0.17 -15.65 -0.23
C GLN B 162 0.46 -16.41 -1.39
N SER B 163 1.75 -16.73 -1.29
CA SER B 163 2.40 -17.48 -2.37
C SER B 163 1.67 -18.79 -2.63
N SER B 164 1.22 -19.47 -1.58
CA SER B 164 0.41 -20.67 -1.76
C SER B 164 -0.99 -20.31 -2.24
N MET B 165 -1.54 -19.21 -1.74
CA MET B 165 -2.91 -18.83 -2.06
C MET B 165 -3.07 -18.58 -3.55
N THR B 166 -2.18 -17.77 -4.14
CA THR B 166 -2.32 -17.41 -5.55
C THR B 166 -2.32 -18.65 -6.44
N LYS B 167 -1.51 -19.64 -6.11
CA LYS B 167 -1.44 -20.84 -6.93
C LYS B 167 -2.76 -21.61 -6.91
N ILE B 168 -3.38 -21.73 -5.74
CA ILE B 168 -4.65 -22.44 -5.64
C ILE B 168 -5.73 -21.74 -6.48
N LEU B 169 -5.67 -20.41 -6.53
CA LEU B 169 -6.67 -19.63 -7.24
C LEU B 169 -6.38 -19.49 -8.73
N GLU B 170 -5.21 -19.91 -9.17
CA GLU B 170 -4.75 -19.77 -10.54
C GLU B 170 -5.80 -20.26 -11.54
N PRO B 171 -6.24 -21.52 -11.44
CA PRO B 171 -7.18 -22.04 -12.46
C PRO B 171 -8.53 -21.37 -12.43
N PHE B 172 -9.06 -21.08 -11.23
CA PHE B 172 -10.38 -20.45 -11.15
C PHE B 172 -10.33 -19.02 -11.70
N LYS B 173 -9.27 -18.29 -11.37
CA LYS B 173 -9.15 -16.92 -11.86
C LYS B 173 -9.08 -16.89 -13.39
N LYS B 174 -8.35 -17.83 -13.99
CA LYS B 174 -8.21 -17.83 -15.44
C LYS B 174 -9.49 -18.26 -16.12
N GLN B 175 -10.31 -19.09 -15.49
CA GLN B 175 -11.61 -19.44 -16.03
C GLN B 175 -12.67 -18.37 -15.78
N ASN B 176 -12.48 -17.49 -14.80
CA ASN B 176 -13.43 -16.43 -14.48
C ASN B 176 -12.68 -15.10 -14.37
N PRO B 177 -12.28 -14.53 -15.49
CA PRO B 177 -11.44 -13.31 -15.45
C PRO B 177 -12.18 -12.07 -14.94
N ASP B 178 -13.51 -12.08 -14.90
CA ASP B 178 -14.27 -10.92 -14.45
C ASP B 178 -14.60 -10.94 -12.96
N ILE B 179 -14.11 -11.93 -12.22
CA ILE B 179 -14.38 -12.06 -10.79
C ILE B 179 -13.21 -11.47 -10.01
N VAL B 180 -13.53 -10.67 -8.99
CA VAL B 180 -12.54 -10.05 -8.13
C VAL B 180 -12.39 -10.88 -6.86
N ILE B 181 -11.16 -11.13 -6.45
CA ILE B 181 -10.87 -11.86 -5.23
C ILE B 181 -9.87 -11.06 -4.41
N TYR B 182 -10.23 -10.76 -3.17
CA TYR B 182 -9.36 -10.04 -2.25
C TYR B 182 -9.20 -10.84 -0.97
N GLN B 183 -7.99 -10.84 -0.43
CA GLN B 183 -7.68 -11.58 0.78
C GLN B 183 -7.39 -10.57 1.89
N TYR B 184 -8.13 -10.69 2.99
CA TYR B 184 -7.88 -9.87 4.17
C TYR B 184 -7.98 -10.76 5.39
N MET B 185 -6.88 -10.89 6.13
CA MET B 185 -6.83 -11.70 7.34
C MET B 185 -7.33 -13.11 6.98
N ASP B 186 -8.25 -13.69 7.73
CA ASP B 186 -8.74 -15.04 7.47
C ASP B 186 -9.81 -15.10 6.40
N ASP B 187 -10.14 -14.00 5.75
CA ASP B 187 -11.29 -13.94 4.86
C ASP B 187 -10.87 -13.73 3.42
N LEU B 188 -11.70 -14.23 2.52
CA LEU B 188 -11.57 -14.06 1.08
C LEU B 188 -12.82 -13.36 0.56
N TYR B 189 -12.63 -12.27 -0.17
CA TYR B 189 -13.74 -11.48 -0.69
C TYR B 189 -13.83 -11.70 -2.19
N VAL B 190 -14.95 -12.27 -2.62
CA VAL B 190 -15.16 -12.66 -4.01
C VAL B 190 -16.36 -11.88 -4.54
N GLY B 191 -16.12 -11.05 -5.55
CA GLY B 191 -17.16 -10.20 -6.10
C GLY B 191 -17.38 -10.46 -7.59
N SER B 192 -18.63 -10.26 -8.03
CA SER B 192 -18.97 -10.41 -9.43
C SER B 192 -20.18 -9.52 -9.73
N ASP B 193 -20.40 -9.29 -11.02
CA ASP B 193 -21.60 -8.62 -11.51
C ASP B 193 -22.62 -9.59 -12.05
N LEU B 194 -22.46 -10.88 -11.76
CA LEU B 194 -23.34 -11.90 -12.28
C LEU B 194 -24.70 -11.85 -11.58
N GLU B 195 -25.62 -12.67 -12.07
CA GLU B 195 -26.88 -12.90 -11.37
C GLU B 195 -26.63 -13.72 -10.11
N ILE B 196 -27.49 -13.54 -9.11
CA ILE B 196 -27.24 -14.13 -7.79
C ILE B 196 -27.07 -15.63 -7.90
N GLY B 197 -27.96 -16.30 -8.64
CA GLY B 197 -27.82 -17.72 -8.84
C GLY B 197 -26.48 -18.09 -9.45
N GLN B 198 -26.08 -17.39 -10.51
CA GLN B 198 -24.77 -17.62 -11.11
C GLN B 198 -23.65 -17.21 -10.15
N HIS B 199 -23.86 -16.14 -9.39
CA HIS B 199 -22.85 -15.73 -8.43
C HIS B 199 -22.64 -16.80 -7.36
N ARG B 200 -23.73 -17.26 -6.75
CA ARG B 200 -23.61 -18.30 -5.73
C ARG B 200 -23.04 -19.59 -6.32
N THR B 201 -23.35 -19.87 -7.60
CA THR B 201 -22.78 -21.04 -8.25
C THR B 201 -21.26 -20.92 -8.34
N LYS B 202 -20.76 -19.77 -8.80
CA LYS B 202 -19.33 -19.58 -8.91
C LYS B 202 -18.65 -19.68 -7.54
N ILE B 203 -19.32 -19.23 -6.48
CA ILE B 203 -18.76 -19.33 -5.14
C ILE B 203 -18.64 -20.79 -4.73
N GLU B 204 -19.65 -21.60 -5.06
CA GLU B 204 -19.59 -23.02 -4.74
C GLU B 204 -18.44 -23.69 -5.48
N GLU B 205 -18.21 -23.29 -6.74
CA GLU B 205 -17.07 -23.81 -7.48
C GLU B 205 -15.75 -23.51 -6.76
N LEU B 206 -15.61 -22.29 -6.25
CA LEU B 206 -14.37 -21.92 -5.57
C LEU B 206 -14.17 -22.76 -4.30
N ARG B 207 -15.26 -23.07 -3.61
CA ARG B 207 -15.17 -23.92 -2.42
C ARG B 207 -14.61 -25.29 -2.79
N GLN B 208 -15.28 -25.97 -3.72
CA GLN B 208 -14.82 -27.28 -4.16
C GLN B 208 -13.43 -27.18 -4.78
N HIS B 209 -13.13 -26.05 -5.42
CA HIS B 209 -11.79 -25.80 -5.92
C HIS B 209 -10.77 -25.81 -4.78
N LEU B 210 -11.19 -25.36 -3.59
CA LEU B 210 -10.29 -25.36 -2.44
C LEU B 210 -10.09 -26.76 -1.88
N LEU B 211 -11.15 -27.57 -1.85
CA LEU B 211 -11.01 -28.94 -1.36
C LEU B 211 -10.11 -29.75 -2.28
N ARG B 212 -10.09 -29.43 -3.58
CA ARG B 212 -9.14 -30.09 -4.47
C ARG B 212 -7.71 -29.91 -3.98
N TRP B 213 -7.43 -28.77 -3.35
CA TRP B 213 -6.18 -28.58 -2.63
C TRP B 213 -6.26 -29.11 -1.20
N GLY B 214 -7.46 -29.15 -0.63
CA GLY B 214 -7.61 -29.69 0.71
C GLY B 214 -7.26 -31.15 0.79
N LEU B 215 -7.69 -31.94 -0.20
CA LEU B 215 -7.27 -33.34 -0.26
C LEU B 215 -5.80 -33.46 -0.66
N THR B 216 -5.31 -32.51 -1.44
CA THR B 216 -3.91 -32.52 -1.88
C THR B 216 -3.04 -31.74 -0.89
N PRO B 227 -17.11 -22.23 11.53
CA PRO B 227 -15.75 -21.80 11.18
C PRO B 227 -15.29 -22.32 9.83
N PHE B 228 -15.78 -23.49 9.43
CA PHE B 228 -15.26 -24.18 8.26
C PHE B 228 -15.51 -23.37 6.98
N LEU B 229 -15.04 -23.92 5.85
CA LEU B 229 -15.10 -23.21 4.58
C LEU B 229 -16.51 -23.10 4.03
N TRP B 230 -17.45 -23.93 4.49
CA TRP B 230 -18.77 -24.00 3.88
C TRP B 230 -19.57 -22.71 4.03
N MET B 231 -19.18 -21.81 4.92
CA MET B 231 -19.96 -20.61 5.18
C MET B 231 -19.58 -19.48 4.23
N GLY B 232 -20.54 -18.59 4.00
CA GLY B 232 -20.32 -17.42 3.19
C GLY B 232 -21.37 -16.36 3.46
N TYR B 233 -20.96 -15.10 3.37
CA TYR B 233 -21.84 -13.97 3.63
C TYR B 233 -21.86 -13.06 2.42
N GLU B 234 -23.05 -12.53 2.11
CA GLU B 234 -23.28 -11.79 0.88
C GLU B 234 -23.27 -10.30 1.16
N LEU B 235 -22.50 -9.56 0.35
CA LEU B 235 -22.50 -8.11 0.37
C LEU B 235 -22.93 -7.58 -0.99
N HIS B 236 -23.34 -6.32 -1.00
CA HIS B 236 -23.77 -5.66 -2.23
C HIS B 236 -23.28 -4.22 -2.18
N PRO B 237 -21.98 -4.01 -2.42
CA PRO B 237 -21.41 -2.67 -2.24
C PRO B 237 -21.98 -1.65 -3.22
N ASP B 238 -22.42 -2.10 -4.40
CA ASP B 238 -23.03 -1.19 -5.35
C ASP B 238 -24.24 -0.49 -4.77
N LYS B 239 -24.82 -1.00 -3.69
CA LYS B 239 -25.98 -0.41 -3.03
C LYS B 239 -25.61 0.36 -1.77
N TRP B 240 -24.33 0.64 -1.52
CA TRP B 240 -23.92 1.36 -0.33
C TRP B 240 -24.09 2.86 -0.55
N THR B 241 -24.73 3.53 0.42
CA THR B 241 -25.02 4.95 0.30
C THR B 241 -24.37 5.73 1.42
N VAL B 242 -24.33 7.05 1.25
CA VAL B 242 -23.70 7.94 2.21
C VAL B 242 -24.77 8.79 2.90
N GLN B 243 -24.35 9.50 3.94
CA GLN B 243 -25.24 10.36 4.71
C GLN B 243 -24.65 11.77 4.73
N PRO B 244 -25.14 12.67 3.88
CA PRO B 244 -24.62 14.04 3.87
C PRO B 244 -25.17 14.87 5.02
N ILE B 245 -24.51 15.99 5.28
CA ILE B 245 -25.04 16.99 6.19
C ILE B 245 -26.20 17.73 5.50
N VAL B 246 -27.33 17.78 6.18
CA VAL B 246 -28.55 18.38 5.64
C VAL B 246 -29.04 19.49 6.56
N LEU B 247 -29.62 20.52 5.97
CA LEU B 247 -30.29 21.62 6.63
C LEU B 247 -31.80 21.47 6.48
N PRO B 248 -32.56 21.53 7.57
CA PRO B 248 -34.01 21.35 7.47
C PRO B 248 -34.63 22.35 6.51
N GLU B 249 -35.80 21.97 6.00
CA GLU B 249 -36.62 22.85 5.16
C GLU B 249 -37.85 23.24 5.97
N LYS B 250 -37.95 24.52 6.31
CA LYS B 250 -39.09 25.03 7.04
C LYS B 250 -39.69 26.20 6.26
N ASP B 251 -41.00 26.38 6.38
CA ASP B 251 -41.63 27.58 5.86
C ASP B 251 -41.66 28.71 6.88
N SER B 252 -41.68 28.36 8.17
CA SER B 252 -41.51 29.31 9.25
C SER B 252 -40.44 28.82 10.21
N TRP B 253 -39.69 29.76 10.76
CA TRP B 253 -38.59 29.48 11.67
C TRP B 253 -38.80 30.21 12.98
N THR B 254 -38.48 29.52 14.09
CA THR B 254 -38.47 30.17 15.39
C THR B 254 -37.05 30.61 15.69
N VAL B 255 -36.93 31.51 16.67
CA VAL B 255 -35.60 31.95 17.11
C VAL B 255 -34.75 30.73 17.41
N ASN B 256 -35.31 29.76 18.13
CA ASN B 256 -34.56 28.57 18.46
C ASN B 256 -34.10 27.84 17.20
N ASP B 257 -34.99 27.68 16.22
CA ASP B 257 -34.61 27.03 14.97
C ASP B 257 -33.40 27.72 14.35
N ILE B 258 -33.45 29.04 14.26
CA ILE B 258 -32.35 29.77 13.63
C ILE B 258 -31.09 29.66 14.46
N GLN B 259 -31.22 29.60 15.79
CA GLN B 259 -30.06 29.40 16.65
C GLN B 259 -29.42 28.04 16.37
N LYS B 260 -30.24 26.99 16.33
CA LYS B 260 -29.72 25.68 15.97
C LYS B 260 -29.06 25.72 14.61
N LEU B 261 -29.73 26.33 13.63
CA LEU B 261 -29.19 26.40 12.28
C LEU B 261 -27.87 27.15 12.24
N VAL B 262 -27.78 28.30 12.91
CA VAL B 262 -26.52 29.02 12.94
C VAL B 262 -25.44 28.18 13.62
N GLY B 263 -25.80 27.48 14.69
CA GLY B 263 -24.84 26.60 15.33
C GLY B 263 -24.36 25.50 14.40
N LYS B 264 -25.29 24.81 13.75
CA LYS B 264 -24.92 23.72 12.84
C LYS B 264 -24.08 24.25 11.69
N LEU B 265 -24.53 25.33 11.05
CA LEU B 265 -23.77 25.91 9.95
C LEU B 265 -22.39 26.36 10.41
N ASN B 266 -22.32 26.99 11.58
CA ASN B 266 -21.02 27.44 12.08
C ASN B 266 -20.10 26.25 12.26
N TRP B 267 -20.63 25.13 12.74
CA TRP B 267 -19.86 23.89 12.82
C TRP B 267 -19.48 23.40 11.43
N ALA B 268 -20.46 23.29 10.53
CA ALA B 268 -20.20 22.77 9.20
C ALA B 268 -19.16 23.57 8.44
N SER B 269 -18.94 24.83 8.82
CA SER B 269 -17.97 25.65 8.09
C SER B 269 -16.54 25.13 8.21
N GLN B 270 -16.26 24.32 9.23
CA GLN B 270 -14.95 23.68 9.31
C GLN B 270 -14.72 22.68 8.19
N ILE B 271 -15.80 22.17 7.60
CA ILE B 271 -15.73 21.25 6.46
C ILE B 271 -15.87 21.99 5.14
N TYR B 272 -16.87 22.87 5.05
CA TYR B 272 -17.09 23.68 3.86
C TYR B 272 -16.75 25.13 4.17
N PRO B 273 -15.56 25.61 3.80
CA PRO B 273 -15.13 26.95 4.22
C PRO B 273 -15.95 28.08 3.62
N GLY B 274 -16.78 27.82 2.61
CA GLY B 274 -17.56 28.88 2.00
C GLY B 274 -18.86 29.22 2.70
N ILE B 275 -19.21 28.49 3.75
CA ILE B 275 -20.47 28.74 4.44
C ILE B 275 -20.38 30.05 5.22
N LYS B 276 -21.46 30.82 5.17
CA LYS B 276 -21.57 32.08 5.89
C LYS B 276 -22.81 32.06 6.77
N VAL B 277 -22.78 32.81 7.87
CA VAL B 277 -23.91 32.88 8.78
C VAL B 277 -24.15 34.33 9.20
N ARG B 278 -23.38 35.25 8.63
CA ARG B 278 -23.50 36.64 9.03
C ARG B 278 -24.93 37.14 8.85
N GLN B 279 -25.53 36.87 7.69
CA GLN B 279 -26.89 37.36 7.43
C GLN B 279 -27.92 36.65 8.27
N LEU B 280 -27.70 35.36 8.58
CA LEU B 280 -28.64 34.65 9.44
C LEU B 280 -28.49 35.09 10.89
N SER B 281 -27.27 35.37 11.33
CA SER B 281 -27.05 35.80 12.70
C SER B 281 -27.77 37.12 12.99
N LYS B 282 -27.75 38.04 12.03
CA LYS B 282 -28.39 39.33 12.25
C LYS B 282 -29.88 39.19 12.55
N LEU B 283 -30.50 38.11 12.07
CA LEU B 283 -31.88 37.83 12.48
C LEU B 283 -31.98 37.63 13.99
N LEU B 284 -30.91 37.22 14.61
CA LEU B 284 -31.03 37.01 16.06
C LEU B 284 -30.39 38.26 16.59
N ARG B 285 -30.98 39.41 16.31
CA ARG B 285 -30.27 40.65 16.65
C ARG B 285 -30.69 41.13 18.03
N GLY B 286 -31.95 40.89 18.34
CA GLY B 286 -32.66 41.28 19.54
C GLY B 286 -32.37 40.32 20.68
N THR B 287 -33.27 40.33 21.67
CA THR B 287 -33.20 39.41 22.80
C THR B 287 -34.59 38.77 22.95
N LYS B 288 -34.90 37.87 22.02
CA LYS B 288 -36.26 37.38 21.80
C LYS B 288 -36.52 36.06 22.50
N ALA B 289 -37.82 35.76 22.67
CA ALA B 289 -38.24 34.47 23.19
C ALA B 289 -37.90 33.37 22.19
N LEU B 290 -37.51 32.21 22.71
CA LEU B 290 -37.02 31.14 21.84
C LEU B 290 -38.08 30.67 20.86
N THR B 291 -39.36 30.72 21.25
CA THR B 291 -40.43 30.22 20.39
C THR B 291 -41.01 31.28 19.47
N GLU B 292 -40.48 32.49 19.47
CA GLU B 292 -40.98 33.53 18.59
C GLU B 292 -40.68 33.20 17.13
N VAL B 293 -41.71 33.20 16.31
CA VAL B 293 -41.53 32.99 14.87
C VAL B 293 -41.04 34.29 14.25
N ILE B 294 -39.92 34.20 13.53
CA ILE B 294 -39.36 35.39 12.90
C ILE B 294 -39.13 35.11 11.42
N PRO B 295 -39.54 36.02 10.53
CA PRO B 295 -39.40 35.76 9.10
C PRO B 295 -37.98 35.99 8.60
N LEU B 296 -37.62 35.28 7.54
CA LEU B 296 -36.30 35.41 6.95
C LEU B 296 -36.22 36.69 6.13
N THR B 297 -35.13 37.44 6.32
CA THR B 297 -34.89 38.61 5.50
C THR B 297 -34.47 38.19 4.09
N GLU B 298 -34.55 39.15 3.16
CA GLU B 298 -34.16 38.87 1.78
C GLU B 298 -32.72 38.37 1.71
N GLU B 299 -31.82 38.98 2.48
CA GLU B 299 -30.42 38.56 2.46
C GLU B 299 -30.24 37.17 3.08
N ALA B 300 -30.99 36.87 4.13
CA ALA B 300 -30.86 35.57 4.78
C ALA B 300 -31.43 34.45 3.92
N GLU B 301 -32.42 34.77 3.08
CA GLU B 301 -33.00 33.75 2.21
C GLU B 301 -31.96 33.23 1.23
N LEU B 302 -31.19 34.14 0.62
CA LEU B 302 -30.13 33.75 -0.30
C LEU B 302 -28.98 33.07 0.43
N GLU B 303 -28.69 33.49 1.66
CA GLU B 303 -27.61 32.87 2.42
C GLU B 303 -27.91 31.40 2.68
N LEU B 304 -29.13 31.10 3.11
CA LEU B 304 -29.51 29.71 3.36
C LEU B 304 -29.42 28.88 2.08
N ALA B 305 -30.04 29.36 1.00
CA ALA B 305 -30.01 28.63 -0.26
C ALA B 305 -28.58 28.39 -0.73
N GLU B 306 -27.72 29.41 -0.60
CA GLU B 306 -26.34 29.27 -1.03
C GLU B 306 -25.58 28.28 -0.15
N ASN B 307 -25.89 28.22 1.15
CA ASN B 307 -25.28 27.22 2.01
C ASN B 307 -25.71 25.82 1.62
N ARG B 308 -27.00 25.62 1.33
CA ARG B 308 -27.44 24.33 0.85
C ARG B 308 -26.68 23.93 -0.41
N GLU B 309 -26.46 24.90 -1.32
CA GLU B 309 -25.67 24.64 -2.50
C GLU B 309 -24.26 24.16 -2.15
N ILE B 310 -23.63 24.80 -1.16
CA ILE B 310 -22.28 24.42 -0.79
C ILE B 310 -22.26 22.99 -0.24
N LEU B 311 -23.26 22.63 0.57
CA LEU B 311 -23.30 21.29 1.12
C LEU B 311 -23.60 20.24 0.07
N LYS B 312 -24.09 20.63 -1.11
CA LYS B 312 -24.35 19.66 -2.17
C LYS B 312 -23.05 19.19 -2.82
N GLU B 313 -22.12 20.12 -3.06
CA GLU B 313 -20.89 19.77 -3.77
C GLU B 313 -19.89 19.10 -2.84
N PRO B 314 -18.91 18.40 -3.40
CA PRO B 314 -17.93 17.70 -2.56
C PRO B 314 -16.95 18.66 -1.91
N VAL B 315 -16.34 18.17 -0.83
CA VAL B 315 -15.30 18.92 -0.13
C VAL B 315 -14.01 18.86 -0.93
N HIS B 316 -13.31 20.00 -0.99
CA HIS B 316 -12.12 20.09 -1.82
C HIS B 316 -10.93 19.50 -1.08
N GLY B 317 -10.10 18.76 -1.82
CA GLY B 317 -8.86 18.22 -1.30
C GLY B 317 -9.02 17.05 -0.36
N VAL B 318 -10.14 16.33 -0.43
CA VAL B 318 -10.33 15.12 0.38
C VAL B 318 -10.10 13.92 -0.54
N TYR B 319 -9.05 13.16 -0.24
CA TYR B 319 -8.72 11.94 -0.98
C TYR B 319 -8.11 10.95 -0.01
N TYR B 320 -8.08 9.69 -0.44
CA TYR B 320 -7.55 8.60 0.38
C TYR B 320 -6.04 8.50 0.21
N ASP B 321 -5.32 8.61 1.34
CA ASP B 321 -3.88 8.44 1.38
C ASP B 321 -3.56 7.04 1.90
N PRO B 322 -3.00 6.15 1.08
CA PRO B 322 -2.74 4.78 1.54
C PRO B 322 -1.80 4.67 2.73
N SER B 323 -1.07 5.72 3.09
CA SER B 323 -0.10 5.64 4.17
C SER B 323 -0.66 6.15 5.51
N LYS B 324 -1.89 6.63 5.53
CA LYS B 324 -2.48 7.16 6.76
C LYS B 324 -3.53 6.19 7.32
N ASP B 325 -3.63 6.15 8.64
CA ASP B 325 -4.63 5.31 9.28
C ASP B 325 -6.04 5.86 9.04
N LEU B 326 -7.02 4.96 9.05
CA LEU B 326 -8.42 5.34 8.98
C LEU B 326 -9.01 5.47 10.37
N ILE B 327 -9.85 6.49 10.55
CA ILE B 327 -10.54 6.73 11.81
C ILE B 327 -12.04 6.74 11.56
N ALA B 328 -12.80 6.11 12.45
CA ALA B 328 -14.25 6.07 12.36
C ALA B 328 -14.84 6.60 13.65
N GLU B 329 -15.74 7.57 13.53
CA GLU B 329 -16.52 8.07 14.65
C GLU B 329 -17.97 7.66 14.46
N ILE B 330 -18.64 7.37 15.57
CA ILE B 330 -20.02 6.89 15.57
C ILE B 330 -20.81 7.69 16.60
N GLN B 331 -21.98 8.17 16.21
CA GLN B 331 -22.90 8.84 17.11
C GLN B 331 -24.17 8.00 17.28
N LYS B 332 -24.56 7.79 18.53
CA LYS B 332 -25.85 7.21 18.84
C LYS B 332 -26.91 8.30 18.70
N GLN B 333 -27.77 8.19 17.69
CA GLN B 333 -28.79 9.19 17.44
C GLN B 333 -30.12 8.90 18.13
N GLY B 334 -30.26 7.73 18.74
CA GLY B 334 -31.50 7.32 19.37
C GLY B 334 -32.44 6.64 18.40
N GLN B 335 -33.35 5.83 18.97
CA GLN B 335 -34.36 5.12 18.18
C GLN B 335 -33.71 4.21 17.14
N GLY B 336 -32.65 3.51 17.54
CA GLY B 336 -31.95 2.59 16.65
C GLY B 336 -31.19 3.22 15.51
N GLN B 337 -31.03 4.55 15.49
CA GLN B 337 -30.27 5.22 14.44
C GLN B 337 -28.83 5.42 14.88
N TRP B 338 -27.90 5.19 13.96
CA TRP B 338 -26.48 5.32 14.25
C TRP B 338 -25.79 5.92 13.03
N THR B 339 -25.08 7.03 13.27
CA THR B 339 -24.35 7.75 12.23
C THR B 339 -22.85 7.52 12.42
N TYR B 340 -22.11 7.63 11.32
CA TYR B 340 -20.68 7.41 11.37
C TYR B 340 -20.00 8.20 10.28
N GLN B 341 -18.74 8.55 10.53
CA GLN B 341 -17.88 9.20 9.56
C GLN B 341 -16.53 8.52 9.58
N ILE B 342 -15.94 8.36 8.40
CA ILE B 342 -14.62 7.76 8.26
C ILE B 342 -13.70 8.81 7.65
N TYR B 343 -12.51 8.95 8.23
CA TYR B 343 -11.59 9.97 7.76
C TYR B 343 -10.18 9.58 8.15
N GLN B 344 -9.21 10.21 7.49
CA GLN B 344 -7.81 10.16 7.87
C GLN B 344 -7.33 11.48 8.47
N GLU B 345 -7.79 12.61 7.90
CA GLU B 345 -7.56 13.94 8.41
C GLU B 345 -8.88 14.54 8.90
N PRO B 346 -8.88 15.19 10.05
CA PRO B 346 -10.14 15.74 10.59
C PRO B 346 -10.81 16.68 9.61
N PHE B 347 -12.13 16.56 9.50
CA PHE B 347 -12.97 17.35 8.62
C PHE B 347 -12.79 17.01 7.15
N LYS B 348 -11.98 15.99 6.85
CA LYS B 348 -11.82 15.49 5.49
C LYS B 348 -12.37 14.06 5.42
N ASN B 349 -13.69 13.96 5.56
CA ASN B 349 -14.33 12.65 5.64
C ASN B 349 -14.31 11.94 4.29
N LEU B 350 -13.81 10.72 4.28
CA LEU B 350 -13.87 9.89 3.08
C LEU B 350 -15.23 9.24 2.89
N LYS B 351 -16.02 9.12 3.96
CA LYS B 351 -17.35 8.55 3.87
C LYS B 351 -18.12 8.91 5.13
N THR B 352 -19.41 9.16 4.96
CA THR B 352 -20.34 9.36 6.07
C THR B 352 -21.57 8.53 5.81
N GLY B 353 -22.10 7.89 6.85
CA GLY B 353 -23.21 6.99 6.68
C GLY B 353 -24.12 6.96 7.88
N LYS B 354 -25.20 6.19 7.76
CA LYS B 354 -26.16 5.99 8.83
C LYS B 354 -26.70 4.56 8.79
N TYR B 355 -26.87 3.98 9.97
CA TYR B 355 -27.48 2.67 10.12
C TYR B 355 -28.73 2.79 10.99
N ALA B 356 -29.70 1.93 10.72
CA ALA B 356 -30.91 1.89 11.52
C ALA B 356 -31.49 0.49 11.48
N ARG B 357 -32.27 0.16 12.52
CA ARG B 357 -32.99 -1.10 12.62
C ARG B 357 -32.06 -2.30 12.50
N MET B 358 -30.91 -2.23 13.16
CA MET B 358 -30.02 -3.37 13.25
C MET B 358 -30.50 -4.33 14.34
N ARG B 359 -29.85 -5.48 14.45
CA ARG B 359 -30.15 -6.38 15.55
C ARG B 359 -29.88 -5.65 16.86
N GLY B 360 -30.83 -5.72 17.78
CA GLY B 360 -30.69 -5.01 19.04
C GLY B 360 -31.50 -3.74 19.10
N ALA B 361 -31.98 -3.26 17.95
CA ALA B 361 -32.67 -1.98 17.91
C ALA B 361 -33.83 -1.96 18.87
N HIS B 362 -33.90 -0.87 19.65
CA HIS B 362 -34.94 -0.62 20.63
C HIS B 362 -34.82 -1.50 21.86
N THR B 363 -33.70 -2.20 22.03
CA THR B 363 -33.52 -3.01 23.23
C THR B 363 -32.10 -3.08 23.75
N ASN B 364 -31.07 -3.05 22.90
CA ASN B 364 -29.70 -3.28 23.34
C ASN B 364 -28.73 -2.36 22.61
N ASP B 365 -28.27 -1.32 23.30
CA ASP B 365 -27.30 -0.38 22.74
C ASP B 365 -26.00 -1.05 22.34
N VAL B 366 -25.49 -1.96 23.19
CA VAL B 366 -24.16 -2.51 22.94
C VAL B 366 -24.18 -3.44 21.75
N LYS B 367 -25.21 -4.28 21.62
CA LYS B 367 -25.29 -5.14 20.44
C LYS B 367 -25.37 -4.31 19.18
N GLN B 368 -26.19 -3.24 19.19
CA GLN B 368 -26.31 -2.40 18.01
C GLN B 368 -24.97 -1.77 17.67
N LEU B 369 -24.27 -1.24 18.68
CA LEU B 369 -22.98 -0.64 18.41
C LEU B 369 -21.99 -1.70 17.93
N THR B 370 -22.01 -2.87 18.56
CA THR B 370 -21.16 -3.96 18.07
C THR B 370 -21.44 -4.24 16.60
N GLU B 371 -22.71 -4.33 16.24
CA GLU B 371 -23.05 -4.51 14.84
C GLU B 371 -22.51 -3.37 13.98
N ALA B 372 -22.63 -2.12 14.47
CA ALA B 372 -22.17 -0.98 13.68
C ALA B 372 -20.68 -1.05 13.41
N VAL B 373 -19.89 -1.34 14.45
CA VAL B 373 -18.44 -1.46 14.28
C VAL B 373 -18.11 -2.53 13.23
N GLN B 374 -18.79 -3.67 13.28
CA GLN B 374 -18.54 -4.73 12.30
C GLN B 374 -18.91 -4.26 10.90
N LYS B 375 -20.06 -3.60 10.77
CA LYS B 375 -20.50 -3.11 9.46
C LYS B 375 -19.50 -2.12 8.89
N ILE B 376 -19.03 -1.18 9.70
CA ILE B 376 -18.12 -0.16 9.21
C ILE B 376 -16.78 -0.76 8.84
N THR B 377 -16.28 -1.68 9.67
CA THR B 377 -15.02 -2.36 9.34
C THR B 377 -15.14 -3.11 8.03
N THR B 378 -16.23 -3.86 7.87
CA THR B 378 -16.43 -4.61 6.62
C THR B 378 -16.44 -3.68 5.42
N GLU B 379 -17.01 -2.48 5.56
CA GLU B 379 -17.02 -1.54 4.45
C GLU B 379 -15.62 -0.97 4.19
N SER B 380 -14.86 -0.69 5.25
CA SER B 380 -13.51 -0.19 5.07
C SER B 380 -12.63 -1.21 4.34
N ILE B 381 -12.77 -2.48 4.71
CA ILE B 381 -11.97 -3.53 4.07
C ILE B 381 -12.28 -3.58 2.57
N VAL B 382 -13.56 -3.50 2.21
CA VAL B 382 -13.95 -3.57 0.81
C VAL B 382 -13.46 -2.36 0.04
N ILE B 383 -13.46 -1.19 0.67
CA ILE B 383 -13.19 0.06 -0.04
C ILE B 383 -11.70 0.39 -0.06
N TRP B 384 -10.99 0.15 1.05
CA TRP B 384 -9.60 0.54 1.15
C TRP B 384 -8.67 -0.59 1.58
N GLY B 385 -9.20 -1.76 1.93
CA GLY B 385 -8.34 -2.82 2.44
C GLY B 385 -7.72 -2.52 3.78
N LYS B 386 -8.30 -1.59 4.54
CA LYS B 386 -7.84 -1.26 5.88
C LYS B 386 -9.00 -1.37 6.85
N THR B 387 -8.67 -1.68 8.10
CA THR B 387 -9.72 -1.48 9.09
C THR B 387 -9.46 -0.20 9.87
N PRO B 388 -10.49 0.58 10.19
CA PRO B 388 -10.27 1.84 10.90
C PRO B 388 -10.11 1.65 12.40
N LYS B 389 -9.52 2.66 13.03
CA LYS B 389 -9.56 2.78 14.48
C LYS B 389 -10.82 3.53 14.87
N PHE B 390 -11.62 2.94 15.77
CA PHE B 390 -12.93 3.46 16.11
C PHE B 390 -12.89 4.36 17.34
N LYS B 391 -13.66 5.44 17.29
CA LYS B 391 -13.97 6.26 18.47
C LYS B 391 -15.38 5.91 18.92
N LEU B 392 -15.50 5.19 20.04
CA LEU B 392 -16.77 4.59 20.42
C LEU B 392 -17.50 5.45 21.45
N PRO B 393 -18.77 5.73 21.23
CA PRO B 393 -19.56 6.52 22.21
C PRO B 393 -20.10 5.65 23.34
N ILE B 394 -19.20 5.23 24.23
CA ILE B 394 -19.56 4.33 25.31
C ILE B 394 -18.48 4.38 26.36
N GLN B 395 -18.84 4.05 27.60
CA GLN B 395 -17.86 3.95 28.67
CA GLN B 395 -17.86 3.95 28.67
C GLN B 395 -17.05 2.67 28.53
N LYS B 396 -15.73 2.78 28.74
CA LYS B 396 -14.83 1.65 28.64
C LYS B 396 -15.37 0.41 29.35
N GLU B 397 -15.78 0.55 30.61
CA GLU B 397 -16.23 -0.62 31.35
C GLU B 397 -17.47 -1.23 30.72
N THR B 398 -18.41 -0.39 30.27
CA THR B 398 -19.63 -0.89 29.67
C THR B 398 -19.33 -1.70 28.41
N TRP B 399 -18.40 -1.22 27.59
CA TRP B 399 -18.05 -1.95 26.38
C TRP B 399 -17.31 -3.24 26.71
N GLU B 400 -16.28 -3.15 27.56
CA GLU B 400 -15.47 -4.33 27.84
C GLU B 400 -16.27 -5.42 28.54
N THR B 401 -17.41 -5.09 29.13
CA THR B 401 -18.20 -6.12 29.80
C THR B 401 -19.01 -6.96 28.83
N TRP B 402 -19.38 -6.43 27.67
CA TRP B 402 -20.38 -7.08 26.83
C TRP B 402 -19.99 -7.34 25.39
N TRP B 403 -19.03 -6.61 24.82
CA TRP B 403 -18.90 -6.62 23.36
C TRP B 403 -18.61 -8.02 22.83
N THR B 404 -17.93 -8.87 23.60
CA THR B 404 -17.61 -10.21 23.11
C THR B 404 -18.84 -11.10 22.99
N GLU B 405 -19.95 -10.75 23.65
CA GLU B 405 -21.17 -11.54 23.52
C GLU B 405 -21.81 -11.39 22.15
N TYR B 406 -21.42 -10.37 21.39
CA TYR B 406 -22.06 -10.08 20.12
C TYR B 406 -21.08 -10.03 18.95
N TRP B 407 -19.80 -10.31 19.17
CA TRP B 407 -18.83 -10.23 18.09
C TRP B 407 -18.97 -11.45 17.20
N GLN B 408 -19.04 -11.20 15.88
CA GLN B 408 -19.29 -12.26 14.92
C GLN B 408 -18.27 -12.30 13.81
N ALA B 409 -17.24 -11.44 13.87
CA ALA B 409 -16.19 -11.36 12.86
C ALA B 409 -14.92 -12.03 13.33
N THR B 410 -14.10 -12.48 12.37
CA THR B 410 -12.85 -13.14 12.71
C THR B 410 -11.72 -12.14 12.99
N TRP B 411 -11.92 -10.87 12.70
CA TRP B 411 -10.96 -9.82 13.03
C TRP B 411 -11.53 -8.90 14.12
N ILE B 412 -10.65 -8.09 14.69
CA ILE B 412 -11.02 -7.12 15.72
C ILE B 412 -10.31 -5.81 15.44
N PRO B 413 -11.04 -4.70 15.26
CA PRO B 413 -10.38 -3.42 14.99
C PRO B 413 -9.90 -2.76 16.27
N GLU B 414 -9.03 -1.78 16.09
CA GLU B 414 -8.57 -0.95 17.20
C GLU B 414 -9.68 0.00 17.61
N TRP B 415 -9.75 0.34 18.90
CA TRP B 415 -10.77 1.27 19.34
C TRP B 415 -10.33 2.05 20.57
N GLU B 416 -10.96 3.21 20.73
CA GLU B 416 -10.83 4.05 21.92
C GLU B 416 -12.21 4.57 22.26
N PHE B 417 -12.34 5.11 23.47
CA PHE B 417 -13.64 5.48 24.02
C PHE B 417 -13.74 6.99 24.22
N VAL B 418 -14.89 7.54 23.83
CA VAL B 418 -15.14 8.97 23.85
C VAL B 418 -16.49 9.23 24.52
N ASN B 419 -16.67 10.48 24.96
CA ASN B 419 -17.93 10.94 25.56
C ASN B 419 -18.17 12.37 25.09
N THR B 420 -18.86 12.51 23.96
CA THR B 420 -19.11 13.80 23.32
C THR B 420 -20.60 14.12 23.38
N PRO B 421 -21.05 14.88 24.38
CA PRO B 421 -22.44 15.31 24.39
C PRO B 421 -22.81 15.99 23.09
N PRO B 422 -23.98 15.67 22.51
CA PRO B 422 -24.38 16.25 21.22
C PRO B 422 -25.01 17.64 21.37
N LEU B 423 -24.15 18.65 21.44
CA LEU B 423 -24.66 20.02 21.53
C LEU B 423 -25.29 20.48 20.23
N VAL B 424 -24.78 20.00 19.09
CA VAL B 424 -25.36 20.28 17.79
C VAL B 424 -25.66 18.94 17.13
N LYS B 425 -26.94 18.70 16.83
CA LYS B 425 -27.30 17.51 16.07
C LYS B 425 -26.83 17.72 14.63
N LEU B 426 -25.58 17.36 14.39
CA LEU B 426 -24.92 17.69 13.13
C LEU B 426 -25.22 16.68 12.01
N TRP B 427 -25.22 15.39 12.31
CA TRP B 427 -25.40 14.37 11.30
C TRP B 427 -26.82 13.81 11.23
N TYR B 428 -27.72 14.24 12.12
CA TYR B 428 -29.07 13.70 12.11
C TYR B 428 -30.03 14.72 12.71
N GLN B 429 -31.03 15.11 11.93
CA GLN B 429 -32.02 16.08 12.37
C GLN B 429 -33.07 15.43 13.27
N PRO C 1 55.35 -20.25 -25.29
CA PRO C 1 54.66 -19.84 -26.52
C PRO C 1 53.19 -19.51 -26.28
N ILE C 2 52.80 -18.29 -26.62
CA ILE C 2 51.44 -17.82 -26.37
C ILE C 2 50.55 -18.22 -27.54
N SER C 3 49.24 -18.20 -27.30
CA SER C 3 48.28 -18.54 -28.35
C SER C 3 48.09 -17.36 -29.29
N PRO C 4 48.32 -17.52 -30.59
CA PRO C 4 48.14 -16.40 -31.52
C PRO C 4 46.65 -16.07 -31.69
N ILE C 5 46.32 -14.80 -31.50
CA ILE C 5 44.95 -14.32 -31.64
C ILE C 5 44.71 -14.01 -33.11
N GLU C 6 43.81 -14.76 -33.74
CA GLU C 6 43.58 -14.60 -35.18
C GLU C 6 43.26 -13.16 -35.53
N THR C 7 43.92 -12.66 -36.57
CA THR C 7 43.71 -11.29 -37.01
C THR C 7 42.30 -11.13 -37.57
N VAL C 8 41.74 -9.93 -37.39
CA VAL C 8 40.44 -9.60 -37.97
C VAL C 8 40.67 -8.95 -39.33
N PRO C 9 40.05 -9.44 -40.39
CA PRO C 9 40.24 -8.85 -41.72
C PRO C 9 39.71 -7.43 -41.79
N VAL C 10 40.51 -6.53 -42.35
CA VAL C 10 40.16 -5.12 -42.47
C VAL C 10 40.45 -4.65 -43.88
N LYS C 11 39.55 -3.80 -44.41
CA LYS C 11 39.68 -3.26 -45.75
C LYS C 11 39.38 -1.77 -45.73
N LEU C 12 39.82 -1.08 -46.77
CA LEU C 12 39.47 0.32 -46.97
C LEU C 12 38.20 0.44 -47.80
N LYS C 13 37.59 1.62 -47.74
CA LYS C 13 36.38 1.89 -48.49
C LYS C 13 36.66 1.84 -49.99
N PRO C 14 35.68 1.42 -50.80
CA PRO C 14 35.92 1.24 -52.23
C PRO C 14 36.51 2.49 -52.87
N GLY C 15 37.45 2.31 -53.79
CA GLY C 15 38.05 3.40 -54.51
C GLY C 15 38.86 4.37 -53.67
N MET C 16 39.12 4.06 -52.41
CA MET C 16 39.89 4.93 -51.54
C MET C 16 41.24 4.30 -51.22
N ASP C 17 42.25 5.17 -51.07
CA ASP C 17 43.62 4.76 -50.82
C ASP C 17 44.05 5.21 -49.43
N GLY C 18 45.22 4.72 -49.01
CA GLY C 18 45.76 5.00 -47.71
C GLY C 18 45.90 6.48 -47.42
N PRO C 19 46.20 6.83 -46.17
CA PRO C 19 46.30 8.24 -45.81
C PRO C 19 47.65 8.83 -46.17
N LYS C 20 47.63 10.13 -46.49
CA LYS C 20 48.87 10.85 -46.79
C LYS C 20 48.71 12.30 -46.32
N VAL C 21 49.09 12.55 -45.07
CA VAL C 21 48.99 13.86 -44.46
C VAL C 21 50.37 14.27 -43.98
N LYS C 22 50.62 15.58 -43.92
CA LYS C 22 51.91 16.08 -43.47
C LYS C 22 52.01 16.09 -41.95
N GLN C 23 52.96 16.85 -41.41
CA GLN C 23 53.21 16.92 -39.98
C GLN C 23 53.58 18.34 -39.58
N TRP C 24 53.11 18.76 -38.41
CA TRP C 24 53.51 20.05 -37.85
C TRP C 24 54.61 19.88 -36.81
N PRO C 25 55.40 20.92 -36.59
CA PRO C 25 56.49 20.84 -35.62
C PRO C 25 56.00 20.48 -34.23
N LEU C 26 56.82 19.73 -33.50
CA LEU C 26 56.56 19.33 -32.13
C LEU C 26 57.69 19.83 -31.24
N THR C 27 57.36 20.22 -30.03
CA THR C 27 58.37 20.69 -29.10
C THR C 27 59.37 19.57 -28.79
N GLU C 28 60.63 19.98 -28.58
CA GLU C 28 61.69 18.99 -28.35
C GLU C 28 61.37 18.10 -27.16
N GLU C 29 60.75 18.66 -26.12
CA GLU C 29 60.36 17.86 -24.97
C GLU C 29 59.45 16.71 -25.38
N LYS C 30 58.62 16.92 -26.40
CA LYS C 30 57.69 15.89 -26.84
C LYS C 30 58.35 14.90 -27.79
N ILE C 31 59.18 15.39 -28.71
CA ILE C 31 59.86 14.50 -29.65
C ILE C 31 60.71 13.48 -28.90
N LYS C 32 61.30 13.87 -27.77
CA LYS C 32 62.08 12.92 -26.99
C LYS C 32 61.19 11.90 -26.31
N ALA C 33 60.16 12.38 -25.58
CA ALA C 33 59.24 11.46 -24.93
C ALA C 33 58.57 10.53 -25.95
N LEU C 34 58.53 10.94 -27.22
CA LEU C 34 57.93 10.10 -28.25
C LEU C 34 58.85 8.94 -28.62
N VAL C 35 60.09 9.25 -29.02
CA VAL C 35 61.00 8.22 -29.52
C VAL C 35 61.26 7.15 -28.46
N GLU C 36 61.23 7.53 -27.18
CA GLU C 36 61.45 6.54 -26.12
C GLU C 36 60.42 5.43 -26.16
N ILE C 37 59.16 5.78 -26.44
CA ILE C 37 58.10 4.77 -26.46
C ILE C 37 58.20 3.91 -27.71
N CYS C 38 58.47 4.53 -28.86
CA CYS C 38 58.59 3.75 -30.10
C CYS C 38 59.70 2.72 -29.98
N THR C 39 60.83 3.09 -29.39
CA THR C 39 61.91 2.13 -29.22
C THR C 39 61.48 0.98 -28.34
N GLU C 40 60.68 1.27 -27.31
CA GLU C 40 60.12 0.21 -26.48
C GLU C 40 59.20 -0.70 -27.27
N MET C 41 58.40 -0.13 -28.17
CA MET C 41 57.48 -0.93 -28.96
C MET C 41 58.21 -1.85 -29.93
N GLU C 42 59.30 -1.38 -30.54
CA GLU C 42 60.07 -2.26 -31.42
C GLU C 42 60.64 -3.44 -30.64
N LYS C 43 61.24 -3.17 -29.48
CA LYS C 43 61.75 -4.26 -28.65
C LYS C 43 60.65 -5.27 -28.36
N GLU C 44 59.56 -4.80 -27.74
CA GLU C 44 58.42 -5.68 -27.50
C GLU C 44 57.80 -6.18 -28.79
N GLY C 45 58.16 -5.61 -29.94
CA GLY C 45 57.62 -6.01 -31.22
C GLY C 45 56.34 -5.31 -31.64
N LYS C 46 55.97 -4.21 -30.98
CA LYS C 46 54.71 -3.55 -31.27
C LYS C 46 54.75 -2.71 -32.54
N ILE C 47 55.93 -2.30 -33.01
CA ILE C 47 56.05 -1.45 -34.18
C ILE C 47 57.30 -1.85 -34.95
N SER C 48 57.15 -1.92 -36.29
CA SER C 48 58.25 -2.18 -37.20
C SER C 48 58.62 -0.89 -37.93
N LYS C 49 59.88 -0.81 -38.35
CA LYS C 49 60.39 0.39 -38.99
C LYS C 49 60.25 0.29 -40.50
N ILE C 50 60.00 1.44 -41.13
CA ILE C 50 59.68 1.53 -42.55
C ILE C 50 60.30 2.80 -43.10
N GLY C 51 60.54 2.81 -44.41
CA GLY C 51 61.18 3.94 -45.04
C GLY C 51 60.54 4.37 -46.35
N PRO C 52 61.31 4.34 -47.44
CA PRO C 52 60.81 4.89 -48.70
C PRO C 52 59.71 4.06 -49.36
N GLU C 53 59.73 2.74 -49.21
CA GLU C 53 58.71 1.96 -49.90
C GLU C 53 57.33 2.10 -49.30
N ASN C 54 57.13 2.97 -48.32
CA ASN C 54 55.81 3.19 -47.73
C ASN C 54 55.36 4.60 -48.05
N PRO C 55 54.37 4.79 -48.93
CA PRO C 55 53.97 6.15 -49.30
C PRO C 55 53.03 6.82 -48.31
N TYR C 56 52.52 6.11 -47.31
CA TYR C 56 51.50 6.65 -46.43
C TYR C 56 52.12 7.29 -45.19
N ASN C 57 51.33 8.11 -44.51
CA ASN C 57 51.77 8.76 -43.29
C ASN C 57 50.59 9.45 -42.62
N THR C 58 50.62 9.53 -41.30
CA THR C 58 49.58 10.18 -40.52
C THR C 58 50.23 10.97 -39.38
N PRO C 59 49.79 12.20 -39.14
CA PRO C 59 50.39 13.03 -38.09
C PRO C 59 50.27 12.39 -36.71
N VAL C 60 51.18 12.82 -35.83
CA VAL C 60 51.28 12.33 -34.46
C VAL C 60 51.38 13.51 -33.50
N PHE C 61 50.95 13.30 -32.27
CA PHE C 61 51.01 14.31 -31.22
C PHE C 61 51.16 13.61 -29.87
N ALA C 62 50.91 14.34 -28.78
CA ALA C 62 51.07 13.81 -27.44
C ALA C 62 50.28 14.65 -26.46
N ILE C 63 49.90 14.03 -25.33
CA ILE C 63 49.14 14.72 -24.27
C ILE C 63 49.57 14.17 -22.92
N LYS C 64 49.32 14.96 -21.88
CA LYS C 64 49.69 14.59 -20.52
C LYS C 64 48.57 13.82 -19.86
N LYS C 65 48.93 12.98 -18.88
CA LYS C 65 47.96 12.28 -18.07
C LYS C 65 47.62 13.09 -16.81
N LYS C 66 46.46 12.78 -16.24
CA LYS C 66 45.96 13.49 -15.05
C LYS C 66 46.79 13.10 -13.83
N ASP C 67 47.73 13.97 -13.44
CA ASP C 67 48.58 13.74 -12.27
C ASP C 67 49.29 12.38 -12.32
N SER C 68 49.92 12.11 -13.47
CA SER C 68 50.65 10.87 -13.65
C SER C 68 52.01 11.15 -14.26
N THR C 69 52.96 10.26 -13.99
CA THR C 69 54.32 10.37 -14.52
C THR C 69 54.49 9.66 -15.86
N LYS C 70 53.40 9.29 -16.53
CA LYS C 70 53.47 8.53 -17.77
C LYS C 70 52.71 9.25 -18.86
N TRP C 71 53.37 9.47 -20.00
CA TRP C 71 52.79 10.10 -21.16
C TRP C 71 52.01 9.11 -22.02
N ARG C 72 51.18 9.68 -22.89
CA ARG C 72 50.28 8.96 -23.78
C ARG C 72 50.59 9.28 -25.22
N LYS C 73 50.90 8.25 -26.01
CA LYS C 73 51.15 8.44 -27.44
C LYS C 73 49.83 8.42 -28.21
N LEU C 74 49.60 9.43 -29.04
CA LEU C 74 48.39 9.54 -29.83
C LEU C 74 48.73 9.83 -31.28
N VAL C 75 48.00 9.19 -32.19
CA VAL C 75 48.18 9.36 -33.63
C VAL C 75 46.86 9.83 -34.22
N ASP C 76 46.90 10.91 -35.01
CA ASP C 76 45.70 11.56 -35.53
C ASP C 76 45.24 10.86 -36.82
N PHE C 77 44.56 9.74 -36.64
CA PHE C 77 44.06 8.93 -37.75
C PHE C 77 42.73 9.44 -38.31
N ARG C 78 42.36 10.70 -38.04
CA ARG C 78 41.08 11.20 -38.55
C ARG C 78 40.94 11.01 -40.05
N GLU C 79 42.03 11.22 -40.80
CA GLU C 79 41.97 11.03 -42.24
C GLU C 79 41.86 9.55 -42.60
N LEU C 80 42.65 8.70 -41.94
CA LEU C 80 42.58 7.26 -42.21
C LEU C 80 41.21 6.69 -41.84
N ASN C 81 40.59 7.21 -40.78
CA ASN C 81 39.28 6.71 -40.38
C ASN C 81 38.25 6.94 -41.49
N LYS C 82 38.36 8.06 -42.20
CA LYS C 82 37.41 8.37 -43.26
C LYS C 82 37.47 7.34 -44.38
N ARG C 83 38.67 6.93 -44.77
CA ARG C 83 38.86 5.99 -45.87
C ARG C 83 38.75 4.54 -45.44
N THR C 84 38.60 4.26 -44.15
CA THR C 84 38.49 2.91 -43.64
C THR C 84 37.04 2.44 -43.66
N GLN C 85 36.87 1.13 -43.80
CA GLN C 85 35.54 0.55 -43.74
C GLN C 85 34.86 0.92 -42.44
N ASP C 86 33.53 0.80 -42.43
CA ASP C 86 32.75 1.04 -41.23
C ASP C 86 32.60 -0.24 -40.41
N PHE C 87 32.62 -0.10 -39.09
CA PHE C 87 32.45 -1.21 -38.17
C PHE C 87 31.13 -1.09 -37.45
N TRP C 88 30.67 -2.22 -36.91
CA TRP C 88 29.49 -2.24 -36.05
C TRP C 88 29.96 -2.40 -34.62
N GLU C 89 29.77 -1.36 -33.81
CA GLU C 89 30.25 -1.38 -32.43
C GLU C 89 29.55 -2.46 -31.63
N VAL C 90 30.34 -3.18 -30.82
CA VAL C 90 29.79 -4.20 -29.93
C VAL C 90 29.54 -3.65 -28.53
N GLN C 91 30.06 -2.48 -28.21
CA GLN C 91 29.78 -1.82 -26.94
C GLN C 91 28.43 -1.14 -27.04
N LEU C 92 27.41 -1.71 -26.38
CA LEU C 92 26.05 -1.20 -26.49
C LEU C 92 25.65 -0.27 -25.36
N GLY C 93 26.38 -0.27 -24.26
CA GLY C 93 26.04 0.60 -23.15
C GLY C 93 27.11 0.58 -22.09
N ILE C 94 26.83 1.26 -20.99
CA ILE C 94 27.75 1.39 -19.87
C ILE C 94 27.15 0.63 -18.68
N PRO C 95 27.87 -0.31 -18.09
CA PRO C 95 27.35 -0.99 -16.89
C PRO C 95 27.10 -0.01 -15.76
N HIS C 96 26.26 -0.45 -14.81
CA HIS C 96 25.95 0.40 -13.67
C HIS C 96 26.07 -0.42 -12.38
N PRO C 97 26.67 0.16 -11.34
CA PRO C 97 26.84 -0.60 -10.09
C PRO C 97 25.54 -1.03 -9.45
N ALA C 98 24.45 -0.28 -9.66
CA ALA C 98 23.16 -0.67 -9.12
C ALA C 98 22.62 -1.94 -9.77
N GLY C 99 23.16 -2.34 -10.91
CA GLY C 99 22.80 -3.60 -11.53
C GLY C 99 23.57 -4.79 -11.05
N LEU C 100 24.58 -4.56 -10.21
CA LEU C 100 25.41 -5.64 -9.68
C LEU C 100 24.73 -6.32 -8.51
N LYS C 101 24.91 -7.63 -8.40
CA LYS C 101 24.54 -8.33 -7.18
C LYS C 101 25.66 -8.19 -6.17
N LYS C 102 25.29 -8.18 -4.90
CA LYS C 102 26.29 -8.09 -3.84
C LYS C 102 27.17 -9.34 -3.86
N LYS C 103 28.47 -9.15 -3.65
CA LYS C 103 29.41 -10.26 -3.66
C LYS C 103 30.29 -10.24 -2.42
N LYS C 104 30.71 -11.44 -2.02
CA LYS C 104 31.57 -11.59 -0.85
C LYS C 104 33.03 -11.31 -1.20
N SER C 105 33.47 -11.69 -2.40
CA SER C 105 34.84 -11.47 -2.85
C SER C 105 34.83 -10.80 -4.21
N VAL C 106 35.67 -9.78 -4.37
CA VAL C 106 35.69 -8.95 -5.57
C VAL C 106 37.13 -8.61 -5.94
N THR C 107 37.36 -8.42 -7.24
CA THR C 107 38.65 -7.98 -7.74
C THR C 107 38.44 -7.02 -8.90
N VAL C 108 39.37 -6.10 -9.07
CA VAL C 108 39.34 -5.13 -10.17
C VAL C 108 40.73 -5.06 -10.79
N LEU C 109 40.81 -5.30 -12.10
CA LEU C 109 42.06 -5.35 -12.84
C LEU C 109 42.06 -4.37 -14.00
N ASP C 110 43.25 -4.19 -14.57
CA ASP C 110 43.46 -3.44 -15.81
C ASP C 110 44.52 -4.16 -16.64
N VAL C 111 44.22 -4.35 -17.92
CA VAL C 111 45.17 -4.94 -18.86
C VAL C 111 46.17 -3.88 -19.28
N GLY C 112 47.46 -4.17 -19.07
CA GLY C 112 48.49 -3.23 -19.47
C GLY C 112 48.68 -3.27 -20.98
N ASP C 113 48.67 -2.08 -21.59
CA ASP C 113 48.83 -1.94 -23.04
C ASP C 113 47.85 -2.84 -23.79
N ALA C 114 46.57 -2.50 -23.65
CA ALA C 114 45.51 -3.25 -24.30
C ALA C 114 45.68 -3.26 -25.82
N TYR C 115 45.58 -2.08 -26.43
CA TYR C 115 45.57 -2.00 -27.90
C TYR C 115 46.84 -2.60 -28.51
N PHE C 116 47.96 -2.54 -27.81
CA PHE C 116 49.24 -2.99 -28.35
C PHE C 116 49.49 -4.48 -28.18
N SER C 117 48.52 -5.23 -27.65
CA SER C 117 48.63 -6.68 -27.51
C SER C 117 47.70 -7.42 -28.47
N VAL C 118 47.20 -6.74 -29.50
CA VAL C 118 46.27 -7.30 -30.45
C VAL C 118 46.89 -7.22 -31.83
N PRO C 119 46.99 -8.33 -32.58
CA PRO C 119 47.69 -8.31 -33.87
C PRO C 119 46.83 -7.64 -34.94
N LEU C 120 47.38 -6.59 -35.55
CA LEU C 120 46.68 -5.92 -36.64
C LEU C 120 46.66 -6.79 -37.89
N ASP C 121 45.75 -6.46 -38.81
CA ASP C 121 45.67 -7.17 -40.08
C ASP C 121 46.94 -6.96 -40.88
N GLU C 122 47.49 -8.06 -41.40
CA GLU C 122 48.74 -7.99 -42.16
C GLU C 122 48.66 -6.95 -43.28
N ASP C 123 47.65 -7.07 -44.14
CA ASP C 123 47.59 -6.22 -45.33
C ASP C 123 47.29 -4.77 -45.00
N PHE C 124 46.77 -4.48 -43.81
CA PHE C 124 46.37 -3.12 -43.47
C PHE C 124 47.45 -2.32 -42.77
N ARG C 125 48.48 -2.98 -42.22
CA ARG C 125 49.49 -2.29 -41.43
C ARG C 125 50.19 -1.20 -42.24
N LYS C 126 50.24 -1.35 -43.57
CA LYS C 126 50.97 -0.39 -44.39
C LYS C 126 50.39 1.02 -44.28
N TYR C 127 49.08 1.12 -44.07
CA TYR C 127 48.41 2.42 -44.00
C TYR C 127 48.60 3.12 -42.65
N THR C 128 49.11 2.42 -41.64
CA THR C 128 49.32 2.99 -40.31
C THR C 128 50.61 3.79 -40.19
N ALA C 129 51.28 4.11 -41.29
CA ALA C 129 52.55 4.83 -41.22
C ALA C 129 52.37 6.19 -40.55
N PHE C 130 53.43 6.65 -39.88
CA PHE C 130 53.41 7.93 -39.19
C PHE C 130 54.84 8.45 -39.08
N THR C 131 54.96 9.78 -39.11
CA THR C 131 56.25 10.46 -39.07
C THR C 131 56.35 11.37 -37.86
N ILE C 132 57.56 11.49 -37.33
CA ILE C 132 57.86 12.38 -36.21
C ILE C 132 58.92 13.37 -36.69
N PRO C 133 58.80 14.66 -36.39
CA PRO C 133 59.74 15.63 -36.96
C PRO C 133 61.16 15.38 -36.45
N SER C 134 62.07 15.24 -37.41
CA SER C 134 63.49 15.05 -37.12
C SER C 134 64.16 16.32 -36.60
N ILE C 135 64.31 17.30 -37.48
CA ILE C 135 64.99 18.55 -37.15
C ILE C 135 64.11 19.66 -37.73
N ASN C 136 63.23 20.22 -36.89
CA ASN C 136 62.32 21.28 -37.33
C ASN C 136 61.70 20.93 -38.67
N ASN C 137 61.43 19.64 -38.88
CA ASN C 137 60.86 19.09 -40.11
C ASN C 137 61.79 19.20 -41.31
N GLU C 138 63.06 19.57 -41.12
CA GLU C 138 63.99 19.68 -42.24
C GLU C 138 64.39 18.32 -42.79
N THR C 139 64.92 17.45 -41.96
CA THR C 139 65.35 16.14 -42.43
C THR C 139 64.36 15.06 -42.01
N PRO C 140 64.47 13.87 -42.57
CA PRO C 140 63.47 12.82 -42.30
C PRO C 140 63.61 12.28 -40.89
N GLY C 141 62.48 12.26 -40.17
CA GLY C 141 62.40 11.60 -38.89
C GLY C 141 62.31 10.10 -39.05
N ILE C 142 62.11 9.42 -37.92
CA ILE C 142 62.02 7.97 -37.90
C ILE C 142 60.56 7.60 -38.13
N ARG C 143 60.31 6.89 -39.22
CA ARG C 143 58.97 6.47 -39.61
C ARG C 143 58.67 5.06 -39.12
N TYR C 144 57.39 4.79 -38.89
CA TYR C 144 56.96 3.50 -38.37
C TYR C 144 55.59 3.16 -38.95
N GLN C 145 55.27 1.87 -38.92
CA GLN C 145 53.95 1.36 -39.21
C GLN C 145 53.51 0.48 -38.04
N TYR C 146 52.22 0.54 -37.71
CA TYR C 146 51.72 -0.21 -36.57
C TYR C 146 51.53 -1.68 -36.91
N ASN C 147 51.93 -2.54 -35.99
CA ASN C 147 51.69 -3.98 -36.08
C ASN C 147 50.54 -4.42 -35.18
N VAL C 148 49.98 -3.52 -34.39
CA VAL C 148 48.92 -3.82 -33.43
C VAL C 148 47.92 -2.68 -33.45
N LEU C 149 46.87 -2.81 -32.64
CA LEU C 149 45.84 -1.79 -32.58
C LEU C 149 46.43 -0.48 -32.07
N PRO C 150 46.30 0.62 -32.81
CA PRO C 150 46.84 1.90 -32.33
C PRO C 150 45.75 2.79 -31.74
N GLN C 151 46.16 3.82 -31.01
CA GLN C 151 45.23 4.79 -30.46
C GLN C 151 44.97 5.89 -31.47
N GLY C 152 43.70 6.21 -31.68
CA GLY C 152 43.26 7.20 -32.65
C GLY C 152 42.54 6.61 -33.84
N TRP C 153 42.70 5.31 -34.09
CA TRP C 153 42.03 4.67 -35.20
C TRP C 153 40.64 4.23 -34.75
N LYS C 154 39.62 4.62 -35.53
CA LYS C 154 38.24 4.36 -35.14
C LYS C 154 37.95 2.87 -35.02
N GLY C 155 38.74 2.02 -35.68
CA GLY C 155 38.53 0.58 -35.59
C GLY C 155 39.18 -0.07 -34.38
N SER C 156 40.02 0.67 -33.66
CA SER C 156 40.75 0.07 -32.53
C SER C 156 39.82 -0.40 -31.41
N PRO C 157 38.89 0.42 -30.92
CA PRO C 157 38.07 -0.03 -29.78
C PRO C 157 37.29 -1.30 -30.07
N ALA C 158 36.56 -1.33 -31.19
CA ALA C 158 35.74 -2.49 -31.50
C ALA C 158 36.59 -3.75 -31.67
N ILE C 159 37.76 -3.60 -32.31
CA ILE C 159 38.61 -4.76 -32.55
C ILE C 159 39.09 -5.34 -31.22
N PHE C 160 39.71 -4.50 -30.38
CA PHE C 160 40.17 -4.97 -29.08
C PHE C 160 39.04 -5.53 -28.26
N GLN C 161 37.89 -4.87 -28.28
CA GLN C 161 36.76 -5.25 -27.42
C GLN C 161 36.18 -6.60 -27.85
N SER C 162 36.05 -6.83 -29.15
CA SER C 162 35.48 -8.09 -29.61
C SER C 162 36.46 -9.24 -29.40
N SER C 163 37.75 -9.02 -29.70
CA SER C 163 38.74 -10.06 -29.45
C SER C 163 38.87 -10.35 -27.96
N MET C 164 38.84 -9.31 -27.12
CA MET C 164 38.93 -9.52 -25.69
C MET C 164 37.84 -10.45 -25.17
N THR C 165 36.66 -10.40 -25.78
CA THR C 165 35.58 -11.28 -25.36
C THR C 165 35.77 -12.70 -25.88
N LYS C 166 36.34 -12.86 -27.08
CA LYS C 166 36.59 -14.19 -27.62
C LYS C 166 37.52 -14.99 -26.72
N ILE C 167 38.45 -14.31 -26.03
CA ILE C 167 39.37 -15.00 -25.15
C ILE C 167 38.67 -15.43 -23.86
N LEU C 168 37.78 -14.58 -23.34
CA LEU C 168 37.11 -14.88 -22.09
C LEU C 168 36.05 -15.98 -22.23
N GLU C 169 35.57 -16.22 -23.44
CA GLU C 169 34.45 -17.14 -23.64
C GLU C 169 34.65 -18.50 -22.99
N PRO C 170 35.78 -19.20 -23.18
CA PRO C 170 35.91 -20.52 -22.55
C PRO C 170 36.04 -20.46 -21.05
N PHE C 171 36.68 -19.41 -20.51
CA PHE C 171 36.87 -19.33 -19.07
C PHE C 171 35.56 -19.08 -18.35
N LYS C 172 34.73 -18.17 -18.86
CA LYS C 172 33.46 -17.86 -18.20
C LYS C 172 32.52 -19.05 -18.23
N LYS C 173 32.43 -19.75 -19.36
CA LYS C 173 31.52 -20.89 -19.44
C LYS C 173 31.96 -22.01 -18.50
N GLN C 174 33.26 -22.20 -18.35
CA GLN C 174 33.80 -23.23 -17.48
C GLN C 174 33.90 -22.80 -16.03
N ASN C 175 33.43 -21.60 -15.69
CA ASN C 175 33.43 -21.10 -14.32
C ASN C 175 32.14 -20.31 -14.09
N PRO C 176 31.00 -21.02 -14.00
CA PRO C 176 29.72 -20.31 -13.83
C PRO C 176 29.56 -19.69 -12.44
N ASP C 177 30.33 -20.13 -11.45
CA ASP C 177 30.26 -19.54 -10.12
C ASP C 177 30.81 -18.13 -10.06
N ILE C 178 31.24 -17.57 -11.19
CA ILE C 178 31.94 -16.30 -11.23
C ILE C 178 31.16 -15.31 -12.09
N VAL C 179 31.31 -14.04 -11.75
CA VAL C 179 30.75 -12.93 -12.51
C VAL C 179 31.92 -12.09 -13.00
N ILE C 180 31.92 -11.79 -14.30
CA ILE C 180 32.99 -11.00 -14.90
C ILE C 180 32.34 -9.92 -15.75
N TYR C 181 32.54 -8.66 -15.35
CA TYR C 181 32.09 -7.50 -16.12
C TYR C 181 33.26 -7.01 -16.95
N GLN C 182 33.18 -7.22 -18.26
CA GLN C 182 34.25 -6.81 -19.17
C GLN C 182 33.84 -5.53 -19.89
N TYR C 183 34.59 -4.46 -19.65
CA TYR C 183 34.40 -3.16 -20.30
C TYR C 183 35.74 -2.73 -20.86
N MET C 184 35.95 -2.95 -22.16
CA MET C 184 37.23 -2.65 -22.80
C MET C 184 38.29 -3.50 -22.11
N ASP C 185 39.34 -2.92 -21.55
CA ASP C 185 40.32 -3.70 -20.80
C ASP C 185 40.00 -3.78 -19.30
N ASP C 186 39.13 -2.89 -18.80
CA ASP C 186 38.70 -2.98 -17.41
C ASP C 186 37.96 -4.29 -17.17
N LEU C 187 38.20 -4.89 -16.01
CA LEU C 187 37.63 -6.20 -15.70
C LEU C 187 37.19 -6.28 -14.25
N TYR C 188 35.93 -6.64 -14.05
CA TYR C 188 35.34 -6.87 -12.74
C TYR C 188 35.10 -8.36 -12.55
N VAL C 189 35.53 -8.90 -11.41
CA VAL C 189 35.43 -10.33 -11.14
C VAL C 189 35.01 -10.52 -9.69
N GLY C 190 33.86 -11.15 -9.48
CA GLY C 190 33.34 -11.37 -8.14
C GLY C 190 32.76 -12.76 -8.00
N SER C 191 32.80 -13.27 -6.76
CA SER C 191 32.23 -14.57 -6.45
C SER C 191 31.84 -14.60 -4.98
N ASP C 192 30.98 -15.56 -4.64
CA ASP C 192 30.63 -15.84 -3.26
C ASP C 192 31.49 -16.95 -2.67
N LEU C 193 32.58 -17.30 -3.34
CA LEU C 193 33.49 -18.33 -2.85
C LEU C 193 34.28 -17.84 -1.64
N GLU C 194 34.86 -18.78 -0.91
CA GLU C 194 35.80 -18.43 0.14
C GLU C 194 36.94 -17.59 -0.45
N ILE C 195 37.38 -16.60 0.33
CA ILE C 195 38.33 -15.62 -0.19
C ILE C 195 39.55 -16.29 -0.78
N GLY C 196 39.98 -17.41 -0.18
CA GLY C 196 41.13 -18.12 -0.72
C GLY C 196 40.85 -18.70 -2.10
N GLN C 197 39.70 -19.35 -2.25
CA GLN C 197 39.31 -19.85 -3.57
C GLN C 197 39.16 -18.72 -4.57
N HIS C 198 38.66 -17.57 -4.14
CA HIS C 198 38.51 -16.43 -5.03
C HIS C 198 39.85 -16.03 -5.64
N ARG C 199 40.85 -15.83 -4.79
CA ARG C 199 42.18 -15.47 -5.30
C ARG C 199 42.77 -16.57 -6.16
N THR C 200 42.47 -17.83 -5.86
CA THR C 200 42.95 -18.93 -6.68
C THR C 200 42.38 -18.84 -8.09
N LYS C 201 41.05 -18.82 -8.21
CA LYS C 201 40.43 -18.66 -9.52
C LYS C 201 40.90 -17.39 -10.21
N ILE C 202 41.19 -16.34 -9.44
CA ILE C 202 41.66 -15.08 -10.02
C ILE C 202 42.98 -15.30 -10.76
N GLU C 203 43.93 -16.00 -10.14
CA GLU C 203 45.21 -16.24 -10.79
C GLU C 203 45.07 -17.12 -12.02
N GLU C 204 44.15 -18.08 -11.98
CA GLU C 204 43.85 -18.88 -13.17
C GLU C 204 43.49 -17.99 -14.34
N LEU C 205 42.72 -16.92 -14.09
CA LEU C 205 42.35 -16.00 -15.16
C LEU C 205 43.55 -15.22 -15.67
N ARG C 206 44.36 -14.68 -14.77
CA ARG C 206 45.56 -13.95 -15.18
C ARG C 206 46.43 -14.80 -16.08
N GLN C 207 46.60 -16.08 -15.74
CA GLN C 207 47.37 -16.97 -16.58
C GLN C 207 46.67 -17.18 -17.92
N HIS C 208 45.36 -17.41 -17.90
CA HIS C 208 44.61 -17.55 -19.14
C HIS C 208 44.83 -16.36 -20.06
N LEU C 209 44.74 -15.15 -19.52
CA LEU C 209 44.98 -13.96 -20.32
C LEU C 209 46.43 -13.90 -20.78
N LEU C 210 47.37 -14.15 -19.87
CA LEU C 210 48.78 -14.12 -20.23
C LEU C 210 49.11 -15.12 -21.33
N ARG C 211 48.31 -16.18 -21.48
CA ARG C 211 48.57 -17.15 -22.53
C ARG C 211 48.23 -16.60 -23.91
N TRP C 212 47.46 -15.51 -23.98
CA TRP C 212 47.12 -14.86 -25.24
C TRP C 212 47.80 -13.50 -25.38
N GLY C 213 48.85 -13.24 -24.60
CA GLY C 213 49.57 -12.00 -24.69
C GLY C 213 49.02 -10.85 -23.88
N LEU C 214 48.12 -11.13 -22.93
CA LEU C 214 47.46 -10.09 -22.14
C LEU C 214 48.05 -10.09 -20.74
N THR C 215 48.69 -8.97 -20.38
CA THR C 215 49.32 -8.83 -19.08
C THR C 215 48.31 -8.29 -18.07
N THR C 216 48.53 -8.66 -16.80
CA THR C 216 47.70 -8.20 -15.69
C THR C 216 48.62 -7.56 -14.65
N PRO C 217 48.99 -6.30 -14.85
CA PRO C 217 49.93 -5.65 -13.93
C PRO C 217 49.37 -5.57 -12.51
N ASP C 218 50.28 -5.63 -11.54
CA ASP C 218 49.91 -5.49 -10.14
C ASP C 218 49.63 -4.05 -9.75
N LYS C 219 50.15 -3.08 -10.53
CA LYS C 219 49.83 -1.68 -10.26
C LYS C 219 48.34 -1.42 -10.41
N LYS C 220 47.68 -2.11 -11.33
CA LYS C 220 46.25 -1.97 -11.56
C LYS C 220 45.46 -3.09 -10.93
N HIS C 221 46.09 -3.93 -10.11
CA HIS C 221 45.44 -5.08 -9.48
C HIS C 221 44.87 -4.65 -8.13
N GLN C 222 43.55 -4.47 -8.07
CA GLN C 222 42.88 -4.10 -6.84
C GLN C 222 42.37 -5.35 -6.14
N LYS C 223 42.83 -5.57 -4.89
CA LYS C 223 42.38 -6.69 -4.08
C LYS C 223 41.57 -6.27 -2.87
N GLU C 224 41.66 -5.01 -2.45
CA GLU C 224 41.06 -4.56 -1.21
C GLU C 224 40.03 -3.47 -1.51
N PRO C 225 38.85 -3.53 -0.88
CA PRO C 225 37.87 -2.46 -1.04
C PRO C 225 38.33 -1.21 -0.31
N PRO C 226 37.74 -0.04 -0.63
CA PRO C 226 36.72 0.09 -1.68
C PRO C 226 37.32 -0.01 -3.07
N PHE C 227 36.76 -0.88 -3.90
CA PHE C 227 37.26 -1.07 -5.26
C PHE C 227 36.79 0.08 -6.14
N LEU C 228 37.71 0.69 -6.87
CA LEU C 228 37.40 1.75 -7.82
C LEU C 228 37.07 1.12 -9.16
N TRP C 229 35.89 1.44 -9.69
CA TRP C 229 35.41 0.77 -10.91
C TRP C 229 34.35 1.65 -11.56
N MET C 230 34.58 2.01 -12.83
CA MET C 230 33.62 2.77 -13.62
C MET C 230 33.31 4.13 -13.00
N GLY C 231 34.26 4.70 -12.27
CA GLY C 231 34.07 5.99 -11.65
C GLY C 231 33.34 5.97 -10.33
N TYR C 232 33.13 4.78 -9.75
CA TYR C 232 32.45 4.64 -8.47
C TYR C 232 33.41 4.07 -7.44
N GLU C 233 32.88 3.84 -6.25
CA GLU C 233 33.59 3.16 -5.17
C GLU C 233 32.72 2.01 -4.68
N LEU C 234 33.21 0.78 -4.79
CA LEU C 234 32.44 -0.40 -4.44
C LEU C 234 32.88 -0.90 -3.08
N HIS C 235 32.00 -0.79 -2.09
CA HIS C 235 32.19 -1.34 -0.76
C HIS C 235 31.49 -2.67 -0.64
N PRO C 236 31.75 -3.42 0.45
CA PRO C 236 31.12 -4.74 0.59
C PRO C 236 29.61 -4.69 0.54
N ASP C 237 28.97 -3.78 1.28
CA ASP C 237 27.52 -3.73 1.39
C ASP C 237 26.89 -2.58 0.61
N LYS C 238 27.67 -1.59 0.22
CA LYS C 238 27.14 -0.40 -0.46
C LYS C 238 28.12 0.05 -1.52
N TRP C 239 27.61 0.86 -2.44
CA TRP C 239 28.42 1.50 -3.47
C TRP C 239 28.15 2.99 -3.45
N THR C 240 29.05 3.74 -4.09
CA THR C 240 28.87 5.19 -4.18
C THR C 240 29.70 5.71 -5.33
N VAL C 241 29.37 6.91 -5.79
CA VAL C 241 30.13 7.57 -6.84
C VAL C 241 31.38 8.20 -6.23
N GLN C 242 32.40 8.37 -7.06
CA GLN C 242 33.60 9.05 -6.61
C GLN C 242 33.32 10.54 -6.44
N PRO C 243 34.04 11.20 -5.53
CA PRO C 243 33.69 12.58 -5.18
C PRO C 243 33.60 13.47 -6.40
N ILE C 244 32.62 14.38 -6.38
CA ILE C 244 32.35 15.29 -7.48
C ILE C 244 32.82 16.68 -7.08
N VAL C 245 33.53 17.34 -8.00
CA VAL C 245 34.14 18.65 -7.77
C VAL C 245 33.22 19.71 -8.35
N LEU C 246 32.63 20.52 -7.48
CA LEU C 246 31.74 21.60 -7.90
C LEU C 246 32.53 22.88 -8.06
N PRO C 247 32.52 23.52 -9.23
CA PRO C 247 33.22 24.79 -9.41
C PRO C 247 32.66 25.88 -8.50
N GLU C 248 33.56 26.59 -7.82
CA GLU C 248 33.19 27.68 -6.93
C GLU C 248 33.43 29.05 -7.56
N LYS C 249 33.53 29.12 -8.88
CA LYS C 249 33.80 30.39 -9.55
C LYS C 249 32.73 31.41 -9.16
N ASP C 250 33.18 32.64 -8.87
CA ASP C 250 32.25 33.70 -8.50
C ASP C 250 31.72 34.47 -9.69
N SER C 251 32.38 34.38 -10.84
CA SER C 251 31.93 34.98 -12.08
C SER C 251 31.75 33.86 -13.10
N TRP C 252 30.52 33.60 -13.50
CA TRP C 252 30.19 32.44 -14.31
C TRP C 252 30.16 32.82 -15.78
N THR C 253 30.93 32.08 -16.59
CA THR C 253 30.87 32.19 -18.04
C THR C 253 29.87 31.17 -18.59
N VAL C 254 29.67 31.20 -19.89
CA VAL C 254 28.81 30.19 -20.53
C VAL C 254 29.40 28.80 -20.33
N ASN C 255 30.72 28.66 -20.55
CA ASN C 255 31.36 27.36 -20.41
C ASN C 255 31.30 26.85 -18.98
N ASP C 256 31.39 27.74 -17.99
CA ASP C 256 31.27 27.32 -16.60
C ASP C 256 29.93 26.65 -16.35
N ILE C 257 28.85 27.30 -16.79
CA ILE C 257 27.50 26.77 -16.55
C ILE C 257 27.31 25.45 -17.28
N GLN C 258 27.85 25.32 -18.49
CA GLN C 258 27.75 24.05 -19.22
C GLN C 258 28.42 22.93 -18.44
N LYS C 259 29.65 23.16 -17.97
CA LYS C 259 30.34 22.16 -17.19
C LYS C 259 29.61 21.86 -15.89
N LEU C 260 29.02 22.89 -15.28
CA LEU C 260 28.32 22.70 -14.00
C LEU C 260 27.11 21.79 -14.18
N VAL C 261 26.25 22.09 -15.15
CA VAL C 261 25.08 21.26 -15.39
C VAL C 261 25.50 19.85 -15.75
N GLY C 262 26.64 19.69 -16.43
CA GLY C 262 27.12 18.36 -16.76
C GLY C 262 27.43 17.54 -15.53
N LYS C 263 28.16 18.12 -14.58
CA LYS C 263 28.49 17.40 -13.35
C LYS C 263 27.25 17.16 -12.52
N LEU C 264 26.31 18.11 -12.49
CA LEU C 264 25.08 17.92 -11.75
C LEU C 264 24.27 16.75 -12.30
N ASN C 265 24.18 16.64 -13.63
CA ASN C 265 23.53 15.48 -14.23
C ASN C 265 24.20 14.20 -13.77
N TRP C 266 25.53 14.15 -13.86
CA TRP C 266 26.25 12.97 -13.41
C TRP C 266 25.96 12.65 -11.95
N ALA C 267 25.76 13.67 -11.12
CA ALA C 267 25.47 13.46 -9.71
C ALA C 267 24.04 12.99 -9.47
N SER C 268 23.12 13.26 -10.40
CA SER C 268 21.72 12.91 -10.18
C SER C 268 21.47 11.41 -10.16
N GLN C 269 22.44 10.59 -10.58
CA GLN C 269 22.24 9.15 -10.60
C GLN C 269 22.22 8.54 -9.20
N ILE C 270 22.66 9.28 -8.18
CA ILE C 270 22.64 8.77 -6.81
C ILE C 270 22.18 9.85 -5.85
N TYR C 271 22.45 11.11 -6.18
CA TYR C 271 22.02 12.23 -5.36
C TYR C 271 20.61 12.64 -5.76
N PRO C 272 19.61 12.46 -4.90
CA PRO C 272 18.23 12.77 -5.28
C PRO C 272 17.90 14.25 -5.14
N GLY C 273 17.04 14.72 -6.05
CA GLY C 273 16.52 16.06 -5.98
C GLY C 273 17.25 17.11 -6.80
N ILE C 274 18.21 16.70 -7.64
CA ILE C 274 18.97 17.66 -8.42
C ILE C 274 18.07 18.32 -9.45
N LYS C 275 18.21 19.65 -9.59
CA LYS C 275 17.49 20.41 -10.59
C LYS C 275 18.49 21.24 -11.39
N VAL C 276 18.23 21.39 -12.69
CA VAL C 276 19.14 22.14 -13.56
C VAL C 276 18.32 23.02 -14.51
N ARG C 277 17.02 23.12 -14.26
CA ARG C 277 16.16 23.91 -15.14
C ARG C 277 16.59 25.37 -15.18
N GLN C 278 16.69 26.01 -14.02
CA GLN C 278 16.99 27.44 -13.99
C GLN C 278 18.43 27.73 -14.41
N LEU C 279 19.36 26.81 -14.11
CA LEU C 279 20.74 26.99 -14.55
C LEU C 279 20.85 26.86 -16.06
N SER C 280 20.22 25.83 -16.63
CA SER C 280 20.26 25.64 -18.08
C SER C 280 19.60 26.81 -18.81
N LYS C 281 18.59 27.43 -18.19
CA LYS C 281 17.94 28.58 -18.81
C LYS C 281 18.94 29.69 -19.07
N LEU C 282 20.02 29.76 -18.28
CA LEU C 282 21.06 30.75 -18.53
C LEU C 282 21.78 30.49 -19.85
N LEU C 283 21.80 29.23 -20.30
CA LEU C 283 22.51 28.86 -21.51
C LEU C 283 21.73 29.19 -22.78
N ARG C 284 20.42 29.45 -22.67
CA ARG C 284 19.62 29.69 -23.86
C ARG C 284 20.12 30.93 -24.58
N GLY C 285 20.60 30.73 -25.81
CA GLY C 285 21.15 31.80 -26.62
C GLY C 285 22.45 31.35 -27.25
N THR C 286 22.72 31.89 -28.44
CA THR C 286 23.92 31.53 -29.20
C THR C 286 25.12 32.39 -28.75
N LYS C 287 25.37 32.34 -27.45
CA LYS C 287 26.43 33.11 -26.84
C LYS C 287 27.77 32.38 -26.92
N ALA C 288 28.84 33.15 -26.97
CA ALA C 288 30.18 32.56 -26.97
C ALA C 288 30.44 31.88 -25.63
N LEU C 289 31.32 30.88 -25.65
CA LEU C 289 31.62 30.11 -24.45
C LEU C 289 32.24 30.96 -23.35
N THR C 290 32.83 32.10 -23.70
CA THR C 290 33.53 32.93 -22.72
C THR C 290 32.67 34.05 -22.15
N GLU C 291 31.53 34.35 -22.75
CA GLU C 291 30.69 35.42 -22.26
C GLU C 291 30.27 35.15 -20.82
N VAL C 292 30.37 36.16 -19.98
CA VAL C 292 29.98 36.04 -18.58
C VAL C 292 28.47 36.27 -18.47
N ILE C 293 27.81 35.42 -17.69
CA ILE C 293 26.38 35.48 -17.48
C ILE C 293 26.12 35.72 -16.00
N PRO C 294 25.31 36.71 -15.63
CA PRO C 294 24.96 36.88 -14.21
C PRO C 294 23.86 35.91 -13.82
N LEU C 295 24.11 35.16 -12.74
CA LEU C 295 23.15 34.15 -12.30
C LEU C 295 21.86 34.81 -11.84
N THR C 296 20.73 34.29 -12.32
CA THR C 296 19.45 34.78 -11.87
C THR C 296 19.22 34.39 -10.42
N GLU C 297 18.28 35.09 -9.78
CA GLU C 297 17.92 34.73 -8.41
C GLU C 297 17.45 33.27 -8.34
N GLU C 298 16.71 32.82 -9.35
CA GLU C 298 16.27 31.43 -9.38
C GLU C 298 17.44 30.50 -9.63
N ALA C 299 18.28 30.84 -10.62
CA ALA C 299 19.45 30.01 -10.89
C ALA C 299 20.39 29.99 -9.69
N GLU C 300 20.50 31.12 -8.99
CA GLU C 300 21.35 31.17 -7.80
C GLU C 300 20.76 30.31 -6.68
N LEU C 301 19.43 30.34 -6.52
CA LEU C 301 18.78 29.49 -5.53
C LEU C 301 18.83 28.03 -5.95
N GLU C 302 18.60 27.75 -7.22
CA GLU C 302 18.72 26.39 -7.72
C GLU C 302 20.10 25.83 -7.44
N LEU C 303 21.14 26.64 -7.68
CA LEU C 303 22.50 26.22 -7.34
C LEU C 303 22.65 26.00 -5.84
N ALA C 304 22.05 26.88 -5.03
CA ALA C 304 22.16 26.72 -3.59
C ALA C 304 21.51 25.43 -3.12
N GLU C 305 20.32 25.12 -3.65
CA GLU C 305 19.64 23.88 -3.28
C GLU C 305 20.49 22.68 -3.68
N ASN C 306 21.11 22.71 -4.86
CA ASN C 306 21.93 21.60 -5.28
C ASN C 306 23.15 21.43 -4.37
N ARG C 307 23.83 22.53 -4.04
CA ARG C 307 24.96 22.44 -3.12
C ARG C 307 24.57 21.82 -1.79
N GLU C 308 23.40 22.19 -1.26
CA GLU C 308 22.97 21.61 0.01
C GLU C 308 22.77 20.10 -0.09
N ILE C 309 22.40 19.61 -1.28
CA ILE C 309 22.21 18.18 -1.45
C ILE C 309 23.54 17.45 -1.46
N LEU C 310 24.56 18.05 -2.08
CA LEU C 310 25.85 17.37 -2.20
C LEU C 310 26.69 17.42 -0.93
N LYS C 311 26.42 18.36 -0.02
CA LYS C 311 27.11 18.35 1.25
C LYS C 311 26.95 17.02 1.96
N GLU C 312 25.76 16.42 1.85
CA GLU C 312 25.47 15.16 2.52
C GLU C 312 25.92 13.98 1.66
N PRO C 313 26.53 12.97 2.29
CA PRO C 313 27.04 11.82 1.53
C PRO C 313 25.95 10.80 1.25
N VAL C 314 25.81 10.41 -0.01
CA VAL C 314 24.79 9.46 -0.46
C VAL C 314 25.49 8.18 -0.93
N HIS C 315 24.84 7.05 -0.67
CA HIS C 315 25.34 5.75 -1.11
C HIS C 315 24.19 4.93 -1.68
N GLY C 316 24.48 4.16 -2.72
CA GLY C 316 23.53 3.22 -3.27
C GLY C 316 23.76 1.80 -2.76
N VAL C 317 22.77 0.94 -2.98
CA VAL C 317 22.85 -0.46 -2.60
C VAL C 317 22.91 -1.31 -3.87
N TYR C 318 23.04 -2.62 -3.71
CA TYR C 318 23.15 -3.55 -4.84
C TYR C 318 21.81 -4.22 -5.11
N TYR C 319 21.78 -5.03 -6.17
CA TYR C 319 20.56 -5.59 -6.71
C TYR C 319 20.32 -6.99 -6.16
N ASP C 320 19.10 -7.24 -5.67
CA ASP C 320 18.68 -8.55 -5.21
C ASP C 320 17.60 -9.06 -6.15
N PRO C 321 17.92 -10.00 -7.05
CA PRO C 321 16.93 -10.40 -8.06
C PRO C 321 15.67 -11.02 -7.51
N SER C 322 15.70 -11.59 -6.29
CA SER C 322 14.50 -12.23 -5.77
C SER C 322 13.38 -11.25 -5.44
N LYS C 323 13.68 -9.95 -5.38
CA LYS C 323 12.71 -8.94 -5.01
C LYS C 323 12.37 -8.07 -6.22
N ASP C 324 11.15 -7.54 -6.21
CA ASP C 324 10.72 -6.65 -7.28
C ASP C 324 11.45 -5.32 -7.20
N LEU C 325 11.44 -4.61 -8.31
CA LEU C 325 11.99 -3.26 -8.40
C LEU C 325 10.88 -2.24 -8.18
N ILE C 326 11.15 -1.24 -7.35
CA ILE C 326 10.22 -0.15 -7.09
C ILE C 326 10.79 1.13 -7.68
N ALA C 327 9.95 1.90 -8.35
CA ALA C 327 10.32 3.21 -8.89
C ALA C 327 9.31 4.23 -8.39
N GLU C 328 9.80 5.26 -7.70
CA GLU C 328 8.96 6.30 -7.13
C GLU C 328 9.32 7.64 -7.74
N ILE C 329 8.30 8.39 -8.17
CA ILE C 329 8.48 9.64 -8.89
C ILE C 329 7.87 10.78 -8.08
N GLN C 330 8.52 11.94 -8.10
CA GLN C 330 8.00 13.15 -7.48
C GLN C 330 8.07 14.29 -8.48
N LYS C 331 7.05 15.14 -8.46
CA LYS C 331 7.05 16.34 -9.30
C LYS C 331 7.83 17.44 -8.60
N GLN C 332 8.71 18.10 -9.35
CA GLN C 332 9.56 19.14 -8.80
C GLN C 332 9.21 20.54 -9.30
N GLY C 333 8.29 20.67 -10.23
CA GLY C 333 7.91 21.98 -10.71
C GLY C 333 8.65 22.36 -11.99
N GLN C 334 7.99 23.15 -12.82
CA GLN C 334 8.56 23.60 -14.09
C GLN C 334 9.02 22.41 -14.93
N GLY C 335 8.13 21.43 -15.09
CA GLY C 335 8.44 20.29 -15.93
C GLY C 335 9.65 19.49 -15.48
N GLN C 336 9.92 19.47 -14.18
CA GLN C 336 11.05 18.72 -13.63
C GLN C 336 10.53 17.55 -12.81
N TRP C 337 11.19 16.41 -12.93
CA TRP C 337 10.77 15.20 -12.24
C TRP C 337 11.99 14.44 -11.78
N THR C 338 12.04 14.12 -10.49
CA THR C 338 13.07 13.27 -9.92
C THR C 338 12.45 11.94 -9.53
N TYR C 339 13.30 10.91 -9.45
CA TYR C 339 12.79 9.59 -9.08
C TYR C 339 13.86 8.84 -8.29
N GLN C 340 13.40 7.78 -7.61
CA GLN C 340 14.27 6.86 -6.91
C GLN C 340 13.84 5.44 -7.23
N ILE C 341 14.82 4.55 -7.38
CA ILE C 341 14.57 3.13 -7.56
C ILE C 341 15.18 2.39 -6.38
N TYR C 342 14.41 1.46 -5.81
CA TYR C 342 14.84 0.71 -4.65
C TYR C 342 14.06 -0.58 -4.59
N GLN C 343 14.57 -1.52 -3.78
CA GLN C 343 13.87 -2.76 -3.48
C GLN C 343 13.40 -2.83 -2.04
N GLU C 344 14.15 -2.25 -1.10
CA GLU C 344 13.67 -2.07 0.25
C GLU C 344 13.57 -0.58 0.56
N PRO C 345 12.54 -0.17 1.32
CA PRO C 345 12.30 1.26 1.51
C PRO C 345 13.50 1.97 2.12
N PHE C 346 13.82 3.13 1.56
CA PHE C 346 14.84 4.07 2.00
C PHE C 346 16.26 3.62 1.65
N LYS C 347 16.43 2.52 0.92
CA LYS C 347 17.74 2.06 0.47
C LYS C 347 17.72 2.02 -1.05
N ASN C 348 17.95 3.17 -1.66
CA ASN C 348 17.87 3.29 -3.11
C ASN C 348 18.97 2.50 -3.80
N LEU C 349 18.60 1.82 -4.90
CA LEU C 349 19.62 1.32 -5.82
C LEU C 349 20.27 2.47 -6.57
N LYS C 350 19.46 3.35 -7.14
CA LYS C 350 19.96 4.56 -7.79
C LYS C 350 18.81 5.56 -7.87
N THR C 351 19.16 6.80 -8.25
CA THR C 351 18.20 7.86 -8.46
C THR C 351 18.38 8.42 -9.88
N GLY C 352 17.51 9.34 -10.24
CA GLY C 352 17.57 9.95 -11.56
C GLY C 352 16.56 11.06 -11.68
N LYS C 353 16.55 11.70 -12.84
CA LYS C 353 15.65 12.81 -13.08
C LYS C 353 15.24 12.84 -14.53
N TYR C 354 14.06 13.41 -14.78
CA TYR C 354 13.56 13.66 -16.13
C TYR C 354 13.05 15.08 -16.19
N ALA C 355 13.59 15.88 -17.12
CA ALA C 355 13.15 17.26 -17.29
C ALA C 355 13.00 17.65 -18.75
N ARG C 356 13.03 16.69 -19.68
CA ARG C 356 12.92 17.01 -21.09
C ARG C 356 11.58 17.68 -21.38
N MET C 357 11.63 18.77 -22.14
CA MET C 357 10.43 19.48 -22.58
C MET C 357 10.19 19.14 -24.05
N ARG C 358 9.29 18.19 -24.30
CA ARG C 358 8.93 17.78 -25.64
C ARG C 358 7.56 18.32 -26.00
N GLY C 359 7.47 18.98 -27.13
CA GLY C 359 6.21 19.55 -27.57
C GLY C 359 6.08 21.01 -27.17
N ALA C 360 5.42 21.79 -28.03
CA ALA C 360 5.17 23.18 -27.71
C ALA C 360 4.19 23.30 -26.55
N HIS C 361 3.20 22.41 -26.50
CA HIS C 361 2.15 22.42 -25.48
C HIS C 361 2.02 21.01 -24.90
N THR C 362 2.00 20.92 -23.56
CA THR C 362 1.88 19.63 -22.90
C THR C 362 1.23 19.84 -21.53
N ASN C 363 1.14 18.76 -20.76
CA ASN C 363 0.61 18.81 -19.40
C ASN C 363 1.39 17.83 -18.54
N ASP C 364 1.14 17.89 -17.22
CA ASP C 364 1.90 17.07 -16.28
C ASP C 364 1.67 15.58 -16.51
N VAL C 365 0.49 15.19 -16.99
CA VAL C 365 0.20 13.77 -17.19
C VAL C 365 1.04 13.21 -18.33
N LYS C 366 1.05 13.90 -19.47
CA LYS C 366 1.94 13.50 -20.56
C LYS C 366 3.38 13.38 -20.08
N GLN C 367 3.83 14.35 -19.28
CA GLN C 367 5.21 14.33 -18.84
C GLN C 367 5.46 13.20 -17.84
N LEU C 368 4.54 12.98 -16.90
CA LEU C 368 4.66 11.84 -16.00
C LEU C 368 4.75 10.54 -16.78
N THR C 369 3.97 10.42 -17.85
CA THR C 369 4.04 9.23 -18.69
C THR C 369 5.41 9.07 -19.32
N GLU C 370 5.97 10.17 -19.83
CA GLU C 370 7.30 10.11 -20.44
C GLU C 370 8.34 9.65 -19.41
N ALA C 371 8.32 10.25 -18.22
CA ALA C 371 9.25 9.83 -17.19
C ALA C 371 9.12 8.35 -16.89
N VAL C 372 7.88 7.84 -16.88
CA VAL C 372 7.67 6.42 -16.64
C VAL C 372 8.29 5.59 -17.76
N GLN C 373 8.17 6.05 -19.00
CA GLN C 373 8.76 5.32 -20.11
C GLN C 373 10.28 5.36 -20.03
N LYS C 374 10.85 6.50 -19.62
CA LYS C 374 12.30 6.56 -19.39
C LYS C 374 12.73 5.56 -18.33
N ILE C 375 12.08 5.58 -17.17
CA ILE C 375 12.46 4.68 -16.09
C ILE C 375 12.30 3.23 -16.51
N THR C 376 11.29 2.94 -17.33
CA THR C 376 11.08 1.58 -17.81
C THR C 376 12.28 1.10 -18.62
N THR C 377 12.66 1.88 -19.65
CA THR C 377 13.79 1.49 -20.48
C THR C 377 15.07 1.40 -19.68
N GLU C 378 15.36 2.43 -18.87
CA GLU C 378 16.55 2.39 -18.02
C GLU C 378 16.54 1.14 -17.14
N SER C 379 15.37 0.78 -16.62
CA SER C 379 15.29 -0.38 -15.73
C SER C 379 15.54 -1.68 -16.49
N ILE C 380 15.08 -1.75 -17.74
CA ILE C 380 15.29 -2.97 -18.51
C ILE C 380 16.76 -3.16 -18.85
N VAL C 381 17.45 -2.06 -19.15
CA VAL C 381 18.87 -2.13 -19.48
C VAL C 381 19.67 -2.65 -18.28
N ILE C 382 19.38 -2.14 -17.10
CA ILE C 382 20.21 -2.43 -15.93
C ILE C 382 19.78 -3.72 -15.24
N TRP C 383 18.50 -4.08 -15.30
CA TRP C 383 17.99 -5.30 -14.68
C TRP C 383 17.20 -6.19 -15.61
N GLY C 384 16.81 -5.72 -16.80
CA GLY C 384 16.07 -6.57 -17.70
C GLY C 384 14.63 -6.81 -17.33
N LYS C 385 14.04 -5.94 -16.52
CA LYS C 385 12.63 -6.07 -16.17
C LYS C 385 12.07 -4.69 -15.82
N THR C 386 10.75 -4.60 -15.80
CA THR C 386 10.07 -3.34 -15.52
C THR C 386 9.81 -3.20 -14.03
N PRO C 387 10.11 -2.05 -13.44
CA PRO C 387 9.81 -1.83 -12.02
C PRO C 387 8.35 -1.52 -11.78
N LYS C 388 7.89 -1.85 -10.57
CA LYS C 388 6.60 -1.37 -10.10
C LYS C 388 6.70 0.12 -9.75
N PHE C 389 5.69 0.88 -10.13
CA PHE C 389 5.72 2.33 -10.01
C PHE C 389 4.86 2.83 -8.86
N LYS C 390 5.38 3.82 -8.14
CA LYS C 390 4.64 4.61 -7.16
C LYS C 390 4.57 6.03 -7.70
N LEU C 391 3.38 6.46 -8.11
CA LEU C 391 3.24 7.71 -8.84
C LEU C 391 2.36 8.70 -8.07
N PRO C 392 2.69 9.98 -8.10
CA PRO C 392 1.87 11.01 -7.43
C PRO C 392 0.67 11.45 -8.28
N ILE C 393 -0.10 10.47 -8.74
CA ILE C 393 -1.27 10.73 -9.57
C ILE C 393 -2.39 9.80 -9.10
N GLN C 394 -3.59 10.35 -8.95
CA GLN C 394 -4.71 9.54 -8.48
C GLN C 394 -5.16 8.59 -9.57
N LYS C 395 -5.53 7.37 -9.17
CA LYS C 395 -6.13 6.43 -10.11
C LYS C 395 -7.26 7.07 -10.90
N GLU C 396 -8.08 7.89 -10.23
CA GLU C 396 -9.19 8.55 -10.91
C GLU C 396 -8.68 9.49 -11.99
N THR C 397 -7.65 10.28 -11.67
CA THR C 397 -7.08 11.19 -12.66
C THR C 397 -6.65 10.43 -13.91
N TRP C 398 -5.87 9.37 -13.71
CA TRP C 398 -5.34 8.64 -14.86
C TRP C 398 -6.46 8.03 -15.71
N GLU C 399 -7.45 7.42 -15.06
CA GLU C 399 -8.57 6.86 -15.80
C GLU C 399 -9.28 7.92 -16.63
N THR C 400 -9.52 9.10 -16.05
CA THR C 400 -10.16 10.16 -16.82
C THR C 400 -9.32 10.54 -18.02
N TRP C 401 -8.01 10.59 -17.85
CA TRP C 401 -7.12 10.95 -18.95
C TRP C 401 -7.18 9.93 -20.08
N TRP C 402 -6.81 8.67 -19.81
CA TRP C 402 -6.59 7.74 -20.91
C TRP C 402 -7.89 7.32 -21.58
N THR C 403 -9.02 7.33 -20.87
CA THR C 403 -10.27 6.97 -21.53
C THR C 403 -10.77 8.07 -22.46
N GLU C 404 -10.43 9.33 -22.19
CA GLU C 404 -10.90 10.44 -23.01
C GLU C 404 -9.91 10.86 -24.10
N TYR C 405 -8.62 10.69 -23.85
CA TYR C 405 -7.61 11.07 -24.84
C TYR C 405 -7.70 10.19 -26.09
N TRP C 406 -7.43 10.79 -27.24
CA TRP C 406 -7.57 10.11 -28.52
C TRP C 406 -6.34 9.32 -28.95
N GLN C 407 -5.22 9.48 -28.27
CA GLN C 407 -4.04 8.67 -28.56
C GLN C 407 -3.98 7.51 -27.58
N ALA C 408 -3.52 6.35 -28.07
CA ALA C 408 -3.31 5.21 -27.20
C ALA C 408 -2.22 5.54 -26.18
N THR C 409 -2.52 5.28 -24.91
CA THR C 409 -1.55 5.50 -23.85
C THR C 409 -1.76 4.46 -22.76
N TRP C 410 -0.72 4.27 -21.95
CA TRP C 410 -0.74 3.22 -20.94
C TRP C 410 0.41 3.45 -19.96
N ILE C 411 0.24 2.91 -18.76
CA ILE C 411 1.28 2.93 -17.73
C ILE C 411 1.31 1.54 -17.10
N PRO C 412 2.48 0.93 -16.91
CA PRO C 412 2.51 -0.41 -16.32
C PRO C 412 2.00 -0.42 -14.89
N GLU C 413 1.96 -1.60 -14.27
CA GLU C 413 1.38 -1.73 -12.93
C GLU C 413 1.92 -0.65 -12.00
N TRP C 414 1.03 0.06 -11.35
CA TRP C 414 1.44 1.19 -10.52
C TRP C 414 0.42 1.43 -9.42
N GLU C 415 0.87 2.15 -8.39
CA GLU C 415 -0.01 2.54 -7.30
C GLU C 415 0.23 4.02 -6.97
N PHE C 416 -0.80 4.64 -6.39
CA PHE C 416 -0.77 6.04 -6.05
C PHE C 416 0.02 6.27 -4.77
N VAL C 417 0.86 7.31 -4.78
CA VAL C 417 1.60 7.75 -3.60
C VAL C 417 1.30 9.23 -3.38
N ASN C 418 0.87 9.58 -2.18
CA ASN C 418 0.47 10.94 -1.84
C ASN C 418 1.71 11.78 -1.55
N THR C 419 2.31 12.32 -2.61
CA THR C 419 3.52 13.12 -2.49
C THR C 419 3.28 14.43 -3.24
N PRO C 420 2.71 15.43 -2.57
CA PRO C 420 2.43 16.69 -3.25
C PRO C 420 3.73 17.32 -3.76
N PRO C 421 3.65 18.11 -4.84
CA PRO C 421 2.41 18.38 -5.56
C PRO C 421 1.97 17.22 -6.44
N LEU C 422 0.70 16.87 -6.39
CA LEU C 422 0.19 15.78 -7.20
C LEU C 422 -0.03 16.20 -8.64
N VAL C 423 0.03 15.24 -9.54
CA VAL C 423 -0.30 15.46 -10.94
C VAL C 423 -1.82 15.41 -11.10
N LYS C 424 -2.36 16.36 -11.85
CA LYS C 424 -3.80 16.39 -12.08
C LYS C 424 -4.09 17.06 -13.41
N LEU C 425 -5.33 16.89 -13.88
CA LEU C 425 -5.83 17.64 -15.01
C LEU C 425 -6.46 18.92 -14.48
N TRP C 426 -6.10 20.04 -15.08
CA TRP C 426 -6.47 21.34 -14.52
C TRP C 426 -7.79 21.87 -15.04
N TYR C 427 -8.33 21.31 -16.12
CA TYR C 427 -9.65 21.70 -16.59
C TYR C 427 -10.21 20.56 -17.43
N GLN C 428 -11.53 20.56 -17.56
CA GLN C 428 -12.26 19.54 -18.30
C GLN C 428 -13.22 20.24 -19.25
N LEU C 429 -13.18 19.88 -20.52
CA LEU C 429 -14.14 20.42 -21.46
C LEU C 429 -15.45 19.63 -21.39
N GLU C 430 -16.56 20.35 -21.44
CA GLU C 430 -17.85 19.69 -21.46
C GLU C 430 -17.97 18.83 -22.71
N LYS C 431 -18.77 17.76 -22.61
CA LYS C 431 -19.09 16.94 -23.76
C LYS C 431 -20.36 17.41 -24.46
N GLU C 432 -21.21 18.16 -23.77
CA GLU C 432 -22.41 18.70 -24.36
C GLU C 432 -22.46 20.20 -24.15
N PRO C 433 -23.11 20.94 -25.06
CA PRO C 433 -23.28 22.38 -24.83
C PRO C 433 -23.95 22.64 -23.48
N ILE C 434 -23.64 23.79 -22.90
CA ILE C 434 -24.15 24.14 -21.57
C ILE C 434 -25.43 24.95 -21.74
N VAL C 435 -26.51 24.47 -21.11
CA VAL C 435 -27.77 25.19 -21.14
C VAL C 435 -27.63 26.50 -20.38
N GLY C 436 -28.20 27.57 -20.93
CA GLY C 436 -28.18 28.86 -20.29
C GLY C 436 -26.86 29.60 -20.35
N ALA C 437 -25.81 29.03 -20.94
CA ALA C 437 -24.57 29.76 -21.10
C ALA C 437 -24.52 30.44 -22.47
N GLU C 438 -23.96 31.65 -22.48
CA GLU C 438 -23.82 32.43 -23.70
C GLU C 438 -22.99 31.67 -24.72
N THR C 439 -23.38 31.76 -25.99
CA THR C 439 -22.67 31.12 -27.08
C THR C 439 -21.82 32.15 -27.81
N PHE C 440 -20.51 31.97 -27.78
CA PHE C 440 -19.57 32.83 -28.48
C PHE C 440 -19.17 32.18 -29.80
N TYR C 441 -19.50 32.85 -30.90
CA TYR C 441 -18.96 32.47 -32.21
C TYR C 441 -17.69 33.29 -32.46
N VAL C 442 -16.54 32.63 -32.35
CA VAL C 442 -15.24 33.28 -32.44
C VAL C 442 -14.64 33.01 -33.81
N ASP C 443 -13.72 33.88 -34.22
CA ASP C 443 -13.02 33.70 -35.48
C ASP C 443 -11.86 34.67 -35.54
N GLY C 444 -10.90 34.36 -36.41
CA GLY C 444 -9.74 35.20 -36.60
C GLY C 444 -9.24 35.11 -38.03
N ALA C 445 -8.49 36.12 -38.44
CA ALA C 445 -7.90 36.17 -39.77
C ALA C 445 -6.73 37.14 -39.77
N ALA C 446 -5.72 36.82 -40.58
CA ALA C 446 -4.54 37.66 -40.70
C ALA C 446 -4.15 37.78 -42.16
N ASN C 447 -3.53 38.91 -42.50
CA ASN C 447 -3.03 39.15 -43.84
C ASN C 447 -1.64 38.54 -43.97
N ARG C 448 -1.47 37.65 -44.94
CA ARG C 448 -0.20 36.92 -45.07
C ARG C 448 0.96 37.87 -45.37
N GLU C 449 0.70 38.99 -46.05
CA GLU C 449 1.77 39.91 -46.44
C GLU C 449 2.02 40.97 -45.37
N THR C 450 0.98 41.71 -44.99
CA THR C 450 1.14 42.76 -43.99
C THR C 450 1.25 42.20 -42.57
N LYS C 451 0.93 40.94 -42.37
CA LYS C 451 0.94 40.31 -41.05
C LYS C 451 -0.01 41.01 -40.08
N LEU C 452 -0.91 41.85 -40.60
CA LEU C 452 -1.98 42.41 -39.79
C LEU C 452 -3.15 41.44 -39.74
N GLY C 453 -3.82 41.39 -38.59
CA GLY C 453 -4.94 40.49 -38.44
C GLY C 453 -5.97 41.03 -37.49
N LYS C 454 -7.07 40.28 -37.36
CA LYS C 454 -8.18 40.62 -36.48
C LYS C 454 -8.69 39.36 -35.80
N ALA C 455 -9.19 39.54 -34.57
CA ALA C 455 -9.85 38.48 -33.82
C ALA C 455 -11.11 39.04 -33.20
N GLY C 456 -12.12 38.20 -33.02
CA GLY C 456 -13.35 38.69 -32.42
C GLY C 456 -14.39 37.60 -32.29
N TYR C 457 -15.58 38.02 -31.90
CA TYR C 457 -16.66 37.08 -31.63
C TYR C 457 -17.99 37.81 -31.79
N VAL C 458 -19.05 37.02 -31.87
CA VAL C 458 -20.42 37.51 -31.74
C VAL C 458 -21.17 36.47 -30.92
N THR C 459 -22.05 36.93 -30.02
CA THR C 459 -22.75 36.03 -29.14
C THR C 459 -24.24 36.01 -29.47
N ASN C 460 -24.93 35.02 -28.93
CA ASN C 460 -26.36 34.90 -29.14
C ASN C 460 -27.13 36.01 -28.43
N LYS C 461 -26.49 36.74 -27.52
CA LYS C 461 -27.12 37.85 -26.84
C LYS C 461 -26.81 39.20 -27.48
N GLY C 462 -26.21 39.21 -28.67
CA GLY C 462 -25.91 40.44 -29.38
C GLY C 462 -24.57 41.06 -29.07
N ARG C 463 -23.79 40.46 -28.18
CA ARG C 463 -22.48 40.98 -27.81
C ARG C 463 -21.46 40.76 -28.93
N GLN C 464 -20.59 41.75 -29.13
CA GLN C 464 -19.62 41.69 -30.21
C GLN C 464 -18.33 42.37 -29.79
N LYS C 465 -17.22 41.88 -30.35
CA LYS C 465 -15.92 42.53 -30.19
C LYS C 465 -15.05 42.15 -31.37
N VAL C 466 -14.30 43.12 -31.86
CA VAL C 466 -13.23 42.87 -32.82
C VAL C 466 -12.01 43.64 -32.36
N VAL C 467 -10.87 42.96 -32.27
CA VAL C 467 -9.63 43.54 -31.77
C VAL C 467 -8.61 43.49 -32.90
N PRO C 468 -7.92 44.59 -33.19
CA PRO C 468 -6.90 44.56 -34.23
C PRO C 468 -5.59 44.00 -33.71
N LEU C 469 -4.87 43.31 -34.59
CA LEU C 469 -3.64 42.63 -34.24
C LEU C 469 -2.57 42.95 -35.26
N THR C 470 -1.34 43.15 -34.79
CA THR C 470 -0.20 43.42 -35.65
C THR C 470 0.83 42.32 -35.50
N ASN C 471 1.60 42.09 -36.57
CA ASN C 471 2.68 41.10 -36.58
C ASN C 471 2.17 39.75 -36.09
N THR C 472 1.17 39.23 -36.79
CA THR C 472 0.45 38.04 -36.33
C THR C 472 0.26 37.08 -37.50
N THR C 473 -0.44 35.98 -37.22
CA THR C 473 -0.69 34.93 -38.19
C THR C 473 -2.13 34.46 -38.05
N ASN C 474 -2.63 33.78 -39.09
CA ASN C 474 -3.95 33.18 -39.01
C ASN C 474 -4.10 32.38 -37.72
N GLN C 475 -3.14 31.47 -37.48
CA GLN C 475 -3.22 30.62 -36.29
C GLN C 475 -3.27 31.43 -35.01
N LYS C 476 -2.45 32.48 -34.92
CA LYS C 476 -2.47 33.28 -33.70
C LYS C 476 -3.80 34.00 -33.52
N THR C 477 -4.36 34.56 -34.60
CA THR C 477 -5.65 35.24 -34.47
C THR C 477 -6.74 34.29 -34.04
N GLU C 478 -6.66 33.02 -34.45
CA GLU C 478 -7.65 32.03 -34.03
C GLU C 478 -7.54 31.73 -32.54
N LEU C 479 -6.32 31.60 -32.02
CA LEU C 479 -6.14 31.48 -30.58
C LEU C 479 -6.59 32.74 -29.88
N GLN C 480 -6.27 33.91 -30.45
CA GLN C 480 -6.67 35.16 -29.83
C GLN C 480 -8.20 35.26 -29.72
N ALA C 481 -8.92 34.90 -30.78
CA ALA C 481 -10.37 34.97 -30.74
C ALA C 481 -10.93 34.14 -29.60
N ILE C 482 -10.45 32.90 -29.44
CA ILE C 482 -10.90 32.07 -28.34
C ILE C 482 -10.55 32.72 -27.01
N TYR C 483 -9.35 33.28 -26.90
CA TYR C 483 -8.94 33.96 -25.67
C TYR C 483 -9.90 35.09 -25.34
N LEU C 484 -10.29 35.87 -26.33
CA LEU C 484 -11.23 36.98 -26.09
C LEU C 484 -12.55 36.47 -25.51
N ALA C 485 -13.08 35.38 -26.08
CA ALA C 485 -14.34 34.85 -25.58
C ALA C 485 -14.21 34.35 -24.14
N LEU C 486 -13.05 33.77 -23.80
CA LEU C 486 -12.85 33.34 -22.42
C LEU C 486 -12.82 34.53 -21.47
N GLN C 487 -12.18 35.63 -21.87
CA GLN C 487 -12.09 36.79 -20.99
C GLN C 487 -13.45 37.45 -20.76
N ASP C 488 -14.30 37.48 -21.78
CA ASP C 488 -15.52 38.29 -21.74
C ASP C 488 -16.76 37.51 -21.33
N SER C 489 -16.62 36.23 -21.01
CA SER C 489 -17.77 35.41 -20.63
C SER C 489 -17.76 35.13 -19.12
N GLY C 490 -18.92 34.72 -18.63
CA GLY C 490 -19.03 34.28 -17.26
C GLY C 490 -18.34 32.94 -17.02
N LEU C 491 -18.67 32.34 -15.89
CA LEU C 491 -18.04 31.10 -15.46
C LEU C 491 -18.41 29.91 -16.34
N GLU C 492 -19.51 30.01 -17.08
CA GLU C 492 -19.94 29.00 -18.02
C GLU C 492 -20.05 29.63 -19.40
N VAL C 493 -19.58 28.93 -20.43
CA VAL C 493 -19.58 29.50 -21.76
C VAL C 493 -19.51 28.38 -22.80
N ASN C 494 -20.26 28.57 -23.89
CA ASN C 494 -20.12 27.77 -25.09
C ASN C 494 -19.35 28.58 -26.12
N ILE C 495 -18.36 27.96 -26.74
CA ILE C 495 -17.51 28.63 -27.73
C ILE C 495 -17.53 27.80 -29.01
N VAL C 496 -17.84 28.45 -30.12
CA VAL C 496 -17.91 27.80 -31.42
C VAL C 496 -16.82 28.42 -32.28
N THR C 497 -15.86 27.60 -32.69
CA THR C 497 -14.72 28.07 -33.46
C THR C 497 -14.64 27.31 -34.78
N ASN C 498 -13.86 27.88 -35.70
CA ASN C 498 -13.55 27.23 -36.96
C ASN C 498 -12.09 26.79 -37.03
N SER C 499 -11.35 26.91 -35.93
CA SER C 499 -9.93 26.60 -35.90
C SER C 499 -9.70 25.16 -35.46
N GLN C 500 -9.47 24.25 -36.43
CA GLN C 500 -8.98 22.93 -36.06
C GLN C 500 -7.66 23.03 -35.31
N TYR C 501 -6.80 23.97 -35.73
CA TYR C 501 -5.53 24.19 -35.03
C TYR C 501 -5.76 24.46 -33.56
N ALA C 502 -6.55 25.48 -33.24
CA ALA C 502 -6.76 25.84 -31.84
C ALA C 502 -7.43 24.73 -31.07
N LEU C 503 -8.35 24.01 -31.72
CA LEU C 503 -9.09 22.96 -31.03
C LEU C 503 -8.18 21.77 -30.68
N GLY C 504 -7.34 21.35 -31.62
CA GLY C 504 -6.42 20.27 -31.33
C GLY C 504 -5.57 20.55 -30.11
N ILE C 505 -5.09 21.79 -29.97
CA ILE C 505 -4.25 22.15 -28.83
C ILE C 505 -5.05 22.04 -27.54
N ILE C 506 -6.24 22.67 -27.50
CA ILE C 506 -6.98 22.80 -26.25
C ILE C 506 -7.59 21.47 -25.85
N GLN C 507 -8.05 20.68 -26.82
CA GLN C 507 -8.71 19.42 -26.49
C GLN C 507 -7.78 18.44 -25.78
N ALA C 508 -6.46 18.64 -25.86
CA ALA C 508 -5.49 17.81 -25.17
C ALA C 508 -5.19 18.30 -23.76
N GLN C 509 -5.99 19.21 -23.23
CA GLN C 509 -5.85 19.75 -21.88
C GLN C 509 -4.42 20.11 -21.50
N PRO C 510 -3.72 20.91 -22.31
CA PRO C 510 -2.39 21.39 -21.88
C PRO C 510 -2.47 22.21 -20.60
N ASP C 511 -1.41 22.14 -19.80
CA ASP C 511 -1.27 22.99 -18.62
C ASP C 511 -0.01 23.85 -18.66
N LYS C 512 0.77 23.76 -19.73
CA LYS C 512 2.01 24.52 -19.90
C LYS C 512 2.26 24.64 -21.38
N SER C 513 2.86 25.76 -21.79
CA SER C 513 3.11 26.00 -23.20
C SER C 513 4.30 26.94 -23.36
N GLU C 514 5.00 26.79 -24.48
CA GLU C 514 5.99 27.77 -24.87
C GLU C 514 5.37 29.04 -25.43
N SER C 515 4.07 29.02 -25.74
CA SER C 515 3.36 30.19 -26.23
C SER C 515 2.70 30.91 -25.06
N GLU C 516 3.10 32.16 -24.84
CA GLU C 516 2.46 32.96 -23.80
C GLU C 516 0.95 33.02 -24.01
N LEU C 517 0.52 33.17 -25.26
CA LEU C 517 -0.92 33.22 -25.54
C LEU C 517 -1.61 31.95 -25.07
N VAL C 518 -1.07 30.78 -25.42
CA VAL C 518 -1.68 29.53 -24.96
C VAL C 518 -1.67 29.47 -23.43
N ASN C 519 -0.56 29.87 -22.80
CA ASN C 519 -0.53 29.93 -21.34
C ASN C 519 -1.64 30.83 -20.80
N GLN C 520 -1.89 31.96 -21.45
CA GLN C 520 -2.97 32.82 -21.01
C GLN C 520 -4.32 32.14 -21.20
N ILE C 521 -4.51 31.45 -22.32
CA ILE C 521 -5.76 30.73 -22.54
C ILE C 521 -5.95 29.68 -21.47
N ILE C 522 -4.87 28.97 -21.12
CA ILE C 522 -4.96 27.93 -20.09
C ILE C 522 -5.38 28.55 -18.76
N GLU C 523 -4.80 29.69 -18.41
CA GLU C 523 -5.17 30.34 -17.16
C GLU C 523 -6.66 30.67 -17.13
N GLN C 524 -7.23 31.08 -18.27
CA GLN C 524 -8.66 31.33 -18.32
C GLN C 524 -9.45 30.03 -18.17
N LEU C 525 -9.06 28.99 -18.90
CA LEU C 525 -9.79 27.73 -18.83
C LEU C 525 -9.85 27.20 -17.40
N ILE C 526 -8.76 27.40 -16.65
CA ILE C 526 -8.75 26.93 -15.27
C ILE C 526 -9.75 27.69 -14.41
N LYS C 527 -10.01 28.96 -14.74
CA LYS C 527 -10.93 29.74 -13.93
C LYS C 527 -12.40 29.41 -14.22
N LYS C 528 -12.71 28.93 -15.42
CA LYS C 528 -14.09 28.66 -15.75
C LYS C 528 -14.62 27.48 -14.94
N GLU C 529 -15.94 27.36 -14.93
CA GLU C 529 -16.57 26.20 -14.32
C GLU C 529 -17.08 25.20 -15.35
N LYS C 530 -17.50 25.68 -16.51
CA LYS C 530 -17.89 24.81 -17.61
C LYS C 530 -17.52 25.49 -18.92
N VAL C 531 -16.91 24.72 -19.82
CA VAL C 531 -16.46 25.21 -21.12
C VAL C 531 -16.76 24.15 -22.16
N TYR C 532 -17.56 24.51 -23.15
CA TYR C 532 -17.85 23.65 -24.30
C TYR C 532 -17.28 24.31 -25.55
N LEU C 533 -16.31 23.64 -26.18
CA LEU C 533 -15.76 24.04 -27.46
C LEU C 533 -16.34 23.17 -28.57
N ALA C 534 -16.74 23.80 -29.66
CA ALA C 534 -17.26 23.11 -30.82
C ALA C 534 -16.61 23.68 -32.07
N TRP C 535 -16.42 22.82 -33.06
CA TRP C 535 -15.87 23.22 -34.35
C TRP C 535 -16.96 23.21 -35.38
N VAL C 536 -16.93 24.17 -36.31
CA VAL C 536 -17.82 24.15 -37.47
C VAL C 536 -16.99 24.47 -38.70
N PRO C 537 -17.41 24.00 -39.88
CA PRO C 537 -16.71 24.39 -41.11
C PRO C 537 -17.00 25.83 -41.45
N ALA C 538 -16.05 26.45 -42.14
CA ALA C 538 -16.21 27.85 -42.55
C ALA C 538 -16.98 27.95 -43.86
N HIS C 539 -17.46 29.16 -44.14
CA HIS C 539 -18.09 29.48 -45.42
C HIS C 539 -19.19 28.49 -45.77
N LYS C 540 -19.87 27.96 -44.76
CA LYS C 540 -21.03 27.09 -44.97
C LYS C 540 -22.34 27.74 -44.61
N GLY C 541 -22.34 29.04 -44.33
CA GLY C 541 -23.55 29.74 -43.94
C GLY C 541 -24.09 29.27 -42.61
N ILE C 542 -23.22 29.19 -41.62
CA ILE C 542 -23.58 28.68 -40.29
C ILE C 542 -23.73 29.84 -39.34
N GLY C 543 -24.82 29.83 -38.57
CA GLY C 543 -25.08 30.76 -37.49
C GLY C 543 -24.22 32.00 -37.38
N GLY C 544 -23.66 32.24 -36.20
CA GLY C 544 -22.80 33.39 -35.98
C GLY C 544 -21.42 33.27 -36.60
N ASN C 545 -21.03 32.09 -37.06
CA ASN C 545 -19.72 31.94 -37.67
C ASN C 545 -19.60 32.77 -38.95
N GLU C 546 -20.66 32.78 -39.75
CA GLU C 546 -20.66 33.61 -40.96
C GLU C 546 -20.60 35.09 -40.61
N GLN C 547 -21.22 35.49 -39.50
CA GLN C 547 -21.19 36.90 -39.12
C GLN C 547 -19.81 37.31 -38.64
N VAL C 548 -19.20 36.49 -37.77
CA VAL C 548 -17.91 36.86 -37.20
C VAL C 548 -16.79 36.71 -38.22
N ASP C 549 -16.95 35.82 -39.20
CA ASP C 549 -15.94 35.68 -40.24
C ASP C 549 -15.94 36.89 -41.17
N LYS C 550 -17.10 37.52 -41.36
CA LYS C 550 -17.15 38.75 -42.16
C LYS C 550 -16.44 39.89 -41.42
N LEU C 551 -16.64 39.96 -40.10
CA LEU C 551 -16.03 41.02 -39.30
C LEU C 551 -14.51 40.98 -39.43
N VAL C 552 -13.92 39.79 -39.25
CA VAL C 552 -12.47 39.66 -39.29
C VAL C 552 -11.96 39.46 -40.71
N SER C 553 -12.86 39.44 -41.71
CA SER C 553 -12.51 39.24 -43.10
C SER C 553 -12.08 37.80 -43.31
N GLU D 7 25.01 -24.18 -55.19
CA GLU D 7 23.67 -24.66 -54.82
C GLU D 7 22.81 -23.52 -54.28
N THR D 8 23.46 -22.43 -53.88
CA THR D 8 22.77 -21.29 -53.32
C THR D 8 22.35 -20.32 -54.42
N VAL D 9 21.15 -19.77 -54.29
CA VAL D 9 20.63 -18.79 -55.24
C VAL D 9 21.32 -17.45 -54.96
N PRO D 10 22.08 -16.90 -55.90
CA PRO D 10 22.75 -15.62 -55.65
C PRO D 10 21.74 -14.49 -55.54
N VAL D 11 21.92 -13.64 -54.53
CA VAL D 11 21.01 -12.52 -54.26
C VAL D 11 21.84 -11.25 -54.15
N LYS D 12 21.31 -10.16 -54.70
CA LYS D 12 21.96 -8.86 -54.67
C LYS D 12 21.05 -7.85 -54.00
N LEU D 13 21.64 -6.74 -53.56
CA LEU D 13 20.88 -5.62 -53.05
C LEU D 13 20.45 -4.71 -54.20
N LYS D 14 19.47 -3.86 -53.92
CA LYS D 14 19.04 -2.88 -54.90
C LYS D 14 20.20 -1.93 -55.22
N PRO D 15 20.53 -1.72 -56.49
CA PRO D 15 21.74 -0.96 -56.82
C PRO D 15 21.75 0.41 -56.14
N GLY D 16 22.92 0.80 -55.67
CA GLY D 16 23.08 2.07 -54.98
C GLY D 16 22.58 2.08 -53.56
N MET D 17 22.47 0.93 -52.91
CA MET D 17 21.94 0.83 -51.55
C MET D 17 22.86 -0.03 -50.70
N ASP D 18 23.23 0.48 -49.53
CA ASP D 18 24.03 -0.29 -48.59
C ASP D 18 23.10 -1.23 -47.80
N GLY D 19 23.65 -1.91 -46.82
CA GLY D 19 22.89 -2.84 -46.01
C GLY D 19 22.28 -2.20 -44.78
N PRO D 20 21.44 -2.95 -44.08
CA PRO D 20 20.79 -2.40 -42.88
C PRO D 20 21.79 -2.20 -41.75
N LYS D 21 21.62 -1.07 -41.04
CA LYS D 21 22.48 -0.71 -39.92
C LYS D 21 21.58 -0.21 -38.78
N VAL D 22 20.78 -1.12 -38.23
CA VAL D 22 19.76 -0.78 -37.24
C VAL D 22 20.25 -1.23 -35.87
N LYS D 23 20.19 -0.32 -34.89
CA LYS D 23 20.71 -0.63 -33.56
C LYS D 23 19.78 -1.60 -32.84
N GLN D 24 20.37 -2.42 -31.97
CA GLN D 24 19.60 -3.36 -31.17
C GLN D 24 19.04 -2.68 -29.93
N TRP D 25 17.75 -2.87 -29.68
CA TRP D 25 17.11 -2.24 -28.53
C TRP D 25 17.14 -3.16 -27.32
N PRO D 26 16.94 -2.60 -26.13
CA PRO D 26 17.10 -3.39 -24.90
C PRO D 26 16.07 -4.50 -24.79
N LEU D 27 16.50 -5.63 -24.23
CA LEU D 27 15.65 -6.80 -24.08
C LEU D 27 15.56 -7.19 -22.61
N THR D 28 14.35 -7.53 -22.18
CA THR D 28 14.15 -8.00 -20.81
C THR D 28 14.88 -9.32 -20.58
N GLU D 29 15.07 -9.65 -19.30
CA GLU D 29 15.80 -10.87 -18.96
C GLU D 29 15.20 -12.10 -19.64
N GLU D 30 13.86 -12.19 -19.66
CA GLU D 30 13.22 -13.35 -20.25
C GLU D 30 13.52 -13.47 -21.75
N LYS D 31 13.66 -12.33 -22.44
CA LYS D 31 13.91 -12.39 -23.87
C LYS D 31 15.35 -12.76 -24.19
N ILE D 32 16.31 -12.28 -23.38
CA ILE D 32 17.70 -12.64 -23.60
C ILE D 32 17.93 -14.12 -23.31
N LYS D 33 17.42 -14.59 -22.16
CA LYS D 33 17.56 -16.00 -21.83
C LYS D 33 17.00 -16.89 -22.94
N ALA D 34 15.85 -16.52 -23.49
CA ALA D 34 15.28 -17.28 -24.60
C ALA D 34 16.16 -17.20 -25.83
N LEU D 35 16.65 -16.01 -26.16
CA LEU D 35 17.49 -15.86 -27.34
C LEU D 35 18.79 -16.64 -27.19
N VAL D 36 19.43 -16.56 -26.02
CA VAL D 36 20.69 -17.25 -25.81
C VAL D 36 20.50 -18.75 -25.95
N GLU D 37 19.37 -19.28 -25.47
CA GLU D 37 19.09 -20.70 -25.62
C GLU D 37 18.80 -21.05 -27.07
N ILE D 38 18.05 -20.21 -27.78
CA ILE D 38 17.69 -20.50 -29.16
C ILE D 38 18.92 -20.47 -30.07
N CYS D 39 19.81 -19.49 -29.87
CA CYS D 39 20.97 -19.32 -30.74
C CYS D 39 22.04 -20.35 -30.47
N THR D 40 22.23 -20.77 -29.22
CA THR D 40 23.20 -21.81 -28.94
C THR D 40 22.91 -23.05 -29.76
N GLU D 41 21.62 -23.37 -29.95
CA GLU D 41 21.25 -24.53 -30.73
C GLU D 41 21.39 -24.26 -32.23
N MET D 42 21.11 -23.03 -32.67
CA MET D 42 21.27 -22.71 -34.09
C MET D 42 22.74 -22.69 -34.50
N GLU D 43 23.63 -22.30 -33.58
CA GLU D 43 25.05 -22.34 -33.88
C GLU D 43 25.56 -23.78 -33.91
N LYS D 44 25.09 -24.60 -32.97
CA LYS D 44 25.43 -26.03 -32.99
C LYS D 44 25.05 -26.64 -34.33
N GLU D 45 23.87 -26.29 -34.85
CA GLU D 45 23.39 -26.79 -36.13
C GLU D 45 23.94 -26.01 -37.31
N GLY D 46 24.84 -25.06 -37.07
CA GLY D 46 25.48 -24.32 -38.13
C GLY D 46 24.60 -23.32 -38.84
N LYS D 47 23.32 -23.20 -38.45
CA LYS D 47 22.44 -22.25 -39.12
C LYS D 47 22.89 -20.81 -38.89
N ILE D 48 23.69 -20.57 -37.84
CA ILE D 48 24.27 -19.26 -37.58
C ILE D 48 25.67 -19.49 -37.01
N SER D 49 26.53 -18.51 -37.25
CA SER D 49 27.90 -18.56 -36.76
C SER D 49 28.30 -17.18 -36.28
N LYS D 50 29.18 -17.13 -35.28
CA LYS D 50 29.58 -15.86 -34.71
C LYS D 50 30.37 -15.04 -35.71
N ILE D 51 30.28 -13.72 -35.58
CA ILE D 51 31.02 -12.78 -36.41
C ILE D 51 31.52 -11.65 -35.52
N GLY D 52 32.32 -10.78 -36.10
CA GLY D 52 32.97 -9.72 -35.35
C GLY D 52 32.53 -8.35 -35.77
N PRO D 53 33.21 -7.32 -35.26
CA PRO D 53 32.84 -5.94 -35.60
C PRO D 53 33.17 -5.54 -37.01
N GLU D 54 33.96 -6.34 -37.74
CA GLU D 54 34.28 -5.99 -39.12
C GLU D 54 33.05 -6.02 -40.01
N ASN D 55 31.98 -6.70 -39.59
CA ASN D 55 30.72 -6.67 -40.33
C ASN D 55 29.95 -5.42 -39.93
N PRO D 56 29.76 -4.47 -40.85
CA PRO D 56 29.13 -3.19 -40.49
C PRO D 56 27.62 -3.23 -40.43
N TYR D 57 26.99 -4.36 -40.70
CA TYR D 57 25.54 -4.45 -40.77
C TYR D 57 24.98 -5.03 -39.47
N ASN D 58 23.70 -4.74 -39.23
CA ASN D 58 23.04 -5.28 -38.05
C ASN D 58 21.56 -5.03 -38.15
N THR D 59 20.78 -5.98 -37.64
CA THR D 59 19.34 -5.89 -37.61
C THR D 59 18.85 -6.26 -36.22
N PRO D 60 17.85 -5.54 -35.70
CA PRO D 60 17.36 -5.85 -34.35
C PRO D 60 16.79 -7.25 -34.30
N VAL D 61 16.90 -7.86 -33.12
CA VAL D 61 16.37 -9.19 -32.87
C VAL D 61 15.66 -9.18 -31.53
N PHE D 62 14.63 -10.01 -31.42
CA PHE D 62 13.96 -10.24 -30.14
C PHE D 62 13.20 -11.55 -30.24
N ALA D 63 12.35 -11.81 -29.24
CA ALA D 63 11.66 -13.08 -29.14
C ALA D 63 10.23 -12.86 -28.68
N ILE D 64 9.34 -13.75 -29.12
CA ILE D 64 7.92 -13.68 -28.82
C ILE D 64 7.44 -15.06 -28.39
N LYS D 65 6.21 -15.08 -27.86
CA LYS D 65 5.48 -16.32 -27.61
C LYS D 65 4.14 -16.22 -28.31
N LYS D 66 3.90 -17.12 -29.27
CA LYS D 66 2.64 -17.09 -30.00
C LYS D 66 1.48 -17.53 -29.11
N LYS D 67 0.27 -17.37 -29.63
CA LYS D 67 -0.93 -17.68 -28.88
C LYS D 67 -0.94 -19.14 -28.42
N ASP D 68 -1.31 -19.35 -27.16
CA ASP D 68 -1.49 -20.68 -26.58
C ASP D 68 -0.23 -21.53 -26.68
N SER D 69 0.94 -20.90 -26.80
CA SER D 69 2.21 -21.61 -26.84
C SER D 69 3.08 -21.17 -25.66
N THR D 70 3.71 -22.13 -25.01
CA THR D 70 4.55 -21.84 -23.85
C THR D 70 6.02 -21.68 -24.22
N LYS D 71 6.39 -21.93 -25.47
CA LYS D 71 7.76 -21.86 -25.90
C LYS D 71 8.00 -20.60 -26.74
N TRP D 72 9.18 -20.01 -26.57
CA TRP D 72 9.56 -18.78 -27.23
C TRP D 72 9.78 -19.01 -28.73
N ARG D 73 9.90 -17.89 -29.46
CA ARG D 73 10.09 -17.92 -30.90
C ARG D 73 10.91 -16.70 -31.29
N LYS D 74 12.04 -16.93 -31.96
CA LYS D 74 12.89 -15.80 -32.34
C LYS D 74 12.26 -15.02 -33.48
N LEU D 75 12.39 -13.69 -33.41
CA LEU D 75 11.86 -12.79 -34.42
C LEU D 75 12.88 -11.71 -34.73
N VAL D 76 13.28 -11.62 -35.99
CA VAL D 76 14.21 -10.60 -36.46
C VAL D 76 13.42 -9.51 -37.17
N ASP D 77 13.70 -8.25 -36.80
CA ASP D 77 13.05 -7.11 -37.46
C ASP D 77 13.79 -6.82 -38.75
N PHE D 78 13.53 -7.65 -39.75
CA PHE D 78 14.16 -7.54 -41.06
C PHE D 78 13.50 -6.49 -41.95
N ARG D 79 12.71 -5.57 -41.38
CA ARG D 79 12.05 -4.57 -42.20
C ARG D 79 13.04 -3.78 -43.03
N GLU D 80 14.17 -3.39 -42.44
CA GLU D 80 15.13 -2.60 -43.19
C GLU D 80 15.80 -3.42 -44.29
N LEU D 81 16.15 -4.68 -44.01
CA LEU D 81 16.76 -5.51 -45.04
C LEU D 81 15.77 -5.81 -46.16
N ASN D 82 14.50 -6.05 -45.82
CA ASN D 82 13.52 -6.40 -46.83
C ASN D 82 13.27 -5.25 -47.80
N LYS D 83 13.33 -4.01 -47.34
CA LYS D 83 13.15 -2.88 -48.25
C LYS D 83 14.36 -2.69 -49.16
N ARG D 84 15.55 -3.06 -48.70
CA ARG D 84 16.76 -2.92 -49.48
C ARG D 84 17.09 -4.16 -50.31
N THR D 85 16.42 -5.28 -50.07
CA THR D 85 16.70 -6.50 -50.81
C THR D 85 16.09 -6.45 -52.21
N GLN D 86 16.82 -7.00 -53.18
CA GLN D 86 16.36 -7.02 -54.56
C GLN D 86 14.96 -7.56 -54.67
N ASP D 87 14.12 -6.87 -55.46
CA ASP D 87 12.77 -7.35 -55.70
C ASP D 87 12.83 -8.62 -56.55
N PHE D 88 12.32 -9.73 -56.00
CA PHE D 88 12.39 -11.00 -56.71
C PHE D 88 11.36 -11.10 -57.83
N TRP D 89 10.44 -10.15 -57.94
CA TRP D 89 9.64 -10.07 -59.16
C TRP D 89 10.54 -9.86 -60.37
N GLU D 90 11.54 -8.98 -60.24
CA GLU D 90 12.52 -8.80 -61.30
C GLU D 90 13.32 -10.08 -61.54
N VAL D 91 13.58 -10.86 -60.48
CA VAL D 91 14.17 -12.19 -60.64
C VAL D 91 13.13 -13.23 -60.97
N GLN D 92 11.85 -12.84 -61.05
CA GLN D 92 10.74 -13.69 -61.45
C GLN D 92 10.36 -14.73 -60.40
N LEU D 93 10.91 -14.61 -59.18
CA LEU D 93 10.56 -15.48 -58.07
C LEU D 93 9.39 -14.93 -57.24
N GLY D 94 8.73 -13.88 -57.70
CA GLY D 94 7.60 -13.33 -56.96
C GLY D 94 6.44 -14.29 -56.88
N ILE D 95 5.73 -14.25 -55.76
CA ILE D 95 4.60 -15.13 -55.48
C ILE D 95 3.32 -14.41 -55.87
N PRO D 96 2.55 -14.93 -56.83
CA PRO D 96 1.26 -14.32 -57.16
C PRO D 96 0.24 -14.52 -56.04
N HIS D 97 -0.76 -13.64 -56.02
CA HIS D 97 -1.76 -13.63 -54.96
C HIS D 97 -3.12 -14.10 -55.48
N PRO D 98 -3.75 -15.07 -54.81
CA PRO D 98 -5.03 -15.61 -55.31
C PRO D 98 -6.24 -14.83 -54.82
N ALA D 99 -7.05 -14.33 -55.74
CA ALA D 99 -8.20 -13.52 -55.39
C ALA D 99 -9.29 -14.30 -54.66
N GLY D 100 -9.25 -15.63 -54.73
CA GLY D 100 -10.29 -16.44 -54.13
C GLY D 100 -10.06 -16.81 -52.68
N LEU D 101 -8.92 -16.44 -52.10
CA LEU D 101 -8.66 -16.77 -50.70
C LEU D 101 -9.63 -16.06 -49.76
N LYS D 102 -9.91 -14.78 -50.03
CA LYS D 102 -10.81 -14.01 -49.17
C LYS D 102 -12.25 -14.52 -49.22
N LYS D 103 -12.62 -15.27 -50.26
CA LYS D 103 -13.99 -15.75 -50.41
C LYS D 103 -14.25 -17.08 -49.72
N LYS D 104 -13.21 -17.78 -49.27
CA LYS D 104 -13.41 -19.07 -48.62
C LYS D 104 -14.05 -18.89 -47.25
N LYS D 105 -14.74 -19.93 -46.80
CA LYS D 105 -15.40 -19.91 -45.50
C LYS D 105 -14.40 -20.00 -44.34
N SER D 106 -13.23 -20.57 -44.57
CA SER D 106 -12.24 -20.75 -43.52
C SER D 106 -10.84 -20.59 -44.12
N VAL D 107 -9.92 -20.13 -43.28
CA VAL D 107 -8.52 -19.97 -43.66
C VAL D 107 -7.65 -20.22 -42.44
N THR D 108 -6.80 -21.23 -42.51
CA THR D 108 -5.87 -21.55 -41.43
C THR D 108 -4.49 -21.03 -41.79
N VAL D 109 -3.77 -20.52 -40.79
CA VAL D 109 -2.46 -19.92 -40.99
C VAL D 109 -1.44 -20.79 -40.28
N LEU D 110 -0.56 -21.42 -41.06
CA LEU D 110 0.46 -22.32 -40.55
C LEU D 110 1.82 -21.63 -40.57
N ASP D 111 2.58 -21.80 -39.49
CA ASP D 111 3.95 -21.30 -39.42
C ASP D 111 4.86 -22.36 -40.05
N VAL D 112 5.31 -22.10 -41.28
CA VAL D 112 6.17 -23.02 -42.01
C VAL D 112 7.60 -22.49 -42.12
N GLY D 113 7.93 -21.43 -41.38
CA GLY D 113 9.25 -20.84 -41.50
C GLY D 113 10.39 -21.78 -41.18
N ASP D 114 10.13 -22.79 -40.33
CA ASP D 114 11.21 -23.69 -39.94
C ASP D 114 11.87 -24.33 -41.16
N ALA D 115 11.10 -24.56 -42.22
CA ALA D 115 11.65 -25.18 -43.41
C ALA D 115 12.72 -24.32 -44.07
N TYR D 116 12.70 -23.00 -43.82
CA TYR D 116 13.70 -22.12 -44.43
C TYR D 116 15.10 -22.47 -43.95
N PHE D 117 15.24 -23.04 -42.76
CA PHE D 117 16.54 -23.36 -42.20
C PHE D 117 17.24 -24.50 -42.92
N SER D 118 16.54 -25.20 -43.82
CA SER D 118 17.14 -26.29 -44.56
C SER D 118 17.95 -25.83 -45.77
N VAL D 119 17.72 -24.61 -46.25
CA VAL D 119 18.34 -24.11 -47.48
C VAL D 119 19.49 -23.19 -47.11
N PRO D 120 20.69 -23.41 -47.65
CA PRO D 120 21.79 -22.47 -47.39
C PRO D 120 21.55 -21.13 -48.05
N LEU D 121 22.24 -20.12 -47.54
CA LEU D 121 22.13 -18.76 -48.01
C LEU D 121 23.38 -18.35 -48.76
N ASP D 122 23.20 -17.52 -49.79
CA ASP D 122 24.32 -17.02 -50.57
C ASP D 122 25.38 -16.43 -49.65
N GLU D 123 26.61 -16.94 -49.75
CA GLU D 123 27.69 -16.47 -48.90
C GLU D 123 27.83 -14.95 -48.95
N ASP D 124 27.91 -14.40 -50.15
CA ASP D 124 28.14 -12.97 -50.29
C ASP D 124 27.02 -12.13 -49.68
N PHE D 125 25.88 -12.74 -49.36
CA PHE D 125 24.76 -12.02 -48.79
C PHE D 125 24.63 -12.21 -47.28
N ARG D 126 25.37 -13.16 -46.69
CA ARG D 126 25.21 -13.45 -45.27
C ARG D 126 25.58 -12.26 -44.39
N LYS D 127 26.55 -11.45 -44.83
CA LYS D 127 26.95 -10.29 -44.03
C LYS D 127 25.79 -9.36 -43.77
N TYR D 128 24.76 -9.37 -44.60
CA TYR D 128 23.61 -8.50 -44.44
C TYR D 128 22.63 -8.97 -43.38
N THR D 129 22.77 -10.21 -42.90
CA THR D 129 21.85 -10.76 -41.91
C THR D 129 22.37 -10.63 -40.48
N ALA D 130 23.39 -9.81 -40.26
CA ALA D 130 24.01 -9.72 -38.95
C ALA D 130 23.03 -9.22 -37.90
N PHE D 131 23.06 -9.86 -36.73
CA PHE D 131 22.31 -9.39 -35.57
C PHE D 131 23.20 -9.51 -34.33
N THR D 132 22.79 -8.85 -33.26
CA THR D 132 23.58 -8.78 -32.03
C THR D 132 22.70 -9.10 -30.83
N ILE D 133 23.20 -9.96 -29.95
CA ILE D 133 22.52 -10.33 -28.71
C ILE D 133 23.12 -9.51 -27.58
N PRO D 134 22.35 -8.65 -26.91
CA PRO D 134 22.89 -7.84 -25.83
C PRO D 134 22.89 -8.61 -24.52
N SER D 135 23.41 -7.96 -23.48
CA SER D 135 23.45 -8.53 -22.13
C SER D 135 22.90 -7.52 -21.13
N ILE D 136 22.37 -8.04 -20.03
CA ILE D 136 21.83 -7.19 -18.98
C ILE D 136 22.94 -6.38 -18.33
N ASN D 137 22.65 -5.11 -18.04
CA ASN D 137 23.58 -4.19 -17.39
C ASN D 137 24.90 -4.07 -18.14
N ASN D 138 24.95 -4.51 -19.40
CA ASN D 138 26.16 -4.40 -20.22
C ASN D 138 27.35 -5.07 -19.54
N GLU D 139 27.12 -6.26 -18.99
CA GLU D 139 28.22 -7.03 -18.41
C GLU D 139 29.16 -7.54 -19.49
N THR D 140 28.61 -8.07 -20.59
CA THR D 140 29.37 -8.56 -21.70
C THR D 140 28.98 -7.79 -22.96
N PRO D 141 29.95 -7.35 -23.77
CA PRO D 141 29.62 -6.68 -25.03
C PRO D 141 28.66 -7.48 -25.89
N GLY D 142 28.14 -6.86 -26.96
CA GLY D 142 27.20 -7.56 -27.81
C GLY D 142 27.84 -8.75 -28.49
N ILE D 143 27.07 -9.83 -28.61
CA ILE D 143 27.52 -11.06 -29.26
C ILE D 143 26.85 -11.11 -30.63
N ARG D 144 27.66 -11.02 -31.68
CA ARG D 144 27.16 -10.87 -33.04
C ARG D 144 27.13 -12.21 -33.76
N TYR D 145 26.09 -12.41 -34.56
CA TYR D 145 25.93 -13.59 -35.39
C TYR D 145 25.53 -13.17 -36.80
N GLN D 146 25.52 -14.14 -37.70
CA GLN D 146 24.98 -13.96 -39.03
C GLN D 146 24.44 -15.30 -39.50
N TYR D 147 23.54 -15.25 -40.47
CA TYR D 147 22.84 -16.45 -40.93
C TYR D 147 23.63 -17.16 -42.02
N ASN D 148 23.62 -18.49 -41.96
CA ASN D 148 24.15 -19.33 -43.03
C ASN D 148 23.05 -19.94 -43.88
N VAL D 149 21.79 -19.84 -43.45
CA VAL D 149 20.65 -20.42 -44.14
C VAL D 149 19.61 -19.32 -44.35
N LEU D 150 18.50 -19.71 -44.95
CA LEU D 150 17.40 -18.77 -45.16
C LEU D 150 16.80 -18.37 -43.82
N PRO D 151 16.93 -17.12 -43.39
CA PRO D 151 16.41 -16.74 -42.08
C PRO D 151 14.92 -16.42 -42.14
N GLN D 152 14.20 -16.78 -41.09
CA GLN D 152 12.79 -16.45 -41.01
C GLN D 152 12.61 -14.93 -41.00
N GLY D 153 11.54 -14.47 -41.63
CA GLY D 153 11.22 -13.06 -41.65
C GLY D 153 11.85 -12.25 -42.76
N TRP D 154 12.68 -12.86 -43.61
CA TRP D 154 13.28 -12.18 -44.76
C TRP D 154 12.45 -12.47 -45.99
N LYS D 155 12.14 -11.42 -46.77
CA LYS D 155 11.26 -11.59 -47.91
C LYS D 155 11.85 -12.51 -48.97
N GLY D 156 13.18 -12.66 -49.00
CA GLY D 156 13.81 -13.56 -49.95
C GLY D 156 13.59 -15.02 -49.63
N SER D 157 13.32 -15.34 -48.37
CA SER D 157 13.15 -16.73 -47.97
C SER D 157 12.02 -17.41 -48.73
N PRO D 158 10.78 -16.90 -48.70
CA PRO D 158 9.71 -17.57 -49.46
C PRO D 158 9.95 -17.57 -50.96
N ALA D 159 10.56 -16.52 -51.51
CA ALA D 159 10.81 -16.47 -52.95
C ALA D 159 11.79 -17.56 -53.36
N ILE D 160 12.92 -17.66 -52.66
CA ILE D 160 13.92 -18.68 -52.99
C ILE D 160 13.37 -20.07 -52.75
N PHE D 161 12.64 -20.26 -51.64
CA PHE D 161 12.10 -21.56 -51.29
C PHE D 161 10.86 -21.92 -52.09
N GLN D 162 10.30 -20.98 -52.86
CA GLN D 162 9.05 -21.21 -53.56
C GLN D 162 9.16 -22.40 -54.51
N SER D 163 10.27 -22.51 -55.23
CA SER D 163 10.46 -23.66 -56.13
C SER D 163 10.36 -24.97 -55.36
N SER D 164 10.93 -25.01 -54.16
CA SER D 164 10.81 -26.20 -53.32
C SER D 164 9.41 -26.33 -52.76
N MET D 165 8.78 -25.21 -52.42
CA MET D 165 7.46 -25.25 -51.81
C MET D 165 6.43 -25.88 -52.74
N THR D 166 6.40 -25.42 -54.00
CA THR D 166 5.38 -25.90 -54.93
C THR D 166 5.43 -27.42 -55.08
N LYS D 167 6.65 -27.99 -55.10
CA LYS D 167 6.76 -29.44 -55.24
C LYS D 167 6.17 -30.15 -54.02
N ILE D 168 6.46 -29.64 -52.82
CA ILE D 168 5.95 -30.28 -51.62
C ILE D 168 4.42 -30.28 -51.60
N LEU D 169 3.82 -29.22 -52.12
CA LEU D 169 2.36 -29.08 -52.11
C LEU D 169 1.68 -29.76 -53.29
N GLU D 170 2.43 -30.13 -54.33
CA GLU D 170 1.81 -30.72 -55.52
C GLU D 170 0.87 -31.86 -55.20
N PRO D 171 1.30 -32.90 -54.46
CA PRO D 171 0.40 -34.04 -54.24
C PRO D 171 -0.85 -33.67 -53.46
N PHE D 172 -0.70 -32.78 -52.47
CA PHE D 172 -1.86 -32.35 -51.69
C PHE D 172 -2.81 -31.52 -52.53
N LYS D 173 -2.29 -30.57 -53.31
CA LYS D 173 -3.15 -29.74 -54.15
C LYS D 173 -3.89 -30.57 -55.19
N LYS D 174 -3.21 -31.57 -55.77
CA LYS D 174 -3.86 -32.37 -56.81
C LYS D 174 -4.95 -33.25 -56.24
N GLN D 175 -4.82 -33.68 -54.98
CA GLN D 175 -5.90 -34.41 -54.33
C GLN D 175 -7.01 -33.49 -53.84
N ASN D 176 -6.72 -32.21 -53.62
CA ASN D 176 -7.71 -31.24 -53.15
C ASN D 176 -7.62 -29.98 -54.02
N PRO D 177 -8.10 -30.06 -55.26
CA PRO D 177 -7.93 -28.92 -56.18
C PRO D 177 -8.75 -27.71 -55.80
N ASP D 178 -9.74 -27.85 -54.92
CA ASP D 178 -10.59 -26.75 -54.51
C ASP D 178 -10.08 -26.00 -53.29
N ILE D 179 -8.92 -26.39 -52.77
CA ILE D 179 -8.33 -25.74 -51.61
C ILE D 179 -7.31 -24.71 -52.11
N VAL D 180 -7.37 -23.51 -51.54
CA VAL D 180 -6.49 -22.42 -51.92
C VAL D 180 -5.33 -22.37 -50.92
N ILE D 181 -4.12 -22.19 -51.44
CA ILE D 181 -2.92 -22.07 -50.61
C ILE D 181 -2.18 -20.81 -51.06
N TYR D 182 -1.93 -19.91 -50.11
CA TYR D 182 -1.18 -18.70 -50.37
C TYR D 182 -0.02 -18.61 -49.39
N GLN D 183 1.13 -18.18 -49.88
CA GLN D 183 2.35 -18.07 -49.09
C GLN D 183 2.71 -16.60 -48.91
N TYR D 184 2.85 -16.18 -47.66
CA TYR D 184 3.35 -14.85 -47.33
C TYR D 184 4.34 -15.00 -46.19
N MET D 185 5.60 -14.62 -46.45
CA MET D 185 6.68 -14.68 -45.46
C MET D 185 6.71 -16.08 -44.87
N ASP D 186 6.77 -16.24 -43.56
CA ASP D 186 6.89 -17.53 -42.90
C ASP D 186 5.56 -18.28 -42.78
N ASP D 187 4.49 -17.75 -43.35
CA ASP D 187 3.16 -18.29 -43.11
C ASP D 187 2.59 -18.95 -44.36
N LEU D 188 1.72 -19.93 -44.15
CA LEU D 188 0.98 -20.58 -45.21
C LEU D 188 -0.50 -20.40 -44.92
N TYR D 189 -1.24 -19.85 -45.89
CA TYR D 189 -2.65 -19.57 -45.73
C TYR D 189 -3.45 -20.57 -46.56
N VAL D 190 -4.24 -21.40 -45.88
CA VAL D 190 -4.99 -22.48 -46.52
C VAL D 190 -6.46 -22.25 -46.26
N GLY D 191 -7.23 -22.04 -47.34
CA GLY D 191 -8.64 -21.76 -47.24
C GLY D 191 -9.46 -22.79 -47.99
N SER D 192 -10.66 -23.06 -47.48
CA SER D 192 -11.57 -24.00 -48.11
C SER D 192 -13.01 -23.62 -47.76
N ASP D 193 -13.94 -24.20 -48.51
CA ASP D 193 -15.36 -24.03 -48.24
C ASP D 193 -15.95 -25.25 -47.53
N LEU D 194 -15.13 -26.15 -47.02
CA LEU D 194 -15.63 -27.32 -46.34
C LEU D 194 -16.20 -26.94 -44.98
N GLU D 195 -16.82 -27.91 -44.31
CA GLU D 195 -17.21 -27.72 -42.93
C GLU D 195 -15.95 -27.72 -42.06
N ILE D 196 -16.03 -27.00 -40.93
CA ILE D 196 -14.85 -26.76 -40.13
C ILE D 196 -14.19 -28.08 -39.73
N GLY D 197 -15.00 -29.04 -39.27
CA GLY D 197 -14.44 -30.34 -38.95
C GLY D 197 -13.69 -30.94 -40.11
N GLN D 198 -14.30 -30.89 -41.30
CA GLN D 198 -13.60 -31.34 -42.50
C GLN D 198 -12.43 -30.42 -42.84
N HIS D 199 -12.59 -29.12 -42.60
CA HIS D 199 -11.49 -28.18 -42.84
C HIS D 199 -10.31 -28.49 -41.93
N ARG D 200 -10.55 -28.62 -40.64
CA ARG D 200 -9.47 -28.90 -39.71
C ARG D 200 -8.78 -30.22 -40.03
N THR D 201 -9.53 -31.21 -40.51
CA THR D 201 -8.93 -32.48 -40.91
C THR D 201 -7.96 -32.28 -42.06
N LYS D 202 -8.39 -31.56 -43.11
CA LYS D 202 -7.50 -31.31 -44.23
C LYS D 202 -6.24 -30.58 -43.80
N ILE D 203 -6.35 -29.71 -42.80
CA ILE D 203 -5.18 -28.99 -42.32
C ILE D 203 -4.17 -29.95 -41.72
N GLU D 204 -4.65 -30.95 -40.96
CA GLU D 204 -3.74 -31.95 -40.41
C GLU D 204 -3.08 -32.76 -41.51
N GLU D 205 -3.82 -33.07 -42.58
CA GLU D 205 -3.19 -33.75 -43.70
C GLU D 205 -2.02 -32.93 -44.24
N LEU D 206 -2.20 -31.62 -44.38
CA LEU D 206 -1.13 -30.78 -44.89
C LEU D 206 0.06 -30.77 -43.94
N ARG D 207 -0.20 -30.81 -42.64
CA ARG D 207 0.89 -30.86 -41.66
C ARG D 207 1.72 -32.13 -41.84
N GLN D 208 1.08 -33.30 -41.74
CA GLN D 208 1.80 -34.55 -41.93
C GLN D 208 2.38 -34.66 -43.33
N HIS D 209 1.71 -34.09 -44.33
CA HIS D 209 2.29 -34.06 -45.68
C HIS D 209 3.58 -33.26 -45.70
N LEU D 210 3.66 -32.20 -44.90
CA LEU D 210 4.88 -31.41 -44.84
C LEU D 210 5.95 -32.12 -44.02
N LEU D 211 5.54 -32.79 -42.94
CA LEU D 211 6.50 -33.53 -42.12
C LEU D 211 7.12 -34.67 -42.92
N ARG D 212 6.41 -35.21 -43.91
CA ARG D 212 6.98 -36.25 -44.75
C ARG D 212 8.27 -35.78 -45.42
N TRP D 213 8.35 -34.50 -45.79
CA TRP D 213 9.59 -33.96 -46.30
C TRP D 213 10.51 -33.44 -45.21
N GLY D 214 9.96 -33.06 -44.06
CA GLY D 214 10.76 -32.60 -42.93
C GLY D 214 11.64 -33.69 -42.37
N PRO D 227 5.95 -22.68 -31.63
CA PRO D 227 6.23 -22.02 -32.91
C PRO D 227 6.13 -22.98 -34.09
N PHE D 228 6.43 -24.25 -33.85
CA PHE D 228 6.54 -25.24 -34.93
C PHE D 228 5.21 -25.43 -35.65
N LEU D 229 5.18 -26.37 -36.58
CA LEU D 229 4.04 -26.53 -37.49
C LEU D 229 2.75 -26.93 -36.77
N TRP D 230 2.83 -27.42 -35.53
CA TRP D 230 1.65 -27.96 -34.88
C TRP D 230 0.56 -26.92 -34.65
N MET D 231 0.90 -25.63 -34.72
CA MET D 231 -0.06 -24.57 -34.44
C MET D 231 -0.81 -24.16 -35.70
N GLY D 232 -2.03 -23.66 -35.51
CA GLY D 232 -2.82 -23.16 -36.61
C GLY D 232 -3.88 -22.20 -36.10
N TYR D 233 -4.18 -21.18 -36.90
CA TYR D 233 -5.13 -20.14 -36.53
C TYR D 233 -6.21 -20.03 -37.60
N GLU D 234 -7.45 -19.87 -37.16
CA GLU D 234 -8.61 -19.92 -38.04
C GLU D 234 -9.13 -18.52 -38.34
N LEU D 235 -9.34 -18.23 -39.62
CA LEU D 235 -9.96 -17.00 -40.08
C LEU D 235 -11.21 -17.34 -40.87
N HIS D 236 -12.07 -16.35 -41.07
CA HIS D 236 -13.33 -16.52 -41.80
C HIS D 236 -13.59 -15.31 -42.67
N PRO D 237 -12.87 -15.18 -43.79
CA PRO D 237 -12.96 -13.96 -44.60
C PRO D 237 -14.31 -13.75 -45.27
N ASP D 238 -15.02 -14.82 -45.63
CA ASP D 238 -16.31 -14.66 -46.30
C ASP D 238 -17.29 -13.85 -45.45
N LYS D 239 -17.02 -13.71 -44.16
CA LYS D 239 -17.87 -12.96 -43.25
C LYS D 239 -17.33 -11.55 -42.97
N TRP D 240 -16.34 -11.11 -43.73
CA TRP D 240 -15.78 -9.77 -43.52
C TRP D 240 -16.62 -8.73 -44.26
N THR D 241 -17.06 -7.72 -43.53
CA THR D 241 -17.91 -6.66 -44.05
C THR D 241 -17.25 -5.31 -43.77
N VAL D 242 -17.81 -4.26 -44.36
CA VAL D 242 -17.29 -2.91 -44.22
C VAL D 242 -18.22 -2.10 -43.31
N GLN D 243 -17.75 -0.91 -42.95
CA GLN D 243 -18.46 -0.04 -42.03
C GLN D 243 -18.79 1.28 -42.70
N PRO D 244 -20.04 1.55 -43.04
CA PRO D 244 -20.37 2.80 -43.71
C PRO D 244 -20.32 3.98 -42.76
N ILE D 245 -20.30 5.16 -43.35
CA ILE D 245 -20.57 6.39 -42.61
C ILE D 245 -22.07 6.44 -42.36
N VAL D 246 -22.46 6.63 -41.10
CA VAL D 246 -23.87 6.63 -40.74
C VAL D 246 -24.21 7.95 -40.07
N LEU D 247 -25.41 8.46 -40.35
CA LEU D 247 -25.94 9.61 -39.66
C LEU D 247 -27.06 9.15 -38.74
N PRO D 248 -26.93 9.30 -37.43
CA PRO D 248 -28.06 8.99 -36.55
C PRO D 248 -29.24 9.88 -36.88
N GLU D 249 -30.43 9.41 -36.48
CA GLU D 249 -31.70 10.14 -36.71
C GLU D 249 -32.34 10.45 -35.35
N LYS D 250 -32.42 11.74 -34.99
CA LYS D 250 -32.99 12.18 -33.73
C LYS D 250 -34.43 12.61 -33.98
N ASP D 251 -35.22 12.56 -32.91
CA ASP D 251 -36.58 13.04 -33.02
C ASP D 251 -36.66 14.55 -32.82
N SER D 252 -35.72 15.13 -32.08
CA SER D 252 -35.55 16.56 -31.96
C SER D 252 -34.09 16.93 -32.19
N TRP D 253 -33.86 18.10 -32.79
CA TRP D 253 -32.52 18.57 -33.09
C TRP D 253 -32.27 19.93 -32.45
N THR D 254 -31.10 20.10 -31.86
CA THR D 254 -30.62 21.38 -31.37
C THR D 254 -29.67 22.00 -32.38
N VAL D 255 -29.41 23.30 -32.20
CA VAL D 255 -28.43 24.00 -33.03
C VAL D 255 -27.12 23.25 -33.04
N ASN D 256 -26.66 22.82 -31.86
CA ASN D 256 -25.42 22.05 -31.78
C ASN D 256 -25.52 20.76 -32.61
N ASP D 257 -26.64 20.05 -32.51
CA ASP D 257 -26.82 18.82 -33.29
C ASP D 257 -26.64 19.09 -34.78
N ILE D 258 -27.31 20.12 -35.29
CA ILE D 258 -27.23 20.40 -36.71
C ILE D 258 -25.85 20.89 -37.09
N GLN D 259 -25.16 21.61 -36.20
CA GLN D 259 -23.79 22.00 -36.47
C GLN D 259 -22.89 20.78 -36.63
N LYS D 260 -22.99 19.83 -35.69
CA LYS D 260 -22.22 18.60 -35.81
C LYS D 260 -22.57 17.87 -37.11
N LEU D 261 -23.87 17.74 -37.38
CA LEU D 261 -24.27 17.03 -38.59
C LEU D 261 -23.71 17.71 -39.83
N VAL D 262 -23.80 19.04 -39.90
CA VAL D 262 -23.26 19.77 -41.04
C VAL D 262 -21.76 19.58 -41.16
N GLY D 263 -21.05 19.55 -40.02
CA GLY D 263 -19.64 19.27 -40.07
C GLY D 263 -19.35 17.89 -40.62
N LYS D 264 -20.02 16.87 -40.08
CA LYS D 264 -19.79 15.50 -40.53
C LYS D 264 -20.11 15.34 -42.01
N LEU D 265 -21.28 15.85 -42.44
CA LEU D 265 -21.66 15.76 -43.84
C LEU D 265 -20.66 16.47 -44.74
N ASN D 266 -20.23 17.66 -44.35
CA ASN D 266 -19.26 18.40 -45.15
C ASN D 266 -17.96 17.63 -45.28
N TRP D 267 -17.54 16.97 -44.21
CA TRP D 267 -16.36 16.12 -44.29
C TRP D 267 -16.61 14.94 -45.23
N ALA D 268 -17.73 14.26 -45.06
CA ALA D 268 -18.05 13.12 -45.92
C ALA D 268 -18.12 13.51 -47.39
N SER D 269 -18.34 14.79 -47.69
CA SER D 269 -18.43 15.21 -49.08
C SER D 269 -17.11 15.01 -49.82
N GLN D 270 -16.00 14.89 -49.10
CA GLN D 270 -14.73 14.54 -49.73
C GLN D 270 -14.74 13.12 -50.26
N ILE D 271 -15.62 12.26 -49.74
CA ILE D 271 -15.77 10.90 -50.22
C ILE D 271 -16.92 10.78 -51.20
N TYR D 272 -18.09 11.32 -50.85
CA TYR D 272 -19.24 11.30 -51.73
C TYR D 272 -19.52 12.73 -52.21
N PRO D 273 -19.07 13.13 -53.39
CA PRO D 273 -19.18 14.54 -53.78
C PRO D 273 -20.61 15.03 -53.93
N GLY D 274 -21.60 14.14 -53.96
CA GLY D 274 -22.97 14.57 -54.11
C GLY D 274 -23.66 15.02 -52.85
N ILE D 275 -22.98 14.93 -51.70
CA ILE D 275 -23.57 15.33 -50.43
C ILE D 275 -23.69 16.85 -50.38
N LYS D 276 -24.85 17.32 -49.91
CA LYS D 276 -25.12 18.74 -49.81
C LYS D 276 -25.52 19.08 -48.39
N VAL D 277 -25.30 20.34 -48.01
CA VAL D 277 -25.61 20.82 -46.67
C VAL D 277 -26.30 22.17 -46.75
N ARG D 278 -26.61 22.63 -47.96
CA ARG D 278 -27.20 23.96 -48.10
C ARG D 278 -28.45 24.10 -47.26
N GLN D 279 -29.36 23.13 -47.37
CA GLN D 279 -30.65 23.26 -46.70
C GLN D 279 -30.51 23.09 -45.19
N LEU D 280 -29.55 22.29 -44.75
CA LEU D 280 -29.33 22.12 -43.32
C LEU D 280 -28.70 23.35 -42.71
N SER D 281 -27.79 24.00 -43.44
CA SER D 281 -27.15 25.21 -42.93
C SER D 281 -28.16 26.32 -42.72
N LYS D 282 -29.12 26.44 -43.65
CA LYS D 282 -30.11 27.52 -43.55
C LYS D 282 -30.88 27.47 -42.25
N LEU D 283 -31.03 26.28 -41.66
CA LEU D 283 -31.60 26.19 -40.32
C LEU D 283 -30.75 26.91 -39.29
N LEU D 284 -29.48 27.17 -39.60
CA LEU D 284 -28.58 27.88 -38.70
C LEU D 284 -28.40 29.33 -39.09
N ARG D 285 -29.45 29.99 -39.55
CA ARG D 285 -29.36 31.38 -39.95
C ARG D 285 -29.62 32.26 -38.72
N GLY D 286 -28.68 33.15 -38.44
CA GLY D 286 -28.76 33.95 -37.24
C GLY D 286 -27.59 33.65 -36.33
N THR D 287 -27.72 34.00 -35.04
CA THR D 287 -26.68 33.77 -34.04
C THR D 287 -27.33 33.12 -32.83
N LYS D 288 -27.59 31.82 -32.94
CA LYS D 288 -28.49 31.14 -32.01
C LYS D 288 -27.73 30.51 -30.86
N ALA D 289 -28.45 30.26 -29.76
CA ALA D 289 -27.91 29.48 -28.66
C ALA D 289 -27.74 28.02 -29.07
N LEU D 290 -26.68 27.38 -28.57
CA LEU D 290 -26.35 26.02 -29.00
C LEU D 290 -27.42 25.01 -28.59
N THR D 291 -28.12 25.23 -27.48
CA THR D 291 -29.11 24.27 -27.02
C THR D 291 -30.50 24.55 -27.57
N GLU D 292 -30.63 25.57 -28.42
CA GLU D 292 -31.94 25.90 -28.99
C GLU D 292 -32.41 24.78 -29.90
N VAL D 293 -33.62 24.29 -29.64
CA VAL D 293 -34.23 23.26 -30.47
C VAL D 293 -34.80 23.89 -31.73
N ILE D 294 -34.39 23.39 -32.90
CA ILE D 294 -34.91 23.97 -34.13
C ILE D 294 -35.51 22.89 -35.03
N PRO D 295 -36.69 23.12 -35.58
CA PRO D 295 -37.34 22.10 -36.40
C PRO D 295 -36.78 22.07 -37.83
N LEU D 296 -36.84 20.89 -38.43
CA LEU D 296 -36.37 20.75 -39.80
C LEU D 296 -37.41 21.28 -40.78
N THR D 297 -36.95 22.04 -41.76
CA THR D 297 -37.82 22.39 -42.87
C THR D 297 -38.00 21.18 -43.78
N GLU D 298 -39.02 21.24 -44.62
CA GLU D 298 -39.22 20.18 -45.62
C GLU D 298 -37.99 20.05 -46.51
N GLU D 299 -37.39 21.18 -46.90
CA GLU D 299 -36.22 21.12 -47.77
C GLU D 299 -35.05 20.46 -47.06
N ALA D 300 -34.90 20.66 -45.74
CA ALA D 300 -33.79 20.04 -45.04
C ALA D 300 -33.99 18.54 -44.91
N GLU D 301 -35.24 18.08 -44.74
CA GLU D 301 -35.49 16.65 -44.70
C GLU D 301 -35.20 15.98 -46.03
N LEU D 302 -35.54 16.63 -47.14
CA LEU D 302 -35.21 16.07 -48.45
C LEU D 302 -33.70 16.01 -48.64
N GLU D 303 -32.98 17.01 -48.11
CA GLU D 303 -31.53 16.99 -48.19
C GLU D 303 -30.95 15.83 -47.39
N LEU D 304 -31.46 15.63 -46.17
CA LEU D 304 -31.04 14.51 -45.35
C LEU D 304 -31.34 13.18 -46.05
N ALA D 305 -32.57 13.02 -46.52
CA ALA D 305 -32.93 11.78 -47.19
C ALA D 305 -31.98 11.49 -48.34
N GLU D 306 -31.66 12.49 -49.15
CA GLU D 306 -30.74 12.31 -50.25
C GLU D 306 -29.33 12.03 -49.77
N ASN D 307 -28.91 12.64 -48.66
CA ASN D 307 -27.57 12.36 -48.14
C ASN D 307 -27.48 10.93 -47.63
N ARG D 308 -28.48 10.50 -46.87
CA ARG D 308 -28.51 9.13 -46.39
C ARG D 308 -28.52 8.14 -47.54
N GLU D 309 -29.28 8.44 -48.60
CA GLU D 309 -29.27 7.59 -49.79
C GLU D 309 -27.87 7.49 -50.36
N ILE D 310 -27.17 8.61 -50.44
CA ILE D 310 -25.82 8.61 -51.01
C ILE D 310 -24.88 7.75 -50.16
N LEU D 311 -25.02 7.83 -48.84
CA LEU D 311 -24.12 7.08 -47.95
C LEU D 311 -24.38 5.58 -47.98
N LYS D 312 -25.52 5.15 -48.54
CA LYS D 312 -25.80 3.72 -48.65
C LYS D 312 -25.01 3.08 -49.79
N GLU D 313 -24.82 3.81 -50.89
CA GLU D 313 -24.19 3.27 -52.08
C GLU D 313 -22.67 3.18 -51.90
N PRO D 314 -22.00 2.38 -52.73
CA PRO D 314 -20.55 2.24 -52.61
C PRO D 314 -19.86 3.50 -53.11
N VAL D 315 -18.61 3.65 -52.69
CA VAL D 315 -17.81 4.78 -53.16
C VAL D 315 -17.39 4.51 -54.60
N HIS D 316 -17.53 5.52 -55.45
CA HIS D 316 -17.28 5.38 -56.87
C HIS D 316 -15.81 5.57 -57.21
N GLY D 317 -15.32 4.78 -58.17
CA GLY D 317 -13.98 4.99 -58.69
C GLY D 317 -12.86 4.53 -57.81
N VAL D 318 -13.09 3.55 -56.95
CA VAL D 318 -12.05 3.01 -56.08
C VAL D 318 -11.44 1.81 -56.79
N TYR D 319 -10.13 1.85 -57.01
CA TYR D 319 -9.45 0.79 -57.72
C TYR D 319 -8.23 0.38 -56.93
N TYR D 320 -7.92 -0.92 -56.97
CA TYR D 320 -6.74 -1.44 -56.30
C TYR D 320 -5.60 -1.45 -57.31
N ASP D 321 -4.53 -0.74 -57.00
CA ASP D 321 -3.36 -0.77 -57.86
C ASP D 321 -2.34 -1.70 -57.24
N PRO D 322 -2.07 -2.87 -57.83
CA PRO D 322 -1.10 -3.80 -57.21
C PRO D 322 0.30 -3.21 -57.06
N SER D 323 0.60 -2.09 -57.71
CA SER D 323 1.93 -1.49 -57.66
C SER D 323 2.06 -0.39 -56.61
N LYS D 324 0.97 -0.01 -55.93
CA LYS D 324 0.99 1.03 -54.93
C LYS D 324 0.86 0.44 -53.54
N ASP D 325 1.49 1.11 -52.57
CA ASP D 325 1.42 0.66 -51.18
C ASP D 325 0.02 0.85 -50.62
N LEU D 326 -0.30 0.02 -49.63
CA LEU D 326 -1.54 0.17 -48.87
C LEU D 326 -1.26 1.00 -47.63
N ILE D 327 -2.19 1.87 -47.29
CA ILE D 327 -2.10 2.71 -46.10
C ILE D 327 -3.30 2.40 -45.21
N ALA D 328 -3.04 2.31 -43.91
CA ALA D 328 -4.07 2.04 -42.93
C ALA D 328 -4.02 3.12 -41.86
N GLU D 329 -5.16 3.73 -41.58
CA GLU D 329 -5.34 4.67 -40.47
C GLU D 329 -6.25 4.03 -39.43
N ILE D 330 -6.00 4.34 -38.17
CA ILE D 330 -6.73 3.77 -37.05
C ILE D 330 -7.14 4.90 -36.12
N GLN D 331 -8.40 4.91 -35.70
CA GLN D 331 -8.88 5.86 -34.71
C GLN D 331 -9.26 5.10 -33.44
N LYS D 332 -8.79 5.59 -32.31
CA LYS D 332 -9.23 5.09 -31.01
C LYS D 332 -10.59 5.73 -30.71
N GLN D 333 -11.66 4.92 -30.73
CA GLN D 333 -13.00 5.42 -30.49
C GLN D 333 -13.41 5.34 -29.03
N GLY D 334 -12.62 4.68 -28.19
CA GLY D 334 -12.99 4.52 -26.79
C GLY D 334 -13.85 3.29 -26.56
N GLN D 335 -13.89 2.84 -25.32
CA GLN D 335 -14.66 1.65 -24.94
C GLN D 335 -14.15 0.42 -25.67
N GLY D 336 -12.82 0.34 -25.82
CA GLY D 336 -12.24 -0.79 -26.52
C GLY D 336 -12.58 -0.87 -27.99
N GLN D 337 -13.16 0.18 -28.55
CA GLN D 337 -13.54 0.23 -29.96
C GLN D 337 -12.47 0.94 -30.77
N TRP D 338 -12.23 0.44 -31.97
CA TRP D 338 -11.21 1.00 -32.86
C TRP D 338 -11.72 0.94 -34.29
N THR D 339 -11.64 2.06 -35.00
CA THR D 339 -12.02 2.10 -36.41
C THR D 339 -10.76 2.23 -37.25
N TYR D 340 -10.84 1.74 -38.49
CA TYR D 340 -9.69 1.79 -39.39
C TYR D 340 -10.18 1.83 -40.84
N GLN D 341 -9.38 2.45 -41.69
CA GLN D 341 -9.65 2.51 -43.11
C GLN D 341 -8.39 2.15 -43.85
N ILE D 342 -8.54 1.41 -44.95
CA ILE D 342 -7.43 0.99 -45.79
C ILE D 342 -7.61 1.65 -47.16
N TYR D 343 -6.55 2.25 -47.67
CA TYR D 343 -6.66 2.96 -48.93
C TYR D 343 -5.28 3.09 -49.56
N GLN D 344 -5.28 3.39 -50.86
CA GLN D 344 -4.09 3.80 -51.58
C GLN D 344 -4.10 5.28 -51.95
N GLU D 345 -5.27 5.80 -52.31
CA GLU D 345 -5.55 7.21 -52.54
C GLU D 345 -6.47 7.75 -51.44
N PRO D 346 -6.17 8.93 -50.91
CA PRO D 346 -7.02 9.47 -49.84
C PRO D 346 -8.46 9.58 -50.29
N PHE D 347 -9.38 9.21 -49.38
CA PHE D 347 -10.82 9.26 -49.60
C PHE D 347 -11.29 8.21 -50.59
N LYS D 348 -10.41 7.35 -51.08
CA LYS D 348 -10.78 6.22 -51.92
C LYS D 348 -10.52 4.93 -51.15
N ASN D 349 -11.27 4.74 -50.08
CA ASN D 349 -11.01 3.62 -49.17
C ASN D 349 -11.35 2.30 -49.84
N LEU D 350 -10.40 1.37 -49.80
CA LEU D 350 -10.64 0.02 -50.26
C LEU D 350 -11.38 -0.82 -49.22
N LYS D 351 -11.30 -0.44 -47.94
CA LYS D 351 -12.00 -1.16 -46.89
C LYS D 351 -12.04 -0.28 -45.65
N THR D 352 -13.14 -0.40 -44.90
CA THR D 352 -13.32 0.25 -43.61
C THR D 352 -13.83 -0.78 -42.61
N GLY D 353 -13.34 -0.70 -41.38
CA GLY D 353 -13.70 -1.70 -40.40
C GLY D 353 -13.73 -1.17 -38.99
N LYS D 354 -14.09 -2.05 -38.06
CA LYS D 354 -14.09 -1.74 -36.64
C LYS D 354 -13.65 -2.99 -35.90
N TYR D 355 -12.79 -2.80 -34.90
CA TYR D 355 -12.29 -3.88 -34.06
C TYR D 355 -12.69 -3.63 -32.62
N ALA D 356 -13.02 -4.71 -31.91
CA ALA D 356 -13.46 -4.62 -30.52
C ALA D 356 -13.21 -5.97 -29.84
N ARG D 357 -13.83 -6.19 -28.70
CA ARG D 357 -13.73 -7.47 -27.97
C ARG D 357 -12.27 -7.78 -27.64
N MET D 358 -11.58 -6.80 -27.07
CA MET D 358 -10.20 -6.97 -26.65
C MET D 358 -10.12 -7.83 -25.39
N ARG D 359 -10.50 -9.10 -25.52
CA ARG D 359 -10.35 -10.05 -24.42
C ARG D 359 -8.91 -10.13 -23.95
N GLY D 360 -8.74 -10.15 -22.63
CA GLY D 360 -7.43 -10.09 -21.99
C GLY D 360 -7.28 -8.92 -21.03
N ALA D 361 -6.33 -8.03 -21.26
CA ALA D 361 -6.05 -6.97 -20.28
C ALA D 361 -7.29 -6.13 -19.99
N HIS D 362 -7.85 -5.49 -21.02
CA HIS D 362 -9.01 -4.60 -20.90
C HIS D 362 -8.66 -3.31 -20.18
N THR D 363 -7.38 -3.05 -19.95
CA THR D 363 -6.91 -1.84 -19.31
C THR D 363 -5.63 -1.36 -19.97
N ASN D 364 -5.42 -1.73 -21.22
CA ASN D 364 -4.17 -1.47 -21.93
C ASN D 364 -4.51 -1.05 -23.36
N ASP D 365 -4.44 0.25 -23.61
CA ASP D 365 -4.69 0.78 -24.95
C ASP D 365 -3.67 0.24 -25.95
N VAL D 366 -2.41 0.14 -25.53
CA VAL D 366 -1.35 -0.25 -26.45
C VAL D 366 -1.50 -1.70 -26.86
N LYS D 367 -1.82 -2.57 -25.91
CA LYS D 367 -2.07 -3.96 -26.25
C LYS D 367 -3.24 -4.08 -27.23
N GLN D 368 -4.31 -3.32 -26.99
CA GLN D 368 -5.42 -3.31 -27.93
C GLN D 368 -4.98 -2.82 -29.31
N LEU D 369 -4.18 -1.76 -29.35
CA LEU D 369 -3.74 -1.23 -30.65
C LEU D 369 -2.81 -2.21 -31.36
N THR D 370 -1.88 -2.82 -30.63
CA THR D 370 -1.02 -3.84 -31.23
C THR D 370 -1.85 -4.97 -31.82
N GLU D 371 -2.83 -5.48 -31.07
CA GLU D 371 -3.70 -6.51 -31.59
C GLU D 371 -4.45 -6.01 -32.83
N ALA D 372 -4.90 -4.75 -32.81
CA ALA D 372 -5.62 -4.19 -33.95
C ALA D 372 -4.73 -4.17 -35.19
N VAL D 373 -3.48 -3.71 -35.05
CA VAL D 373 -2.56 -3.69 -36.17
C VAL D 373 -2.37 -5.10 -36.74
N GLN D 374 -2.22 -6.10 -35.87
CA GLN D 374 -2.01 -7.45 -36.35
C GLN D 374 -3.23 -7.95 -37.13
N LYS D 375 -4.44 -7.70 -36.60
CA LYS D 375 -5.63 -8.14 -37.33
C LYS D 375 -5.74 -7.46 -38.69
N ILE D 376 -5.49 -6.15 -38.74
CA ILE D 376 -5.66 -5.42 -40.00
C ILE D 376 -4.66 -5.90 -41.04
N THR D 377 -3.43 -6.19 -40.62
CA THR D 377 -2.44 -6.76 -41.53
C THR D 377 -2.89 -8.11 -42.06
N THR D 378 -3.38 -8.99 -41.16
CA THR D 378 -3.82 -10.30 -41.59
C THR D 378 -4.91 -10.20 -42.65
N GLU D 379 -5.79 -9.20 -42.53
CA GLU D 379 -6.83 -9.02 -43.55
C GLU D 379 -6.23 -8.53 -44.86
N SER D 380 -5.25 -7.62 -44.79
CA SER D 380 -4.60 -7.15 -46.01
C SER D 380 -3.88 -8.27 -46.73
N ILE D 381 -3.20 -9.14 -45.98
CA ILE D 381 -2.52 -10.27 -46.60
C ILE D 381 -3.54 -11.18 -47.29
N VAL D 382 -4.66 -11.45 -46.62
CA VAL D 382 -5.66 -12.35 -47.18
C VAL D 382 -6.33 -11.72 -48.40
N ILE D 383 -6.52 -10.41 -48.39
CA ILE D 383 -7.27 -9.75 -49.45
C ILE D 383 -6.37 -9.33 -50.60
N TRP D 384 -5.17 -8.83 -50.29
CA TRP D 384 -4.27 -8.30 -51.30
C TRP D 384 -2.88 -8.90 -51.26
N GLY D 385 -2.56 -9.74 -50.27
CA GLY D 385 -1.20 -10.26 -50.19
C GLY D 385 -0.16 -9.20 -49.88
N LYS D 386 -0.57 -8.07 -49.33
CA LYS D 386 0.33 -6.99 -48.95
C LYS D 386 0.15 -6.64 -47.48
N THR D 387 1.20 -6.12 -46.87
CA THR D 387 0.93 -5.48 -45.60
C THR D 387 0.85 -3.97 -45.79
N PRO D 388 -0.07 -3.30 -45.10
CA PRO D 388 -0.19 -1.85 -45.27
C PRO D 388 0.81 -1.12 -44.38
N LYS D 389 1.08 0.12 -44.76
CA LYS D 389 1.78 1.05 -43.88
C LYS D 389 0.77 1.71 -42.96
N PHE D 390 0.99 1.61 -41.65
CA PHE D 390 0.03 2.08 -40.66
C PHE D 390 0.34 3.50 -40.22
N LYS D 391 -0.72 4.30 -40.05
CA LYS D 391 -0.64 5.58 -39.37
C LYS D 391 -1.21 5.37 -37.98
N LEU D 392 -0.33 5.35 -36.97
CA LEU D 392 -0.74 4.88 -35.66
C LEU D 392 -1.11 6.05 -34.75
N PRO D 393 -2.27 6.01 -34.10
CA PRO D 393 -2.66 7.08 -33.16
C PRO D 393 -2.05 6.87 -31.77
N ILE D 394 -0.74 7.09 -31.69
CA ILE D 394 -0.01 6.87 -30.45
C ILE D 394 1.28 7.66 -30.54
N GLN D 395 1.83 8.01 -29.37
CA GLN D 395 3.14 8.65 -29.34
CA GLN D 395 3.14 8.64 -29.31
C GLN D 395 4.23 7.63 -29.67
N LYS D 396 5.32 8.13 -30.23
CA LYS D 396 6.39 7.24 -30.69
C LYS D 396 7.00 6.45 -29.53
N GLU D 397 7.41 7.15 -28.46
CA GLU D 397 8.06 6.46 -27.34
C GLU D 397 7.09 5.50 -26.65
N THR D 398 5.82 5.89 -26.53
CA THR D 398 4.86 5.00 -25.89
C THR D 398 4.72 3.70 -26.67
N TRP D 399 4.67 3.78 -28.00
CA TRP D 399 4.61 2.58 -28.82
C TRP D 399 5.91 1.80 -28.73
N GLU D 400 7.03 2.48 -28.92
CA GLU D 400 8.33 1.81 -28.96
C GLU D 400 8.71 1.20 -27.62
N THR D 401 8.10 1.64 -26.53
CA THR D 401 8.43 1.08 -25.22
C THR D 401 7.74 -0.25 -24.96
N TRP D 402 6.58 -0.51 -25.59
CA TRP D 402 5.75 -1.63 -25.18
C TRP D 402 5.36 -2.60 -26.30
N TRP D 403 5.40 -2.21 -27.57
CA TRP D 403 4.72 -3.01 -28.58
C TRP D 403 5.26 -4.44 -28.67
N THR D 404 6.54 -4.66 -28.38
CA THR D 404 7.08 -6.01 -28.48
C THR D 404 6.54 -6.95 -27.41
N GLU D 405 5.99 -6.41 -26.32
CA GLU D 405 5.43 -7.24 -25.27
C GLU D 405 4.12 -7.92 -25.70
N TYR D 406 3.51 -7.47 -26.78
CA TYR D 406 2.23 -7.99 -27.23
C TYR D 406 2.26 -8.49 -28.66
N TRP D 407 3.43 -8.47 -29.31
CA TRP D 407 3.53 -8.90 -30.69
C TRP D 407 3.59 -10.42 -30.76
N GLN D 408 2.75 -11.00 -31.63
CA GLN D 408 2.68 -12.45 -31.76
C GLN D 408 2.72 -12.92 -33.22
N ALA D 409 3.00 -12.03 -34.17
CA ALA D 409 3.11 -12.42 -35.57
C ALA D 409 4.59 -12.49 -35.97
N THR D 410 4.88 -13.29 -36.98
CA THR D 410 6.27 -13.44 -37.42
C THR D 410 6.73 -12.34 -38.36
N TRP D 411 5.82 -11.50 -38.84
CA TRP D 411 6.17 -10.35 -39.66
C TRP D 411 5.93 -9.06 -38.88
N ILE D 412 6.49 -7.96 -39.40
CA ILE D 412 6.32 -6.65 -38.78
C ILE D 412 6.03 -5.63 -39.87
N PRO D 413 4.91 -4.93 -39.83
CA PRO D 413 4.58 -3.96 -40.87
C PRO D 413 5.28 -2.63 -40.62
N GLU D 414 5.33 -1.82 -41.68
CA GLU D 414 5.81 -0.46 -41.55
C GLU D 414 4.79 0.40 -40.81
N TRP D 415 5.28 1.38 -40.05
CA TRP D 415 4.37 2.23 -39.31
C TRP D 415 4.97 3.63 -39.12
N GLU D 416 4.07 4.60 -38.96
CA GLU D 416 4.41 5.97 -38.61
C GLU D 416 3.39 6.44 -37.59
N PHE D 417 3.70 7.56 -36.94
CA PHE D 417 2.92 8.02 -35.79
C PHE D 417 2.23 9.34 -36.10
N VAL D 418 0.95 9.42 -35.73
CA VAL D 418 0.11 10.56 -36.03
C VAL D 418 -0.62 11.00 -34.77
N ASN D 419 -1.13 12.24 -34.80
CA ASN D 419 -1.91 12.80 -33.69
C ASN D 419 -3.02 13.67 -34.28
N THR D 420 -4.17 13.04 -34.55
CA THR D 420 -5.31 13.68 -35.20
C THR D 420 -6.48 13.77 -34.24
N PRO D 421 -6.65 14.88 -33.53
CA PRO D 421 -7.86 15.08 -32.72
C PRO D 421 -9.11 14.88 -33.55
N PRO D 422 -10.10 14.16 -33.02
CA PRO D 422 -11.33 13.92 -33.78
C PRO D 422 -12.32 15.08 -33.72
N LEU D 423 -12.18 16.05 -34.61
CA LEU D 423 -13.14 17.14 -34.61
C LEU D 423 -14.51 16.68 -35.10
N VAL D 424 -14.53 15.73 -36.05
CA VAL D 424 -15.75 15.09 -36.52
C VAL D 424 -15.55 13.58 -36.39
N LYS D 425 -16.36 12.95 -35.54
CA LYS D 425 -16.36 11.49 -35.42
C LYS D 425 -17.07 10.90 -36.63
N LEU D 426 -16.32 10.66 -37.70
CA LEU D 426 -16.92 10.24 -38.95
C LEU D 426 -17.20 8.73 -38.95
N TRP D 427 -16.30 7.94 -38.37
CA TRP D 427 -16.44 6.49 -38.34
C TRP D 427 -17.09 6.01 -37.06
N TYR D 428 -17.40 6.92 -36.14
CA TYR D 428 -18.16 6.63 -34.92
C TYR D 428 -17.75 5.33 -34.25
N1 OMC E 7 35.08 5.28 -28.49
C2 OMC E 7 35.23 5.31 -27.02
N3 OMC E 7 35.53 6.60 -26.33
C4 OMC E 7 35.66 7.84 -27.11
C5 OMC E 7 35.50 7.82 -28.56
C6 OMC E 7 35.20 6.52 -29.26
O2 OMC E 7 35.13 4.32 -26.39
N4 OMC E 7 35.94 9.07 -26.43
C1' OMC E 7 34.77 4.01 -29.17
C2' OMC E 7 33.28 3.80 -29.37
O2' OMC E 7 33.01 2.41 -29.40
CM2 OMC E 7 33.31 1.73 -28.18
C3' OMC E 7 33.08 4.40 -30.75
C4' OMC E 7 34.34 3.96 -31.48
O4' OMC E 7 35.37 4.05 -30.47
O3' OMC E 7 31.89 3.97 -31.40
C5' OMC E 7 34.72 4.77 -32.69
O5' OMC E 7 34.67 6.17 -32.43
P OMC E 7 35.28 7.20 -33.47
OP1 OMC E 7 34.68 6.91 -34.86
OP2 OMC E 7 35.20 8.57 -32.90
N1 OMC E 9 27.16 6.94 -23.27
C2 OMC E 9 27.60 8.07 -22.41
N3 OMC E 9 28.41 9.16 -22.99
C4 OMC E 9 28.78 9.15 -24.41
C5 OMC E 9 28.36 8.04 -25.26
C6 OMC E 9 27.55 6.92 -24.69
O2 OMC E 9 27.31 8.09 -21.27
N4 OMC E 9 29.56 10.21 -24.95
C1' OMC E 9 26.37 5.83 -22.70
C2' OMC E 9 24.92 6.25 -22.41
O2' OMC E 9 24.45 5.48 -21.32
CM2 OMC E 9 25.07 5.80 -20.07
C3' OMC E 9 24.22 5.83 -23.69
C4' OMC E 9 24.94 4.53 -24.03
O4' OMC E 9 26.31 4.79 -23.66
O3' OMC E 9 22.82 5.66 -23.54
C5' OMC E 9 24.87 4.09 -25.47
O5' OMC E 9 25.47 5.04 -26.34
P OMC E 9 25.84 4.65 -27.83
OP1 OMC E 9 24.62 3.93 -28.45
OP2 OMC E 9 26.37 5.88 -28.49
N1 OMC F 7 3.34 -13.45 44.52
C2 OMC F 7 2.36 -14.05 45.46
N3 OMC F 7 2.15 -13.43 46.81
C4 OMC F 7 2.91 -12.24 47.18
C5 OMC F 7 3.86 -11.64 46.25
C6 OMC F 7 4.07 -12.25 44.90
O2 OMC F 7 1.76 -15.01 45.15
N4 OMC F 7 2.69 -11.65 48.48
C1' OMC F 7 3.52 -14.07 43.20
C2' OMC F 7 2.54 -13.50 42.18
O2' OMC F 7 2.26 -14.49 41.20
CM2 OMC F 7 1.47 -15.57 41.70
C3' OMC F 7 3.37 -12.38 41.57
C4' OMC F 7 4.76 -13.01 41.51
O4' OMC F 7 4.83 -13.78 42.73
O3' OMC F 7 2.89 -11.91 40.33
C5' OMC F 7 5.92 -12.06 41.42
O5' OMC F 7 5.81 -11.01 42.35
P OMC F 7 7.03 -10.02 42.60
OP1 OMC F 7 7.49 -9.47 41.22
OP2 OMC F 7 6.65 -9.08 43.69
N1 OMC F 9 -6.01 -10.43 44.53
C2 OMC F 9 -6.14 -10.22 45.99
N3 OMC F 9 -5.05 -9.54 46.74
C4 OMC F 9 -3.86 -9.07 46.05
C5 OMC F 9 -3.72 -9.27 44.60
C6 OMC F 9 -4.81 -9.97 43.83
O2 OMC F 9 -7.11 -10.61 46.55
N4 OMC F 9 -2.82 -8.41 46.78
C1' OMC F 9 -7.09 -11.12 43.79
C2' OMC F 9 -8.21 -10.18 43.38
O2' OMC F 9 -9.44 -10.89 43.44
CM2 OMC F 9 -9.77 -11.36 44.73
C3' OMC F 9 -7.84 -9.88 41.93
C4' OMC F 9 -7.24 -11.19 41.45
O4' OMC F 9 -6.54 -11.69 42.62
O3' OMC F 9 -8.95 -9.47 41.15
C5' OMC F 9 -6.29 -11.09 40.30
O5' OMC F 9 -5.21 -10.22 40.59
P OMC F 9 -3.94 -10.13 39.63
OP1 OMC F 9 -4.43 -10.00 38.17
OP2 OMC F 9 -3.03 -9.09 40.20
C1 GLC G . -6.59 -4.44 23.50
C2 GLC G . -5.49 -4.82 22.51
C3 GLC G . -4.67 -3.58 22.16
C4 GLC G . -5.61 -2.50 21.64
C5 GLC G . -6.70 -2.23 22.65
C6 GLC G . -7.68 -1.20 22.10
O2 GLC G . -4.66 -5.82 23.09
O3 GLC G . -3.71 -3.90 21.17
O4 GLC G . -4.88 -1.33 21.39
O5 GLC G . -7.39 -3.42 22.96
O6 GLC G . -7.85 -1.42 20.71
C1 FRU G . -6.70 -5.55 26.42
C2 FRU G . -6.84 -4.15 25.83
C3 FRU G . -6.47 -3.08 26.86
C4 FRU G . -7.44 -1.96 26.59
C5 FRU G . -8.65 -2.67 26.00
C6 FRU G . -9.36 -1.85 24.92
O1 FRU G . -7.56 -6.44 25.75
O2 FRU G . -5.99 -3.99 24.71
O3 FRU G . -5.14 -2.66 26.68
O4 FRU G . -7.78 -1.30 27.79
O5 FRU G . -8.18 -3.90 25.46
O6 FRU G . -10.75 -2.03 25.02
C1 GLC H . 12.16 0.33 -38.00
C2 GLC H . 12.71 -0.40 -39.22
C3 GLC H . 12.70 0.58 -40.40
C4 GLC H . 11.31 1.19 -40.57
C5 GLC H . 10.77 1.72 -39.24
C6 GLC H . 9.34 2.24 -39.36
O2 GLC H . 14.01 -0.86 -38.98
O3 GLC H . 13.06 -0.09 -41.59
O4 GLC H . 11.40 2.25 -41.49
O5 GLC H . 10.84 0.71 -38.25
O6 GLC H . 8.54 1.37 -40.13
C1 FRU H . 14.24 0.79 -35.89
C2 FRU H . 13.19 1.75 -36.43
C3 FRU H . 13.66 3.20 -36.32
C4 FRU H . 12.45 3.97 -35.84
C5 FRU H . 11.50 2.92 -35.29
C6 FRU H . 10.07 3.15 -35.80
O1 FRU H . 14.11 0.63 -34.50
O2 FRU H . 12.95 1.48 -37.79
O3 FRU H . 14.06 3.67 -37.58
O4 FRU H . 12.82 4.88 -34.83
O5 FRU H . 11.98 1.64 -35.69
O6 FRU H . 9.15 2.94 -34.76
S SO4 I . -28.20 9.93 48.82
O1 SO4 I . -26.93 9.87 48.12
O2 SO4 I . -28.24 8.92 49.86
O3 SO4 I . -29.29 9.70 47.88
O4 SO4 I . -28.35 11.25 49.43
C1 GOL J . -30.36 20.26 24.58
O1 GOL J . -30.76 20.95 23.43
C2 GOL J . -31.66 19.84 25.33
O2 GOL J . -31.76 18.46 25.43
C3 GOL J . -31.57 20.56 26.72
O3 GOL J . -32.89 20.70 27.19
O1 PG4 K . -10.00 -10.25 48.95
C1 PG4 K . -10.99 -9.31 49.26
C2 PG4 K . -12.21 -9.54 48.37
O2 PG4 K . -13.26 -10.05 49.16
C3 PG4 K . -14.51 -10.00 48.54
C4 PG4 K . -14.57 -11.03 47.42
O3 PG4 K . -15.81 -10.94 46.76
C5 PG4 K . -16.68 -9.99 47.32
C6 PG4 K . -17.07 -8.94 46.27
O4 PG4 K . -15.92 -8.30 45.79
C7 PG4 K . -15.77 -6.97 46.21
C8 PG4 K . -16.12 -6.83 47.68
O5 PG4 K . -17.50 -6.59 47.81
N NH4 L . -16.60 36.31 26.47
HN1 NH4 L . -16.91 36.03 25.58
HN2 NH4 L . -15.77 35.84 26.70
HN3 NH4 L . -16.44 37.27 26.48
HN4 NH4 L . -17.28 36.09 27.13
CA CA M . 3.24 -26.31 52.79
OAC 1RY N . 3.86 -27.61 55.20
PAZ 1RY N . 4.97 -26.58 54.93
OAF 1RY N . 5.59 -26.02 56.17
OAG 1RY N . 5.98 -27.23 53.98
OAQ 1RY N . 4.29 -25.43 54.06
PBB 1RY N . 4.46 -23.85 53.94
OAI 1RY N . 3.32 -23.36 53.04
OAE 1RY N . 4.54 -23.19 55.26
OAR 1RY N . 5.80 -23.70 53.11
PBA 1RY N . 6.59 -24.65 52.11
OAH 1RY N . 7.66 -24.90 53.09
OAD 1RY N . 5.48 -25.73 51.96
OAO 1RY N . 6.19 -23.12 51.56
CAL 1RY N . 5.08 -22.80 50.70
CAW 1RY N . 5.33 -21.73 49.65
OAP 1RY N . 6.14 -20.68 50.21
SAS 1RY N . 3.82 -20.95 49.03
CAM 1RY N . 4.85 -19.56 48.50
CAX 1RY N . 5.95 -19.44 49.55
NAY 1RY N . 5.64 -18.42 50.58
CAK 1RY N . 4.60 -18.59 51.46
CAU 1RY N . 4.39 -17.67 52.39
FAJ 1RY N . 3.36 -17.78 53.26
CAV 1RY N . 6.46 -17.29 50.64
OAB 1RY N . 7.37 -17.17 49.82
NAN 1RY N . 6.22 -16.36 51.61
CAT 1RY N . 5.22 -16.52 52.49
NAA 1RY N . 5.02 -15.60 53.43
C1 GOL O . -5.27 13.34 1.93
O1 GOL O . -5.06 12.78 3.19
C2 GOL O . -6.05 14.68 2.11
O2 GOL O . -7.43 14.50 2.24
C3 GOL O . -5.42 15.33 3.36
O3 GOL O . -4.04 15.10 3.26
C1 GOL P . -11.42 -6.35 27.35
O1 GOL P . -11.83 -6.24 26.03
C2 GOL P . -12.10 -7.61 27.94
O2 GOL P . -12.90 -7.31 29.03
C3 GOL P . -12.91 -8.24 26.78
O3 GOL P . -14.26 -8.11 27.11
C1 GOL Q . -9.23 -14.84 36.23
O1 GOL Q . -9.98 -14.56 37.37
C2 GOL Q . -10.21 -14.94 35.02
O2 GOL Q . -10.97 -16.11 35.06
C3 GOL Q . -9.32 -14.86 33.76
O3 GOL Q . -9.06 -13.51 33.53
C1 GOL R . -23.18 5.14 31.47
O1 GOL R . -23.69 4.53 32.62
C2 GOL R . -22.46 4.07 30.59
O2 GOL R . -23.03 2.80 30.67
C3 GOL R . -22.49 4.63 29.15
O3 GOL R . -21.59 3.89 28.38
C1 GOL S . -23.72 -14.52 18.17
O1 GOL S . -23.28 -15.29 17.08
C2 GOL S . -22.62 -14.59 19.28
O2 GOL S . -22.73 -15.74 20.05
C3 GOL S . -21.25 -14.50 18.52
O3 GOL S . -20.22 -14.59 19.45
S SO4 T . -34.80 5.86 8.21
O1 SO4 T . -34.28 4.57 7.74
O2 SO4 T . -33.69 6.78 8.41
O3 SO4 T . -35.72 6.41 7.23
O4 SO4 T . -35.51 5.65 9.48
C1 GOL U . -15.14 14.56 11.11
O1 GOL U . -16.12 15.53 10.87
C2 GOL U . -13.95 15.26 11.85
O2 GOL U . -12.73 14.69 11.52
C3 GOL U . -14.27 15.13 13.37
O3 GOL U . -13.06 15.26 14.06
S SO4 V . 4.36 23.97 -12.25
O1 SO4 V . 4.39 22.63 -12.83
O2 SO4 V . 5.30 24.83 -12.96
O3 SO4 V . 3.01 24.53 -12.37
O4 SO4 V . 4.72 23.91 -10.85
N NH4 W . -11.69 34.18 -43.20
HN1 NH4 W . -10.92 34.62 -43.62
HN2 NH4 W . -11.54 33.21 -43.20
HN3 NH4 W . -11.80 34.50 -42.28
HN4 NH4 W . -12.50 34.38 -43.71
CA CA X . 45.12 -0.27 -19.21
OAC 1RY Y . 48.38 -0.02 -19.70
PAZ 1RY Y . 48.71 1.02 -18.63
OAF 1RY Y . 48.50 0.37 -17.25
OAG 1RY Y . 50.07 1.65 -18.77
OAQ 1RY Y . 47.58 2.13 -18.78
PBB 1RY Y . 46.60 2.72 -19.90
OAI 1RY Y . 45.20 2.22 -19.56
OAE 1RY Y . 46.75 4.18 -20.01
OAR 1RY Y . 47.05 1.99 -21.25
PBA 1RY Y . 46.59 0.76 -22.14
OAH 1RY Y . 47.96 0.72 -22.74
OAD 1RY Y . 46.26 -0.23 -20.98
OAO 1RY Y . 45.55 2.03 -22.23
CAL 1RY Y . 44.11 1.85 -22.19
CAW 1RY Y . 43.35 1.73 -23.49
OAP 1RY Y . 43.69 2.79 -24.38
SAS 1RY Y . 41.55 1.81 -23.24
CAM 1RY Y . 41.39 2.41 -24.95
CAX 1RY Y . 42.62 3.30 -25.15
NAY 1RY Y . 42.38 4.69 -24.75
CAK 1RY Y . 42.36 5.06 -23.42
CAU 1RY Y . 42.26 6.34 -23.09
FAJ 1RY Y . 42.22 6.73 -21.80
CAV 1RY Y . 42.27 5.66 -25.75
OAB 1RY Y . 42.28 5.29 -26.93
NAN 1RY Y . 42.18 6.98 -25.40
CAT 1RY Y . 42.17 7.34 -24.10
NAA 1RY Y . 42.08 8.63 -23.78
C1 GOL Z . 1.34 8.71 -24.10
O1 GOL Z . 1.13 8.37 -25.44
C2 GOL Z . 1.60 10.26 -24.04
O2 GOL Z . 0.62 10.92 -23.30
C3 GOL Z . 3.01 10.42 -23.37
O3 GOL Z . 3.53 11.67 -23.77
C1 GOL AA . -9.00 8.02 -46.57
O1 GOL AA . -8.43 9.28 -46.36
C2 GOL AA . -9.90 7.71 -45.34
O2 GOL AA . -11.09 8.44 -45.37
C3 GOL AA . -9.04 8.04 -44.09
O3 GOL AA . -9.71 7.54 -42.98
C1 GOL BA . 22.07 -1.18 -24.39
O1 GOL BA . 22.52 -1.22 -23.08
C2 GOL BA . 21.67 -2.61 -24.77
O2 GOL BA . 21.17 -3.33 -23.69
C3 GOL BA . 20.63 -2.45 -25.91
O3 GOL BA . 20.59 -1.09 -26.23
C1 GOL CA . 11.35 -0.20 -31.24
O1 GOL CA . 12.24 0.55 -32.02
C2 GOL CA . 12.13 -0.65 -29.98
O2 GOL CA . 12.58 0.42 -29.23
C3 GOL CA . 11.13 -1.55 -29.20
O3 GOL CA . 11.77 -1.95 -28.02
C1 GOL DA . 23.62 11.54 -16.43
O1 GOL DA . 22.26 11.52 -16.69
C2 GOL DA . 24.16 10.12 -16.70
O2 GOL DA . 25.50 10.13 -17.09
C3 GOL DA . 23.95 9.36 -15.37
O3 GOL DA . 24.38 8.04 -15.58
#